data_4F9O
#
_entry.id   4F9O
#
_cell.length_a   82.980
_cell.length_b   122.090
_cell.length_c   120.350
_cell.angle_alpha   90.000
_cell.angle_beta   92.970
_cell.angle_gamma   90.000
#
_symmetry.space_group_name_H-M   'P 1 21 1'
#
loop_
_entity.id
_entity.type
_entity.pdbx_description
1 polymer Hexokinase-1
2 non-polymer beta-D-glucopyranose
3 non-polymer 2-deoxy-6-O-phosphono-beta-D-glucopyranose
4 non-polymer 'SODIUM ION'
5 non-polymer 'CITRIC ACID'
6 water water
#
_entity_poly.entity_id   1
_entity_poly.type   'polypeptide(L)'
_entity_poly.pdbx_seq_one_letter_code
;MIAAQLLAYYFTELKDDQVKKIDKYLYAMRLSDETLIDIMTRFRKEMKNGLSRDFNPTATVKMLPTFVRSIPDGSEKGDF
IALDLGGSSFRILRVQVNHEKNQNVHMESEVYDTPENIVHGSGSQLFDHVAECLGDFMEKRKIKDKKLPVGFTFSFPCQQ
SKIDEAILITWTKRFKASGVEGADVVKLLNKAIKKRGDYDANIVAVVNDTVGTMMTCGYDDQHCEVGLIIGTGTNACYME
ELRHIDLVEGDEGRMCINTEWGAFGDDGSLEDIRTEFDREIDRGSLNPGKQLFEKMVSGMYLGELVRLILVKMAKEGLLF
EGRITPELLTRGKFNTSDVSAIEKNKEGLHNAKEILTRLGVEPSDDDCVSVQHVCTIVSFRSANLVAATLGAILNRLRDN
KGTPRLRTTVGVDGSLYKTHPQYSRRFHKTLRRLVPDSDVRFLLSESGSGKGAAMVTAVAYRLAEQHRQIEETLAHFHLT
KDMLLEVKKRMRAEMELGLRKQTHNNAVVKMLPSFVRRTPDGTENGDFLALDLGGTNFRVLLVKIRSGKKRTVEMHNKIY
AIPIEIMQGTGEELFDHIVSCISDFLDYMGIKGPRMPLGFTFSFPCQQTSLDAGILITWTKGFKATDCVGHDVVTLLRDA
IKRREEFDLDVVAVVNDTVGTMMTCAYEEPTCEVGLIVGTGSNACYMEEMKNVEMVEGDQGQMCINMEWGAFGDNGCLDD
IRTHYDRLVDEYSLNAGKQRYEKMISGMYLGEIVRNILIDFTKKGFLFRGQISETLKTRGIFETKFLSQIESDRLALLQV
RAILQQLGLNSTCDDSILVKTVCGVVSRRAAQLCGAGMAAVVDKIRENRGLDRLNVTVGVDGTLYKLHPHFSRIMHQTVK
ELSPKCNVSFLLSEDGSGKGAALITAVGVRLRTE
;
_entity_poly.pdbx_strand_id   A,B
#
# COMPACT_ATOMS: atom_id res chain seq x y z
N ASP A 16 -14.53 -5.69 65.77
CA ASP A 16 -14.86 -5.08 64.45
C ASP A 16 -13.70 -4.26 63.92
N ASP A 17 -12.75 -3.94 64.80
CA ASP A 17 -11.59 -3.14 64.41
C ASP A 17 -10.65 -3.94 63.51
N GLN A 18 -10.60 -5.24 63.76
CA GLN A 18 -9.78 -6.14 62.97
C GLN A 18 -10.18 -6.13 61.50
N VAL A 19 -11.34 -5.56 61.22
CA VAL A 19 -11.85 -5.48 59.85
C VAL A 19 -11.76 -4.06 59.30
N LYS A 20 -12.20 -3.09 60.09
CA LYS A 20 -12.13 -1.69 59.69
C LYS A 20 -10.68 -1.26 59.51
N LYS A 21 -9.76 -2.12 59.94
CA LYS A 21 -8.33 -1.87 59.79
C LYS A 21 -7.82 -2.37 58.44
N ILE A 22 -8.21 -3.59 58.09
CA ILE A 22 -7.84 -4.16 56.80
C ILE A 22 -8.37 -3.25 55.70
N ASP A 23 -9.57 -2.72 55.91
CA ASP A 23 -10.21 -1.81 54.96
C ASP A 23 -9.35 -0.59 54.64
N LYS A 24 -8.39 -0.30 55.51
CA LYS A 24 -7.53 0.85 55.33
C LYS A 24 -6.15 0.41 54.83
N TYR A 25 -5.73 -0.77 55.24
CA TYR A 25 -4.46 -1.35 54.79
C TYR A 25 -4.53 -1.60 53.28
N LEU A 26 -5.47 -2.43 52.87
CA LEU A 26 -5.69 -2.70 51.46
C LEU A 26 -6.56 -1.61 50.87
N TYR A 27 -6.36 -0.40 51.38
CA TYR A 27 -7.10 0.80 50.97
C TYR A 27 -7.07 1.05 49.47
N ALA A 28 -5.90 0.88 48.86
CA ALA A 28 -5.72 1.15 47.44
C ALA A 28 -6.49 0.16 46.56
N MET A 29 -6.99 -0.92 47.14
CA MET A 29 -7.71 -1.93 46.39
C MET A 29 -9.22 -1.82 46.58
N ARG A 30 -9.66 -0.63 46.98
CA ARG A 30 -11.08 -0.34 47.13
C ARG A 30 -11.42 0.88 46.29
N LEU A 31 -11.97 0.63 45.10
CA LEU A 31 -12.27 1.69 44.16
C LEU A 31 -13.66 2.28 44.38
N SER A 32 -13.75 3.60 44.41
CA SER A 32 -15.03 4.28 44.59
C SER A 32 -15.76 4.37 43.25
N ASP A 33 -17.07 4.56 43.30
CA ASP A 33 -17.84 4.76 42.07
C ASP A 33 -17.26 5.93 41.29
N GLU A 34 -16.79 6.93 42.02
CA GLU A 34 -16.12 8.08 41.41
C GLU A 34 -14.95 7.59 40.57
N THR A 35 -14.26 6.57 41.07
CA THR A 35 -13.11 5.98 40.40
C THR A 35 -13.53 5.12 39.22
N LEU A 36 -14.41 4.17 39.47
CA LEU A 36 -14.89 3.26 38.42
C LEU A 36 -15.44 4.03 37.22
N ILE A 37 -15.94 5.23 37.48
CA ILE A 37 -16.46 6.08 36.41
C ILE A 37 -15.35 6.59 35.51
N ASP A 38 -14.22 6.97 36.12
CA ASP A 38 -13.07 7.44 35.35
C ASP A 38 -12.48 6.32 34.51
N ILE A 39 -12.42 5.12 35.10
CA ILE A 39 -11.95 3.95 34.38
C ILE A 39 -12.80 3.75 33.13
N MET A 40 -14.11 3.64 33.33
CA MET A 40 -15.06 3.43 32.25
C MET A 40 -14.91 4.47 31.15
N THR A 41 -14.76 5.73 31.53
CA THR A 41 -14.58 6.80 30.56
C THR A 41 -13.33 6.52 29.73
N ARG A 42 -12.26 6.12 30.40
CA ARG A 42 -10.98 5.86 29.75
C ARG A 42 -11.04 4.64 28.83
N PHE A 43 -11.79 3.62 29.21
CA PHE A 43 -11.94 2.46 28.34
C PHE A 43 -12.77 2.82 27.13
N ARG A 44 -13.69 3.77 27.31
CA ARG A 44 -14.50 4.25 26.21
C ARG A 44 -13.61 4.85 25.13
N LYS A 45 -12.53 5.49 25.56
CA LYS A 45 -11.58 6.06 24.63
C LYS A 45 -10.73 4.98 23.97
N GLU A 46 -10.17 4.09 24.79
CA GLU A 46 -9.34 3.00 24.29
C GLU A 46 -10.04 2.27 23.16
N MET A 47 -11.37 2.23 23.21
CA MET A 47 -12.15 1.58 22.16
C MET A 47 -12.06 2.35 20.85
N LYS A 48 -12.22 3.67 20.94
CA LYS A 48 -12.17 4.53 19.77
C LYS A 48 -10.80 4.47 19.10
N ASN A 49 -9.74 4.41 19.90
CA ASN A 49 -8.38 4.31 19.38
C ASN A 49 -8.11 2.96 18.73
N GLY A 50 -8.71 1.91 19.30
CA GLY A 50 -8.54 0.57 18.78
C GLY A 50 -9.24 0.39 17.44
N LEU A 51 -10.27 1.19 17.21
CA LEU A 51 -11.06 1.09 15.98
C LEU A 51 -10.56 1.98 14.85
N SER A 52 -10.06 3.17 15.18
CA SER A 52 -9.56 4.08 14.17
C SER A 52 -8.29 3.52 13.52
N ARG A 53 -8.22 3.62 12.19
CA ARG A 53 -7.10 3.08 11.44
C ARG A 53 -5.81 3.84 11.71
N ASP A 54 -5.93 5.07 12.18
CA ASP A 54 -4.78 5.92 12.44
C ASP A 54 -4.07 5.55 13.75
N PHE A 55 -4.85 5.33 14.80
CA PHE A 55 -4.29 5.05 16.12
C PHE A 55 -4.30 3.57 16.52
N ASN A 56 -4.98 2.72 15.75
CA ASN A 56 -5.07 1.31 16.10
C ASN A 56 -3.73 0.65 16.37
N PRO A 57 -2.72 0.94 15.54
CA PRO A 57 -1.42 0.30 15.72
C PRO A 57 -0.73 0.68 17.04
N THR A 58 -1.21 1.75 17.69
CA THR A 58 -0.65 2.21 18.96
C THR A 58 -1.47 1.74 20.15
N ALA A 59 -2.77 1.56 19.94
CA ALA A 59 -3.71 1.21 21.00
C ALA A 59 -3.39 -0.14 21.64
N THR A 60 -3.69 -0.25 22.93
CA THR A 60 -3.49 -1.48 23.69
C THR A 60 -4.72 -2.38 23.61
N VAL A 61 -5.88 -1.77 23.39
CA VAL A 61 -7.12 -2.49 23.19
C VAL A 61 -7.32 -2.69 21.69
N LYS A 62 -7.06 -3.90 21.22
CA LYS A 62 -6.99 -4.17 19.78
C LYS A 62 -8.32 -4.13 19.01
N MET A 63 -9.45 -4.22 19.71
CA MET A 63 -10.75 -4.21 19.04
C MET A 63 -10.72 -5.00 17.74
N LEU A 64 -10.16 -6.21 17.80
CA LEU A 64 -10.01 -7.08 16.63
C LEU A 64 -11.35 -7.44 15.97
N PRO A 65 -11.36 -7.47 14.62
CA PRO A 65 -12.54 -7.86 13.86
C PRO A 65 -12.65 -9.38 13.83
N THR A 66 -13.85 -9.90 13.98
CA THR A 66 -14.04 -11.35 14.10
C THR A 66 -14.66 -11.99 12.87
N PHE A 67 -15.26 -11.18 12.01
CA PHE A 67 -15.88 -11.69 10.78
C PHE A 67 -17.09 -12.56 11.07
N VAL A 68 -17.83 -12.18 12.11
CA VAL A 68 -19.09 -12.81 12.45
C VAL A 68 -20.13 -11.69 12.38
N ARG A 69 -21.11 -11.85 11.51
CA ARG A 69 -22.03 -10.74 11.19
C ARG A 69 -23.26 -10.61 12.10
N SER A 70 -23.62 -11.68 12.80
CA SER A 70 -24.78 -11.62 13.70
C SER A 70 -25.04 -12.95 14.42
N ILE A 71 -25.79 -12.88 15.51
CA ILE A 71 -26.11 -14.06 16.30
C ILE A 71 -26.95 -15.06 15.50
N PRO A 72 -26.94 -16.33 15.92
CA PRO A 72 -27.71 -17.34 15.19
C PRO A 72 -29.18 -16.98 15.06
N ASP A 73 -29.77 -17.29 13.90
CA ASP A 73 -31.17 -16.99 13.66
C ASP A 73 -32.04 -18.24 13.73
N GLY A 74 -31.42 -19.40 13.49
CA GLY A 74 -32.13 -20.67 13.53
C GLY A 74 -31.97 -21.45 12.25
N SER A 75 -31.66 -20.75 11.16
CA SER A 75 -31.47 -21.39 9.87
C SER A 75 -30.20 -22.23 9.85
N GLU A 76 -29.43 -22.19 10.93
CA GLU A 76 -28.24 -23.01 11.02
C GLU A 76 -28.64 -24.47 10.98
N LYS A 77 -27.86 -25.28 10.28
CA LYS A 77 -28.14 -26.70 10.21
C LYS A 77 -26.94 -27.50 9.71
N GLY A 78 -26.81 -28.72 10.21
CA GLY A 78 -25.72 -29.59 9.81
C GLY A 78 -25.11 -30.27 11.01
N ASP A 79 -23.96 -30.91 10.79
CA ASP A 79 -23.23 -31.58 11.85
C ASP A 79 -21.77 -31.13 11.81
N PHE A 80 -21.24 -30.67 12.93
CA PHE A 80 -19.85 -30.18 12.98
C PHE A 80 -19.13 -30.55 14.27
N ILE A 81 -17.81 -30.39 14.26
CA ILE A 81 -16.99 -30.60 15.43
C ILE A 81 -16.40 -29.26 15.89
N ALA A 82 -16.44 -29.01 17.19
CA ALA A 82 -15.89 -27.78 17.75
C ALA A 82 -14.71 -28.10 18.66
N LEU A 83 -13.67 -27.27 18.59
CA LEU A 83 -12.51 -27.42 19.46
C LEU A 83 -12.47 -26.23 20.41
N ASP A 84 -11.89 -26.44 21.59
CA ASP A 84 -11.79 -25.38 22.57
C ASP A 84 -10.48 -25.49 23.33
N LEU A 85 -9.60 -24.53 23.10
CA LEU A 85 -8.31 -24.52 23.75
C LEU A 85 -8.07 -23.12 24.32
N GLY A 86 -7.34 -23.05 25.43
CA GLY A 86 -7.04 -21.76 26.03
C GLY A 86 -7.77 -21.52 27.33
N GLY A 87 -8.87 -22.23 27.55
CA GLY A 87 -9.61 -22.14 28.79
C GLY A 87 -9.12 -23.15 29.82
N SER A 88 -9.84 -23.29 30.92
CA SER A 88 -9.45 -24.23 31.96
C SER A 88 -9.09 -25.59 31.37
N SER A 89 -9.93 -26.10 30.47
CA SER A 89 -9.72 -27.43 29.91
C SER A 89 -9.81 -27.46 28.39
N PHE A 90 -9.06 -28.38 27.78
CA PHE A 90 -9.05 -28.57 26.34
C PHE A 90 -10.18 -29.52 25.92
N ARG A 91 -11.29 -28.94 25.48
CA ARG A 91 -12.49 -29.70 25.15
C ARG A 91 -12.69 -29.88 23.65
N ILE A 92 -13.33 -30.98 23.29
CA ILE A 92 -13.72 -31.25 21.91
C ILE A 92 -15.19 -31.68 21.91
N LEU A 93 -16.02 -30.94 21.19
CA LEU A 93 -17.45 -31.23 21.19
C LEU A 93 -17.93 -31.79 19.85
N ARG A 94 -19.25 -31.78 19.70
CA ARG A 94 -19.91 -32.18 18.45
C ARG A 94 -21.34 -31.67 18.50
N VAL A 95 -21.63 -30.67 17.66
CA VAL A 95 -22.95 -30.08 17.62
C VAL A 95 -23.67 -30.50 16.35
N GLN A 96 -24.80 -31.18 16.51
CA GLN A 96 -25.56 -31.66 15.38
C GLN A 96 -26.95 -31.08 15.50
N VAL A 97 -27.45 -30.50 14.41
CA VAL A 97 -28.80 -29.98 14.47
C VAL A 97 -29.45 -29.80 13.12
N ASN A 98 -30.62 -30.39 12.96
CA ASN A 98 -31.45 -30.00 11.85
C ASN A 98 -32.84 -29.63 12.31
N HIS A 99 -33.22 -28.39 12.05
CA HIS A 99 -34.58 -27.96 12.26
C HIS A 99 -35.48 -28.58 11.19
N GLU A 100 -34.93 -28.72 10.00
CA GLU A 100 -35.70 -29.19 8.86
C GLU A 100 -36.38 -30.50 9.17
N LYS A 101 -35.57 -31.44 9.68
CA LYS A 101 -36.07 -32.73 10.09
C LYS A 101 -36.54 -32.58 11.52
N ASN A 102 -36.60 -31.33 11.97
CA ASN A 102 -37.05 -31.05 13.31
C ASN A 102 -36.18 -31.77 14.34
N GLN A 103 -34.89 -31.50 14.29
CA GLN A 103 -33.93 -32.12 15.21
C GLN A 103 -33.30 -31.06 16.12
N ASN A 104 -33.89 -30.87 17.28
CA ASN A 104 -33.39 -29.91 18.25
C ASN A 104 -31.87 -29.95 18.36
N VAL A 105 -31.28 -28.84 18.78
CA VAL A 105 -29.83 -28.77 18.97
C VAL A 105 -29.37 -29.90 19.87
N HIS A 106 -28.41 -30.70 19.38
CA HIS A 106 -27.86 -31.80 20.15
C HIS A 106 -26.34 -31.67 20.19
N MET A 107 -25.71 -32.18 21.25
CA MET A 107 -24.25 -32.07 21.38
C MET A 107 -23.61 -32.98 22.42
N GLU A 108 -22.49 -33.61 22.04
CA GLU A 108 -21.71 -34.45 22.92
C GLU A 108 -20.31 -33.85 23.04
N SER A 109 -19.72 -33.90 24.24
CA SER A 109 -18.41 -33.32 24.44
C SER A 109 -17.44 -34.23 25.20
N GLU A 110 -16.20 -33.75 25.37
CA GLU A 110 -15.17 -34.50 26.07
C GLU A 110 -13.97 -33.60 26.39
N VAL A 111 -13.19 -34.01 27.39
CA VAL A 111 -12.00 -33.26 27.82
C VAL A 111 -10.74 -34.10 27.71
N TYR A 112 -9.66 -33.49 27.23
CA TYR A 112 -8.39 -34.20 27.12
C TYR A 112 -7.34 -33.56 28.02
N ASP A 113 -6.58 -34.39 28.72
CA ASP A 113 -5.54 -33.89 29.61
C ASP A 113 -4.41 -33.27 28.81
N THR A 114 -4.00 -32.07 29.19
CA THR A 114 -2.90 -31.40 28.52
C THR A 114 -1.91 -30.89 29.57
N PRO A 115 -0.86 -31.70 29.83
CA PRO A 115 0.17 -31.42 30.83
C PRO A 115 0.89 -30.08 30.61
N GLU A 116 1.31 -29.47 31.71
CA GLU A 116 1.98 -28.18 31.65
C GLU A 116 3.17 -28.19 30.70
N ASN A 117 3.79 -29.35 30.54
CA ASN A 117 4.94 -29.47 29.65
C ASN A 117 4.56 -29.25 28.18
N ILE A 118 3.29 -29.52 27.86
CA ILE A 118 2.79 -29.34 26.50
C ILE A 118 2.43 -27.87 26.25
N VAL A 119 1.71 -27.28 27.20
CA VAL A 119 1.31 -25.89 27.11
C VAL A 119 2.53 -24.98 27.12
N HIS A 120 3.69 -25.55 27.39
CA HIS A 120 4.91 -24.77 27.48
C HIS A 120 6.01 -25.24 26.54
N GLY A 121 5.72 -26.27 25.74
CA GLY A 121 6.69 -26.79 24.80
C GLY A 121 6.68 -26.07 23.47
N SER A 122 7.07 -26.77 22.42
CA SER A 122 7.05 -26.20 21.07
C SER A 122 5.67 -26.35 20.47
N GLY A 123 5.34 -25.48 19.52
CA GLY A 123 4.07 -25.57 18.83
C GLY A 123 3.87 -26.99 18.31
N SER A 124 4.96 -27.57 17.81
CA SER A 124 4.93 -28.95 17.31
C SER A 124 4.26 -29.85 18.33
N GLN A 125 4.79 -29.85 19.55
CA GLN A 125 4.24 -30.65 20.62
C GLN A 125 2.76 -30.31 20.84
N LEU A 126 2.48 -29.03 21.08
CA LEU A 126 1.12 -28.58 21.35
C LEU A 126 0.13 -28.94 20.25
N PHE A 127 0.47 -28.62 19.00
CA PHE A 127 -0.45 -28.87 17.90
C PHE A 127 -0.47 -30.32 17.42
N ASP A 128 0.62 -31.03 17.65
CA ASP A 128 0.62 -32.47 17.38
C ASP A 128 -0.27 -33.16 18.40
N HIS A 129 -0.33 -32.55 19.58
CA HIS A 129 -1.16 -33.04 20.67
C HIS A 129 -2.63 -32.85 20.32
N VAL A 130 -2.99 -31.62 19.96
CA VAL A 130 -4.36 -31.30 19.59
C VAL A 130 -4.81 -32.16 18.42
N ALA A 131 -3.90 -32.38 17.49
CA ALA A 131 -4.20 -33.21 16.31
C ALA A 131 -4.44 -34.65 16.70
N GLU A 132 -3.70 -35.13 17.69
CA GLU A 132 -3.83 -36.50 18.16
C GLU A 132 -5.14 -36.71 18.93
N CYS A 133 -5.58 -35.67 19.64
CA CYS A 133 -6.83 -35.73 20.39
C CYS A 133 -8.04 -35.68 19.46
N LEU A 134 -7.95 -34.86 18.42
CA LEU A 134 -9.02 -34.79 17.43
C LEU A 134 -9.13 -36.15 16.77
N GLY A 135 -7.99 -36.77 16.52
CA GLY A 135 -7.97 -38.10 15.92
C GLY A 135 -8.74 -39.08 16.78
N ASP A 136 -8.35 -39.18 18.05
CA ASP A 136 -9.01 -40.05 19.00
C ASP A 136 -10.51 -39.79 19.06
N PHE A 137 -10.88 -38.54 19.31
CA PHE A 137 -12.29 -38.14 19.39
C PHE A 137 -13.10 -38.64 18.20
N MET A 138 -12.48 -38.66 17.02
CA MET A 138 -13.16 -39.10 15.81
C MET A 138 -13.13 -40.62 15.66
N GLU A 139 -12.09 -41.24 16.21
CA GLU A 139 -11.97 -42.70 16.18
C GLU A 139 -12.82 -43.32 17.29
N LYS A 140 -13.59 -42.49 17.98
CA LYS A 140 -14.46 -42.97 19.06
C LYS A 140 -15.92 -42.91 18.65
N ARG A 141 -16.18 -42.38 17.47
CA ARG A 141 -17.53 -42.34 16.91
C ARG A 141 -17.44 -42.81 15.47
N LYS A 142 -16.22 -43.08 15.03
CA LYS A 142 -15.95 -43.46 13.65
C LYS A 142 -16.50 -42.41 12.68
N ILE A 143 -16.33 -41.14 13.03
CA ILE A 143 -16.77 -40.04 12.19
C ILE A 143 -15.62 -39.52 11.35
N LYS A 144 -14.55 -40.31 11.24
CA LYS A 144 -13.38 -39.94 10.47
C LYS A 144 -13.73 -39.73 8.99
N ASP A 145 -14.41 -40.72 8.42
CA ASP A 145 -14.75 -40.70 7.01
C ASP A 145 -15.81 -39.64 6.69
N LYS A 146 -16.41 -39.07 7.73
CA LYS A 146 -17.40 -38.01 7.53
C LYS A 146 -16.73 -36.66 7.35
N LYS A 147 -17.10 -35.97 6.27
CA LYS A 147 -16.49 -34.68 5.94
C LYS A 147 -17.01 -33.56 6.83
N LEU A 148 -17.05 -33.81 8.14
CA LEU A 148 -17.55 -32.82 9.08
C LEU A 148 -16.68 -31.57 9.15
N PRO A 149 -17.30 -30.39 9.16
CA PRO A 149 -16.62 -29.11 9.28
C PRO A 149 -16.19 -28.84 10.71
N VAL A 150 -14.92 -28.49 10.89
CA VAL A 150 -14.38 -28.24 12.22
C VAL A 150 -14.40 -26.76 12.55
N GLY A 151 -14.90 -26.42 13.74
CA GLY A 151 -14.83 -25.07 14.26
C GLY A 151 -13.71 -25.07 15.27
N PHE A 152 -13.17 -23.90 15.60
CA PHE A 152 -12.02 -23.86 16.51
C PHE A 152 -12.01 -22.64 17.42
N THR A 153 -12.40 -22.86 18.68
CA THR A 153 -12.37 -21.80 19.67
C THR A 153 -10.98 -21.69 20.28
N PHE A 154 -10.36 -20.53 20.06
CA PHE A 154 -8.99 -20.26 20.49
C PHE A 154 -9.06 -18.97 21.32
N SER A 155 -8.94 -19.11 22.64
CA SER A 155 -9.09 -17.97 23.55
C SER A 155 -7.84 -17.10 23.64
N PHE A 156 -7.35 -16.64 22.49
CA PHE A 156 -6.15 -15.80 22.43
C PHE A 156 -6.30 -14.69 21.37
N PRO A 157 -5.67 -13.53 21.60
CA PRO A 157 -5.76 -12.47 20.59
C PRO A 157 -5.20 -12.93 19.25
N CYS A 158 -5.99 -12.81 18.19
CA CYS A 158 -5.57 -13.27 16.87
C CYS A 158 -5.85 -12.27 15.76
N GLN A 159 -4.94 -12.22 14.80
CA GLN A 159 -5.10 -11.37 13.62
C GLN A 159 -5.90 -12.16 12.59
N GLN A 160 -7.01 -11.59 12.13
CA GLN A 160 -7.88 -12.28 11.19
C GLN A 160 -8.31 -11.40 10.02
N SER A 161 -8.10 -11.91 8.80
CA SER A 161 -8.55 -11.25 7.59
C SER A 161 -9.68 -12.07 6.97
N LYS A 162 -9.86 -13.27 7.53
CA LYS A 162 -10.92 -14.17 7.13
C LYS A 162 -11.16 -15.19 8.24
N ILE A 163 -12.43 -15.46 8.53
CA ILE A 163 -12.82 -16.34 9.64
C ILE A 163 -11.98 -17.61 9.76
N ASP A 164 -11.42 -18.10 8.66
CA ASP A 164 -10.64 -19.34 8.69
C ASP A 164 -9.14 -19.10 8.72
N GLU A 165 -8.75 -17.99 9.33
CA GLU A 165 -7.34 -17.62 9.48
C GLU A 165 -7.16 -17.04 10.87
N ALA A 166 -6.14 -17.50 11.58
CA ALA A 166 -5.89 -17.00 12.94
C ALA A 166 -4.40 -16.87 13.24
N ILE A 167 -3.88 -15.67 13.09
CA ILE A 167 -2.48 -15.40 13.40
C ILE A 167 -2.38 -15.00 14.87
N LEU A 168 -1.72 -15.83 15.67
CA LEU A 168 -1.55 -15.55 17.08
C LEU A 168 -0.75 -14.27 17.29
N ILE A 169 -1.36 -13.29 17.93
CA ILE A 169 -0.67 -12.05 18.22
C ILE A 169 0.26 -12.27 19.40
N THR A 170 -0.26 -12.87 20.46
CA THR A 170 0.54 -13.16 21.64
C THR A 170 -0.17 -14.12 22.59
N TRP A 171 0.59 -15.05 23.16
CA TRP A 171 0.04 -15.95 24.18
C TRP A 171 -0.35 -15.14 25.41
N THR A 172 -1.35 -15.63 26.13
CA THR A 172 -1.76 -15.03 27.39
C THR A 172 -2.11 -16.14 28.37
N LYS A 173 -2.46 -15.78 29.61
CA LYS A 173 -2.81 -16.78 30.62
C LYS A 173 -1.67 -17.78 30.87
N ARG A 174 -1.95 -19.06 30.65
CA ARG A 174 -0.99 -20.11 31.02
C ARG A 174 -0.16 -20.66 29.88
N PHE A 175 -0.36 -20.13 28.68
CA PHE A 175 0.31 -20.71 27.54
C PHE A 175 1.56 -19.95 27.16
N LYS A 176 2.65 -20.69 26.91
CA LYS A 176 3.73 -20.11 26.13
C LYS A 176 4.37 -21.20 25.30
N ALA A 177 3.96 -21.32 24.04
CA ALA A 177 4.57 -22.34 23.21
C ALA A 177 5.39 -21.72 22.08
N SER A 178 6.61 -22.22 21.91
CA SER A 178 7.54 -21.67 20.95
C SER A 178 7.08 -21.89 19.51
N GLY A 179 7.35 -20.90 18.66
CA GLY A 179 7.06 -21.02 17.23
C GLY A 179 5.58 -20.91 16.89
N VAL A 180 4.87 -20.04 17.59
CA VAL A 180 3.44 -19.89 17.34
C VAL A 180 3.06 -18.43 17.13
N GLU A 181 3.49 -17.55 18.02
CA GLU A 181 3.21 -16.14 17.89
C GLU A 181 3.64 -15.64 16.50
N GLY A 182 2.70 -15.07 15.76
CA GLY A 182 3.00 -14.56 14.43
C GLY A 182 2.64 -15.52 13.32
N ALA A 183 2.44 -16.79 13.67
CA ALA A 183 2.04 -17.80 12.69
C ALA A 183 0.51 -17.95 12.64
N ASP A 184 0.04 -18.75 11.69
CA ASP A 184 -1.38 -19.04 11.57
C ASP A 184 -1.67 -20.41 12.19
N VAL A 185 -2.33 -20.41 13.35
CA VAL A 185 -2.63 -21.66 14.04
C VAL A 185 -3.45 -22.59 13.17
N VAL A 186 -4.13 -22.03 12.18
CA VAL A 186 -4.91 -22.85 11.27
C VAL A 186 -3.97 -23.71 10.44
N LYS A 187 -2.99 -23.08 9.79
CA LYS A 187 -1.99 -23.81 9.03
C LYS A 187 -1.26 -24.79 9.94
N LEU A 188 -1.02 -24.36 11.17
CA LEU A 188 -0.27 -25.16 12.14
C LEU A 188 -0.99 -26.46 12.50
N LEU A 189 -2.26 -26.36 12.87
CA LEU A 189 -3.03 -27.55 13.20
C LEU A 189 -3.14 -28.43 11.97
N ASN A 190 -3.46 -27.82 10.82
CA ASN A 190 -3.51 -28.56 9.57
C ASN A 190 -2.24 -29.35 9.35
N LYS A 191 -1.09 -28.71 9.57
CA LYS A 191 0.19 -29.38 9.40
C LYS A 191 0.28 -30.56 10.36
N ALA A 192 -0.04 -30.31 11.63
CA ALA A 192 0.01 -31.35 12.64
C ALA A 192 -0.76 -32.59 12.20
N ILE A 193 -2.02 -32.38 11.81
CA ILE A 193 -2.87 -33.46 11.31
C ILE A 193 -2.20 -34.15 10.14
N LYS A 194 -1.82 -33.36 9.14
CA LYS A 194 -1.16 -33.87 7.95
C LYS A 194 -0.05 -34.87 8.33
N LYS A 195 0.91 -34.40 9.12
CA LYS A 195 2.03 -35.26 9.52
C LYS A 195 1.55 -36.63 9.97
N ARG A 196 0.38 -36.67 10.59
CA ARG A 196 -0.20 -37.93 11.07
C ARG A 196 -0.78 -38.74 9.91
N GLY A 197 -1.47 -38.07 8.99
CA GLY A 197 -2.13 -38.76 7.88
C GLY A 197 -3.16 -39.72 8.43
N ASP A 198 -3.40 -39.61 9.73
CA ASP A 198 -4.36 -40.46 10.44
C ASP A 198 -5.80 -40.20 9.98
N TYR A 199 -6.04 -38.99 9.48
CA TYR A 199 -7.36 -38.58 9.03
C TYR A 199 -7.31 -37.18 8.42
N ASP A 200 -8.42 -36.75 7.85
CA ASP A 200 -8.53 -35.40 7.29
C ASP A 200 -9.34 -34.50 8.22
N ALA A 201 -9.29 -33.20 7.98
CA ALA A 201 -10.02 -32.25 8.81
C ALA A 201 -10.09 -30.88 8.15
N ASN A 202 -11.31 -30.39 7.97
CA ASN A 202 -11.55 -29.11 7.34
C ASN A 202 -11.79 -27.98 8.34
N ILE A 203 -10.71 -27.43 8.90
CA ILE A 203 -10.83 -26.31 9.81
C ILE A 203 -11.49 -25.16 9.07
N VAL A 204 -12.75 -24.86 9.42
CA VAL A 204 -13.52 -23.88 8.68
C VAL A 204 -13.63 -22.52 9.39
N ALA A 205 -13.34 -22.47 10.68
CA ALA A 205 -13.48 -21.22 11.42
C ALA A 205 -12.72 -21.20 12.74
N VAL A 206 -12.41 -20.00 13.20
CA VAL A 206 -11.75 -19.80 14.47
C VAL A 206 -12.40 -18.62 15.17
N VAL A 207 -12.77 -18.81 16.43
CA VAL A 207 -13.40 -17.73 17.18
C VAL A 207 -12.84 -17.66 18.59
N ASN A 208 -12.89 -16.46 19.15
CA ASN A 208 -12.53 -16.25 20.53
C ASN A 208 -13.66 -16.77 21.41
N ASP A 209 -13.34 -17.23 22.61
CA ASP A 209 -14.39 -17.74 23.50
C ASP A 209 -15.42 -16.67 23.83
N THR A 210 -15.02 -15.40 23.83
CA THR A 210 -15.99 -14.33 24.04
C THR A 210 -17.03 -14.38 22.94
N VAL A 211 -16.57 -14.49 21.71
CA VAL A 211 -17.44 -14.58 20.55
C VAL A 211 -18.30 -15.85 20.61
N GLY A 212 -17.68 -16.97 20.96
CA GLY A 212 -18.41 -18.23 21.07
C GLY A 212 -19.53 -18.14 22.10
N THR A 213 -19.26 -17.38 23.15
CA THR A 213 -20.22 -17.18 24.22
C THR A 213 -21.37 -16.30 23.78
N MET A 214 -21.07 -15.21 23.08
CA MET A 214 -22.12 -14.32 22.58
C MET A 214 -23.06 -15.06 21.65
N MET A 215 -22.50 -15.97 20.85
CA MET A 215 -23.28 -16.76 19.91
C MET A 215 -24.12 -17.81 20.63
N THR A 216 -23.56 -18.44 21.65
CA THR A 216 -24.28 -19.44 22.42
C THR A 216 -25.54 -18.86 23.05
N CYS A 217 -25.41 -17.66 23.63
CA CYS A 217 -26.53 -17.01 24.27
C CYS A 217 -27.50 -16.43 23.24
N GLY A 218 -26.97 -15.80 22.21
CA GLY A 218 -27.80 -15.23 21.16
C GLY A 218 -28.81 -16.26 20.64
N TYR A 219 -28.35 -17.50 20.49
CA TYR A 219 -29.20 -18.57 20.00
C TYR A 219 -30.53 -18.59 20.74
N ASP A 220 -30.49 -18.42 22.05
CA ASP A 220 -31.69 -18.44 22.88
C ASP A 220 -32.27 -17.06 23.10
N ASP A 221 -31.41 -16.04 23.12
CA ASP A 221 -31.85 -14.67 23.35
C ASP A 221 -31.45 -13.73 22.22
N GLN A 222 -32.42 -13.42 21.35
CA GLN A 222 -32.15 -12.61 20.17
C GLN A 222 -31.77 -11.17 20.47
N HIS A 223 -31.57 -10.83 21.74
CA HIS A 223 -31.19 -9.47 22.10
C HIS A 223 -29.71 -9.39 22.51
N CYS A 224 -29.08 -10.55 22.65
CA CYS A 224 -27.68 -10.63 23.06
C CYS A 224 -26.74 -9.96 22.06
N GLU A 225 -26.03 -8.93 22.51
CA GLU A 225 -25.10 -8.19 21.66
C GLU A 225 -23.69 -8.15 22.26
N VAL A 226 -23.49 -8.89 23.35
CA VAL A 226 -22.21 -8.87 24.06
C VAL A 226 -21.75 -10.26 24.48
N GLY A 227 -20.45 -10.43 24.65
CA GLY A 227 -19.87 -11.69 25.11
C GLY A 227 -18.88 -11.42 26.22
N LEU A 228 -18.96 -12.17 27.31
CA LEU A 228 -18.12 -11.91 28.48
C LEU A 228 -17.49 -13.17 29.06
N ILE A 229 -16.17 -13.16 29.22
CA ILE A 229 -15.48 -14.27 29.83
C ILE A 229 -14.72 -13.83 31.06
N ILE A 230 -15.05 -14.45 32.19
CA ILE A 230 -14.36 -14.20 33.44
C ILE A 230 -14.00 -15.54 34.06
N GLY A 231 -13.04 -16.21 33.43
CA GLY A 231 -12.52 -17.47 33.92
C GLY A 231 -11.04 -17.30 34.14
N THR A 232 -10.24 -18.26 33.68
CA THR A 232 -8.79 -18.14 33.78
C THR A 232 -8.36 -16.72 33.41
N GLY A 233 -8.95 -16.18 32.35
CA GLY A 233 -8.66 -14.82 31.91
C GLY A 233 -9.94 -14.03 31.70
N THR A 234 -9.82 -12.75 31.39
CA THR A 234 -10.99 -11.90 31.16
C THR A 234 -10.95 -11.22 29.79
N ASN A 235 -12.12 -11.07 29.18
CA ASN A 235 -12.22 -10.48 27.86
C ASN A 235 -13.67 -10.38 27.41
N ALA A 236 -13.96 -9.42 26.54
CA ALA A 236 -15.34 -9.22 26.07
C ALA A 236 -15.42 -8.81 24.60
N CYS A 237 -16.52 -9.18 23.95
CA CYS A 237 -16.79 -8.81 22.56
C CYS A 237 -18.17 -8.21 22.44
N TYR A 238 -18.42 -7.47 21.37
CA TYR A 238 -19.71 -6.82 21.17
C TYR A 238 -20.00 -6.56 19.70
N MET A 239 -21.27 -6.27 19.39
CA MET A 239 -21.67 -5.98 18.03
C MET A 239 -21.50 -4.49 17.73
N GLU A 240 -20.50 -4.18 16.91
CA GLU A 240 -20.20 -2.81 16.54
C GLU A 240 -20.65 -2.54 15.10
N GLU A 241 -20.92 -1.28 14.78
CA GLU A 241 -21.34 -0.89 13.44
C GLU A 241 -20.16 -0.96 12.47
N LEU A 242 -20.37 -1.55 11.31
CA LEU A 242 -19.29 -1.66 10.33
C LEU A 242 -18.80 -0.28 9.91
N ARG A 243 -19.66 0.73 10.08
CA ARG A 243 -19.31 2.11 9.75
C ARG A 243 -18.37 2.71 10.80
N HIS A 244 -17.92 1.88 11.73
CA HIS A 244 -17.01 2.33 12.78
C HIS A 244 -15.73 1.49 12.79
N ILE A 245 -15.76 0.38 12.07
CA ILE A 245 -14.63 -0.52 11.97
C ILE A 245 -13.71 -0.12 10.81
N ASP A 246 -13.00 1.00 10.99
CA ASP A 246 -12.12 1.52 9.96
C ASP A 246 -11.31 0.47 9.23
N LEU A 247 -10.90 -0.58 9.95
CA LEU A 247 -10.00 -1.59 9.37
C LEU A 247 -10.69 -2.66 8.53
N VAL A 248 -11.96 -2.45 8.22
CA VAL A 248 -12.71 -3.39 7.39
C VAL A 248 -13.51 -2.68 6.31
N GLU A 249 -13.17 -2.94 5.05
CA GLU A 249 -13.87 -2.33 3.92
C GLU A 249 -15.36 -2.63 3.97
N GLY A 250 -16.17 -1.63 4.32
CA GLY A 250 -17.61 -1.80 4.32
C GLY A 250 -18.34 -0.96 5.34
N ASP A 251 -19.60 -0.66 5.05
CA ASP A 251 -20.46 0.08 5.96
C ASP A 251 -21.79 -0.66 6.12
N GLU A 252 -22.00 -1.63 5.25
CA GLU A 252 -23.23 -2.42 5.27
C GLU A 252 -23.30 -3.32 6.50
N GLY A 253 -24.20 -2.99 7.43
CA GLY A 253 -24.47 -3.86 8.58
C GLY A 253 -23.50 -3.70 9.74
N ARG A 254 -23.38 -4.78 10.52
CA ARG A 254 -22.56 -4.79 11.71
C ARG A 254 -21.69 -6.04 11.79
N MET A 255 -20.71 -6.01 12.69
CA MET A 255 -19.80 -7.13 12.89
C MET A 255 -19.35 -7.21 14.35
N CYS A 256 -19.01 -8.42 14.77
CA CYS A 256 -18.57 -8.66 16.16
C CYS A 256 -17.11 -8.29 16.36
N ILE A 257 -16.85 -7.44 17.35
CA ILE A 257 -15.48 -7.02 17.68
C ILE A 257 -15.00 -7.67 18.96
N ASN A 258 -13.82 -8.30 18.91
CA ASN A 258 -13.18 -8.89 20.08
C ASN A 258 -12.27 -7.86 20.74
N THR A 259 -12.73 -7.22 21.81
CA THR A 259 -11.97 -6.09 22.38
C THR A 259 -10.60 -6.49 22.94
N GLU A 260 -10.48 -7.71 23.44
CA GLU A 260 -9.23 -8.11 24.10
C GLU A 260 -8.84 -7.03 25.11
N TRP A 261 -9.74 -6.74 26.03
CA TRP A 261 -9.53 -5.67 27.00
C TRP A 261 -8.54 -6.05 28.11
N GLY A 262 -8.14 -7.31 28.15
CA GLY A 262 -7.16 -7.74 29.14
C GLY A 262 -5.92 -6.86 29.09
N ALA A 263 -5.58 -6.41 27.89
CA ALA A 263 -4.40 -5.58 27.67
C ALA A 263 -4.64 -4.13 28.07
N PHE A 264 -5.84 -3.83 28.54
CA PHE A 264 -6.17 -2.47 28.96
C PHE A 264 -5.13 -1.98 29.96
N GLY A 265 -4.35 -0.98 29.57
CA GLY A 265 -3.35 -0.40 30.46
C GLY A 265 -1.95 -0.97 30.33
N ASP A 266 -1.72 -1.79 29.31
CA ASP A 266 -0.40 -2.34 29.07
C ASP A 266 0.60 -1.23 28.71
N ASP A 267 0.10 -0.02 28.61
CA ASP A 267 0.93 1.13 28.23
C ASP A 267 1.01 2.18 29.34
N GLY A 268 0.69 1.77 30.57
CA GLY A 268 0.73 2.67 31.71
C GLY A 268 -0.61 3.31 32.02
N SER A 269 -1.59 3.05 31.16
CA SER A 269 -2.93 3.62 31.31
C SER A 269 -3.49 3.52 32.73
N LEU A 270 -3.20 2.39 33.39
CA LEU A 270 -3.76 2.12 34.70
C LEU A 270 -2.69 2.02 35.78
N GLU A 271 -1.68 2.89 35.69
CA GLU A 271 -0.60 2.88 36.68
C GLU A 271 -1.02 3.46 38.02
N ASP A 272 -2.16 4.16 38.02
CA ASP A 272 -2.68 4.77 39.24
C ASP A 272 -3.67 3.86 39.96
N ILE A 273 -4.09 2.80 39.27
CA ILE A 273 -5.00 1.82 39.83
C ILE A 273 -4.22 0.60 40.33
N ARG A 274 -3.15 0.27 39.62
CA ARG A 274 -2.31 -0.85 40.00
C ARG A 274 -1.57 -0.59 41.31
N THR A 275 -1.45 -1.63 42.15
CA THR A 275 -0.78 -1.48 43.43
C THR A 275 0.51 -2.30 43.48
N GLU A 276 1.26 -2.12 44.55
CA GLU A 276 2.52 -2.83 44.75
C GLU A 276 2.33 -4.33 44.56
N PHE A 277 1.12 -4.80 44.83
CA PHE A 277 0.80 -6.22 44.72
C PHE A 277 0.69 -6.66 43.25
N ASP A 278 -0.01 -5.85 42.45
CA ASP A 278 -0.18 -6.13 41.03
C ASP A 278 1.17 -6.17 40.32
N ARG A 279 2.09 -5.31 40.77
CA ARG A 279 3.41 -5.24 40.16
C ARG A 279 4.26 -6.45 40.48
N GLU A 280 4.08 -7.01 41.66
CA GLU A 280 4.84 -8.18 42.06
C GLU A 280 4.36 -9.45 41.38
N ILE A 281 3.04 -9.62 41.32
CA ILE A 281 2.48 -10.79 40.63
C ILE A 281 2.91 -10.75 39.18
N ASP A 282 3.02 -9.54 38.64
CA ASP A 282 3.47 -9.35 37.26
C ASP A 282 4.92 -9.82 37.09
N ARG A 283 5.80 -9.28 37.92
CA ARG A 283 7.23 -9.63 37.85
C ARG A 283 7.46 -11.14 37.95
N GLY A 284 6.43 -11.87 38.38
CA GLY A 284 6.53 -13.31 38.51
C GLY A 284 5.65 -14.05 37.52
N SER A 285 5.00 -13.31 36.64
CA SER A 285 4.06 -13.88 35.69
C SER A 285 4.75 -14.37 34.41
N LEU A 286 4.00 -15.11 33.60
CA LEU A 286 4.50 -15.62 32.32
C LEU A 286 4.69 -14.52 31.28
N ASN A 287 3.76 -13.57 31.27
CA ASN A 287 3.80 -12.47 30.32
C ASN A 287 4.04 -11.12 30.98
N PRO A 288 5.25 -10.93 31.52
CA PRO A 288 5.63 -9.71 32.23
C PRO A 288 5.32 -8.45 31.45
N GLY A 289 4.45 -7.60 31.99
CA GLY A 289 4.14 -6.31 31.36
C GLY A 289 2.83 -6.28 30.59
N LYS A 290 2.32 -7.45 30.21
CA LYS A 290 1.12 -7.52 29.38
C LYS A 290 -0.09 -8.08 30.13
N GLN A 291 -1.29 -7.75 29.63
CA GLN A 291 -2.53 -8.20 30.23
C GLN A 291 -2.64 -7.71 31.67
N LEU A 292 -2.30 -6.44 31.88
CA LEU A 292 -2.31 -5.86 33.22
C LEU A 292 -3.70 -5.73 33.81
N PHE A 293 -4.64 -5.23 33.01
CA PHE A 293 -6.02 -5.10 33.48
C PHE A 293 -6.54 -6.46 33.89
N GLU A 294 -6.21 -7.45 33.08
CA GLU A 294 -6.63 -8.83 33.32
C GLU A 294 -6.02 -9.40 34.60
N LYS A 295 -4.75 -9.09 34.86
CA LYS A 295 -4.07 -9.62 36.03
C LYS A 295 -4.66 -9.10 37.34
N MET A 296 -5.64 -8.21 37.22
CA MET A 296 -6.35 -7.70 38.39
C MET A 296 -7.73 -8.36 38.50
N VAL A 297 -8.10 -9.12 37.46
CA VAL A 297 -9.46 -9.65 37.36
C VAL A 297 -9.56 -11.17 37.33
N SER A 298 -9.07 -11.78 36.24
CA SER A 298 -9.27 -13.22 36.02
C SER A 298 -8.85 -14.10 37.20
N GLY A 299 -9.35 -15.34 37.19
CA GLY A 299 -9.14 -16.25 38.30
C GLY A 299 -7.83 -16.98 38.27
N MET A 300 -6.94 -16.59 37.37
CA MET A 300 -5.61 -17.20 37.34
C MET A 300 -4.68 -16.45 38.28
N TYR A 301 -5.10 -15.25 38.66
CA TYR A 301 -4.25 -14.38 39.46
C TYR A 301 -4.80 -14.13 40.87
N LEU A 302 -6.10 -13.94 40.99
CA LEU A 302 -6.73 -13.62 42.28
C LEU A 302 -6.15 -14.40 43.46
N GLY A 303 -6.09 -15.72 43.35
CA GLY A 303 -5.56 -16.55 44.42
C GLY A 303 -4.17 -16.11 44.85
N GLU A 304 -3.30 -15.90 43.87
CA GLU A 304 -1.91 -15.52 44.13
C GLU A 304 -1.80 -14.09 44.64
N LEU A 305 -2.76 -13.25 44.27
CA LEU A 305 -2.79 -11.88 44.77
C LEU A 305 -3.02 -11.92 46.27
N VAL A 306 -4.01 -12.70 46.69
CA VAL A 306 -4.32 -12.86 48.10
C VAL A 306 -3.09 -13.33 48.84
N ARG A 307 -2.53 -14.47 48.41
CA ARG A 307 -1.35 -15.02 49.06
C ARG A 307 -0.30 -13.95 49.28
N LEU A 308 -0.04 -13.15 48.23
CA LEU A 308 0.97 -12.10 48.32
C LEU A 308 0.62 -11.07 49.38
N ILE A 309 -0.66 -10.72 49.49
CA ILE A 309 -1.11 -9.79 50.51
C ILE A 309 -0.94 -10.40 51.90
N LEU A 310 -1.18 -11.70 52.00
CA LEU A 310 -1.06 -12.39 53.27
C LEU A 310 0.40 -12.57 53.70
N VAL A 311 1.30 -12.68 52.73
CA VAL A 311 2.72 -12.78 53.05
C VAL A 311 3.19 -11.45 53.62
N LYS A 312 2.72 -10.36 53.01
CA LYS A 312 3.06 -9.01 53.45
C LYS A 312 2.60 -8.79 54.89
N MET A 313 1.29 -8.86 55.11
CA MET A 313 0.73 -8.69 56.46
C MET A 313 1.48 -9.54 57.45
N ALA A 314 1.61 -10.84 57.15
CA ALA A 314 2.32 -11.76 58.01
C ALA A 314 3.69 -11.21 58.38
N LYS A 315 4.45 -10.78 57.39
CA LYS A 315 5.77 -10.21 57.61
C LYS A 315 5.69 -9.02 58.56
N GLU A 316 4.50 -8.41 58.64
CA GLU A 316 4.31 -7.28 59.53
C GLU A 316 3.54 -7.69 60.80
N GLY A 317 3.44 -9.01 61.01
CA GLY A 317 2.81 -9.56 62.20
C GLY A 317 1.31 -9.37 62.33
N LEU A 318 0.66 -9.00 61.23
CA LEU A 318 -0.78 -8.75 61.24
C LEU A 318 -1.61 -10.04 61.20
N LEU A 319 -0.93 -11.17 61.09
CA LEU A 319 -1.58 -12.47 61.09
C LEU A 319 -0.67 -13.50 61.70
N PHE A 320 -1.27 -14.60 62.16
CA PHE A 320 -0.49 -15.74 62.63
C PHE A 320 0.60 -15.34 63.58
N GLU A 321 0.34 -14.37 64.46
CA GLU A 321 1.38 -14.03 65.42
C GLU A 321 2.61 -13.58 64.64
N GLY A 322 2.41 -13.27 63.37
CA GLY A 322 3.54 -12.97 62.51
C GLY A 322 4.32 -14.23 62.15
N ARG A 323 3.69 -15.38 62.35
CA ARG A 323 4.32 -16.64 61.96
C ARG A 323 4.35 -16.74 60.43
N ILE A 324 5.32 -17.47 59.89
CA ILE A 324 5.39 -17.66 58.43
C ILE A 324 6.04 -19.00 58.08
N THR A 325 5.45 -19.74 57.16
CA THR A 325 6.01 -21.03 56.75
C THR A 325 6.51 -21.00 55.31
N PRO A 326 7.30 -22.01 54.92
CA PRO A 326 7.77 -22.10 53.54
C PRO A 326 6.59 -22.16 52.57
N GLU A 327 5.51 -22.80 52.98
CA GLU A 327 4.32 -22.94 52.14
C GLU A 327 3.65 -21.60 51.88
N LEU A 328 3.63 -20.74 52.90
CA LEU A 328 3.02 -19.43 52.77
C LEU A 328 3.83 -18.56 51.81
N LEU A 329 5.03 -19.02 51.48
CA LEU A 329 5.94 -18.27 50.61
C LEU A 329 6.03 -18.89 49.22
N THR A 330 5.51 -20.10 49.08
CA THR A 330 5.58 -20.82 47.81
C THR A 330 4.55 -20.27 46.82
N ARG A 331 5.01 -19.96 45.61
CA ARG A 331 4.15 -19.45 44.56
C ARG A 331 2.95 -20.37 44.35
N GLY A 332 1.76 -19.78 44.30
CA GLY A 332 0.54 -20.52 43.98
C GLY A 332 0.07 -21.56 44.99
N LYS A 333 0.45 -21.40 46.25
CA LYS A 333 -0.05 -22.29 47.29
C LYS A 333 -1.47 -21.91 47.63
N PHE A 334 -1.86 -20.69 47.27
CA PHE A 334 -3.20 -20.21 47.50
C PHE A 334 -3.98 -20.12 46.19
N ASN A 335 -5.03 -20.93 46.07
CA ASN A 335 -5.85 -21.01 44.86
C ASN A 335 -7.05 -20.07 44.86
N THR A 336 -7.55 -19.75 43.68
CA THR A 336 -8.77 -18.97 43.54
C THR A 336 -9.93 -19.81 44.08
N SER A 337 -9.72 -21.12 44.09
CA SER A 337 -10.67 -22.05 44.69
C SER A 337 -10.83 -21.68 46.14
N ASP A 338 -9.70 -21.64 46.84
CA ASP A 338 -9.65 -21.30 48.26
C ASP A 338 -10.26 -19.91 48.48
N VAL A 339 -10.08 -19.03 47.51
CA VAL A 339 -10.64 -17.69 47.62
C VAL A 339 -12.17 -17.78 47.60
N SER A 340 -12.69 -18.66 46.76
CA SER A 340 -14.13 -18.87 46.65
C SER A 340 -14.66 -19.65 47.85
N ALA A 341 -13.92 -20.68 48.25
CA ALA A 341 -14.29 -21.51 49.39
C ALA A 341 -14.38 -20.69 50.68
N ILE A 342 -13.51 -19.69 50.81
CA ILE A 342 -13.50 -18.85 51.99
C ILE A 342 -14.67 -17.86 52.01
N GLU A 343 -15.20 -17.53 50.85
CA GLU A 343 -16.26 -16.52 50.77
C GLU A 343 -17.68 -17.09 50.86
N LYS A 344 -17.80 -18.41 51.00
CA LYS A 344 -19.12 -19.01 51.17
C LYS A 344 -19.78 -18.54 52.46
N ASN A 345 -21.10 -18.40 52.45
CA ASN A 345 -21.77 -17.82 53.63
C ASN A 345 -21.70 -18.69 54.88
N LYS A 346 -22.19 -19.93 54.80
CA LYS A 346 -22.26 -20.74 56.02
C LYS A 346 -20.91 -21.34 56.40
N GLU A 347 -20.14 -21.73 55.41
CA GLU A 347 -18.97 -22.56 55.67
C GLU A 347 -17.62 -21.87 55.49
N GLY A 348 -17.62 -20.60 55.12
CA GLY A 348 -16.37 -19.95 54.71
C GLY A 348 -15.25 -20.03 55.74
N LEU A 349 -15.56 -19.62 56.97
CA LEU A 349 -14.57 -19.58 58.02
C LEU A 349 -14.06 -20.97 58.37
N HIS A 350 -14.95 -21.95 58.32
CA HIS A 350 -14.54 -23.34 58.53
C HIS A 350 -13.51 -23.74 57.48
N ASN A 351 -13.85 -23.50 56.21
CA ASN A 351 -12.93 -23.77 55.11
C ASN A 351 -11.64 -22.98 55.27
N ALA A 352 -11.79 -21.70 55.60
CA ALA A 352 -10.64 -20.83 55.84
C ALA A 352 -9.66 -21.53 56.78
N LYS A 353 -10.15 -21.90 57.95
CA LYS A 353 -9.34 -22.61 58.94
C LYS A 353 -8.58 -23.77 58.29
N GLU A 354 -9.31 -24.69 57.68
CA GLU A 354 -8.71 -25.85 57.03
C GLU A 354 -7.62 -25.46 56.04
N ILE A 355 -7.94 -24.54 55.13
CA ILE A 355 -6.97 -24.09 54.14
C ILE A 355 -5.78 -23.40 54.80
N LEU A 356 -6.07 -22.51 55.75
CA LEU A 356 -5.02 -21.76 56.44
C LEU A 356 -4.18 -22.67 57.34
N THR A 357 -4.75 -23.79 57.75
CA THR A 357 -4.04 -24.73 58.60
C THR A 357 -3.10 -25.61 57.77
N ARG A 358 -3.57 -26.02 56.59
CA ARG A 358 -2.72 -26.77 55.66
C ARG A 358 -1.50 -25.95 55.31
N LEU A 359 -1.61 -24.64 55.46
CA LEU A 359 -0.53 -23.72 55.11
C LEU A 359 0.58 -23.69 56.16
N GLY A 360 0.37 -24.38 57.28
CA GLY A 360 1.39 -24.44 58.32
C GLY A 360 1.20 -23.41 59.42
N VAL A 361 0.83 -22.19 59.05
CA VAL A 361 0.58 -21.15 60.04
C VAL A 361 -0.39 -21.69 61.09
N GLU A 362 -0.44 -21.03 62.24
CA GLU A 362 -1.36 -21.47 63.30
C GLU A 362 -2.61 -20.58 63.29
N PRO A 363 -3.57 -20.92 62.41
CA PRO A 363 -4.78 -20.12 62.20
C PRO A 363 -5.60 -19.94 63.49
N SER A 364 -5.82 -18.69 63.87
CA SER A 364 -6.72 -18.39 64.99
C SER A 364 -8.06 -18.04 64.38
N ASP A 365 -9.13 -18.22 65.15
CA ASP A 365 -10.45 -17.87 64.65
C ASP A 365 -10.47 -16.43 64.15
N ASP A 366 -9.51 -15.63 64.62
CA ASP A 366 -9.37 -14.25 64.19
C ASP A 366 -8.70 -14.16 62.82
N ASP A 367 -7.70 -15.01 62.61
CA ASP A 367 -7.00 -15.07 61.33
C ASP A 367 -7.96 -15.46 60.22
N CYS A 368 -8.85 -16.40 60.51
CA CYS A 368 -9.84 -16.86 59.54
C CYS A 368 -10.79 -15.74 59.15
N VAL A 369 -10.93 -14.76 60.03
CA VAL A 369 -11.82 -13.63 59.78
C VAL A 369 -11.12 -12.52 58.99
N SER A 370 -9.83 -12.37 59.21
CA SER A 370 -9.04 -11.37 58.48
C SER A 370 -8.80 -11.85 57.05
N VAL A 371 -8.39 -13.10 56.92
CA VAL A 371 -8.15 -13.70 55.62
C VAL A 371 -9.41 -13.65 54.76
N GLN A 372 -10.53 -14.09 55.32
CA GLN A 372 -11.80 -14.07 54.60
C GLN A 372 -12.14 -12.66 54.13
N HIS A 373 -11.53 -11.66 54.74
CA HIS A 373 -11.79 -10.28 54.37
C HIS A 373 -10.87 -9.81 53.25
N VAL A 374 -9.63 -10.27 53.29
CA VAL A 374 -8.69 -9.96 52.21
C VAL A 374 -9.26 -10.53 50.92
N CYS A 375 -9.79 -11.75 51.00
CA CYS A 375 -10.41 -12.40 49.86
C CYS A 375 -11.57 -11.57 49.32
N THR A 376 -12.30 -10.91 50.22
CA THR A 376 -13.44 -10.09 49.83
C THR A 376 -12.99 -8.84 49.07
N ILE A 377 -12.04 -8.11 49.64
CA ILE A 377 -11.52 -6.92 49.00
C ILE A 377 -10.97 -7.23 47.60
N VAL A 378 -10.23 -8.33 47.51
CA VAL A 378 -9.60 -8.75 46.27
C VAL A 378 -10.61 -9.19 45.21
N SER A 379 -11.59 -10.00 45.61
CA SER A 379 -12.58 -10.51 44.68
C SER A 379 -13.61 -9.44 44.33
N PHE A 380 -13.86 -8.54 45.26
CA PHE A 380 -14.82 -7.46 45.03
C PHE A 380 -14.25 -6.53 43.97
N ARG A 381 -12.93 -6.31 44.00
CA ARG A 381 -12.30 -5.41 43.04
C ARG A 381 -12.37 -5.92 41.61
N SER A 382 -12.09 -7.21 41.42
CA SER A 382 -12.13 -7.81 40.10
C SER A 382 -13.49 -7.55 39.45
N ALA A 383 -14.56 -7.95 40.14
CA ALA A 383 -15.92 -7.75 39.65
C ALA A 383 -16.22 -6.28 39.36
N ASN A 384 -15.79 -5.41 40.25
CA ASN A 384 -16.03 -3.98 40.08
C ASN A 384 -15.37 -3.42 38.82
N LEU A 385 -14.18 -3.93 38.49
CA LEU A 385 -13.45 -3.48 37.32
C LEU A 385 -14.15 -3.89 36.03
N VAL A 386 -14.55 -5.16 35.96
CA VAL A 386 -15.28 -5.65 34.81
C VAL A 386 -16.57 -4.84 34.64
N ALA A 387 -17.05 -4.28 35.74
CA ALA A 387 -18.24 -3.44 35.68
C ALA A 387 -17.89 -2.14 34.98
N ALA A 388 -16.75 -1.57 35.36
CA ALA A 388 -16.29 -0.32 34.78
C ALA A 388 -16.19 -0.42 33.27
N THR A 389 -15.56 -1.48 32.78
CA THR A 389 -15.34 -1.65 31.35
C THR A 389 -16.62 -2.02 30.60
N LEU A 390 -17.33 -3.03 31.10
CA LEU A 390 -18.57 -3.45 30.46
C LEU A 390 -19.53 -2.27 30.36
N GLY A 391 -19.49 -1.41 31.37
CA GLY A 391 -20.31 -0.21 31.36
C GLY A 391 -20.00 0.64 30.14
N ALA A 392 -18.76 0.58 29.71
CA ALA A 392 -18.31 1.35 28.54
C ALA A 392 -18.83 0.73 27.26
N ILE A 393 -18.87 -0.59 27.21
CA ILE A 393 -19.39 -1.27 26.02
C ILE A 393 -20.86 -0.92 25.85
N LEU A 394 -21.62 -1.00 26.93
CA LEU A 394 -23.04 -0.66 26.88
C LEU A 394 -23.24 0.78 26.45
N ASN A 395 -22.45 1.68 27.04
CA ASN A 395 -22.48 3.09 26.62
C ASN A 395 -22.27 3.25 25.12
N ARG A 396 -21.49 2.34 24.54
CA ARG A 396 -21.21 2.34 23.10
C ARG A 396 -22.42 1.88 22.32
N LEU A 397 -23.05 0.81 22.80
CA LEU A 397 -24.26 0.27 22.16
C LEU A 397 -25.39 1.29 22.16
N ARG A 398 -25.73 1.80 23.34
CA ARG A 398 -26.80 2.78 23.45
C ARG A 398 -26.55 3.95 22.51
N ASP A 399 -25.31 4.43 22.47
CA ASP A 399 -24.95 5.52 21.57
C ASP A 399 -25.19 5.12 20.12
N ASN A 400 -24.80 3.90 19.77
CA ASN A 400 -25.00 3.38 18.41
C ASN A 400 -26.47 3.38 18.02
N LYS A 401 -27.31 2.76 18.85
CA LYS A 401 -28.73 2.67 18.58
C LYS A 401 -29.38 4.06 18.52
N GLY A 402 -29.12 4.87 19.53
CA GLY A 402 -29.71 6.21 19.61
C GLY A 402 -30.84 6.25 20.62
N THR A 403 -31.34 5.07 20.99
CA THR A 403 -32.42 4.96 21.96
C THR A 403 -32.03 5.60 23.29
N PRO A 404 -33.00 6.22 23.97
CA PRO A 404 -32.74 6.88 25.24
C PRO A 404 -32.54 5.87 26.36
N ARG A 405 -32.60 4.60 26.02
CA ARG A 405 -32.45 3.55 27.01
C ARG A 405 -32.04 2.23 26.37
N LEU A 406 -30.84 1.77 26.70
CA LEU A 406 -30.33 0.51 26.17
C LEU A 406 -31.03 -0.68 26.78
N ARG A 407 -31.42 -1.64 25.94
CA ARG A 407 -32.10 -2.84 26.41
C ARG A 407 -31.53 -4.05 25.68
N THR A 408 -30.48 -4.64 26.25
CA THR A 408 -29.78 -5.75 25.60
C THR A 408 -29.44 -6.90 26.55
N THR A 409 -28.89 -7.96 25.98
CA THR A 409 -28.50 -9.13 26.77
C THR A 409 -27.00 -9.44 26.62
N VAL A 410 -26.38 -9.80 27.73
CA VAL A 410 -24.95 -10.09 27.78
C VAL A 410 -24.69 -11.57 28.08
N GLY A 411 -23.97 -12.24 27.19
CA GLY A 411 -23.60 -13.64 27.43
C GLY A 411 -22.42 -13.71 28.39
N VAL A 412 -22.32 -14.81 29.13
CA VAL A 412 -21.25 -14.96 30.13
C VAL A 412 -20.77 -16.40 30.32
N ASP A 413 -19.53 -16.54 30.77
CA ASP A 413 -18.93 -17.85 31.05
C ASP A 413 -17.60 -17.62 31.78
N GLY A 414 -16.98 -18.70 32.25
CA GLY A 414 -15.71 -18.60 32.97
C GLY A 414 -15.78 -19.04 34.42
N SER A 415 -14.93 -19.99 34.78
CA SER A 415 -14.88 -20.57 36.13
C SER A 415 -15.18 -19.59 37.27
N LEU A 416 -14.37 -18.54 37.41
CA LEU A 416 -14.57 -17.59 38.50
C LEU A 416 -16.04 -17.14 38.58
N TYR A 417 -16.54 -16.55 37.51
CA TYR A 417 -17.92 -16.06 37.48
C TYR A 417 -18.90 -17.19 37.79
N LYS A 418 -18.53 -18.41 37.39
CA LYS A 418 -19.40 -19.58 37.53
C LYS A 418 -19.38 -20.24 38.91
N THR A 419 -18.28 -20.09 39.65
CA THR A 419 -18.16 -20.79 40.92
C THR A 419 -18.11 -19.91 42.16
N HIS A 420 -17.66 -18.66 42.01
CA HIS A 420 -17.58 -17.77 43.17
C HIS A 420 -18.98 -17.43 43.67
N PRO A 421 -19.25 -17.75 44.94
CA PRO A 421 -20.58 -17.55 45.55
C PRO A 421 -20.97 -16.09 45.85
N GLN A 422 -20.12 -15.13 45.51
CA GLN A 422 -20.45 -13.73 45.76
C GLN A 422 -20.16 -12.84 44.54
N TYR A 423 -19.41 -13.38 43.59
CA TYR A 423 -18.93 -12.61 42.44
C TYR A 423 -20.05 -12.11 41.52
N SER A 424 -20.76 -13.05 40.91
CA SER A 424 -21.86 -12.69 40.00
C SER A 424 -22.72 -11.62 40.67
N ARG A 425 -23.30 -12.00 41.79
CA ARG A 425 -24.13 -11.14 42.60
C ARG A 425 -23.58 -9.71 42.65
N ARG A 426 -22.37 -9.57 43.19
CA ARG A 426 -21.74 -8.26 43.36
C ARG A 426 -21.56 -7.50 42.03
N PHE A 427 -21.06 -8.21 41.02
CA PHE A 427 -20.77 -7.60 39.72
C PHE A 427 -22.01 -7.00 39.05
N HIS A 428 -23.06 -7.83 38.92
CA HIS A 428 -24.29 -7.38 38.29
C HIS A 428 -24.76 -6.06 38.92
N LYS A 429 -24.71 -6.00 40.24
CA LYS A 429 -25.15 -4.82 40.97
C LYS A 429 -24.35 -3.58 40.60
N THR A 430 -23.03 -3.71 40.67
CA THR A 430 -22.15 -2.59 40.35
C THR A 430 -22.41 -2.06 38.94
N LEU A 431 -22.55 -2.98 37.98
CA LEU A 431 -22.79 -2.59 36.60
C LEU A 431 -24.09 -1.83 36.44
N ARG A 432 -25.19 -2.43 36.88
CA ARG A 432 -26.50 -1.82 36.77
C ARG A 432 -26.51 -0.45 37.46
N ARG A 433 -25.55 -0.23 38.35
CA ARG A 433 -25.43 1.05 39.04
C ARG A 433 -24.66 2.07 38.21
N LEU A 434 -23.56 1.63 37.60
CA LEU A 434 -22.73 2.51 36.79
C LEU A 434 -23.45 2.99 35.52
N VAL A 435 -24.33 2.13 34.99
CA VAL A 435 -25.09 2.48 33.80
C VAL A 435 -26.56 2.07 33.97
N PRO A 436 -27.25 2.72 34.92
CA PRO A 436 -28.65 2.39 35.21
C PRO A 436 -29.59 2.84 34.09
N ASP A 437 -29.04 3.55 33.11
CA ASP A 437 -29.82 4.03 31.97
C ASP A 437 -30.07 2.88 31.00
N SER A 438 -29.92 1.65 31.49
CA SER A 438 -30.09 0.48 30.65
C SER A 438 -30.56 -0.73 31.45
N ASP A 439 -31.40 -1.53 30.82
CA ASP A 439 -31.91 -2.75 31.41
C ASP A 439 -31.18 -3.92 30.76
N VAL A 440 -30.30 -4.58 31.51
CA VAL A 440 -29.47 -5.63 30.95
C VAL A 440 -29.75 -7.01 31.54
N ARG A 441 -29.78 -8.02 30.68
CA ARG A 441 -29.93 -9.40 31.13
C ARG A 441 -28.60 -10.13 31.00
N PHE A 442 -28.27 -10.92 32.02
CA PHE A 442 -27.02 -11.67 32.00
C PHE A 442 -27.26 -13.16 31.80
N LEU A 443 -27.46 -13.57 30.55
CA LEU A 443 -27.63 -14.99 30.28
C LEU A 443 -26.29 -15.69 30.44
N LEU A 444 -26.28 -16.79 31.19
CA LEU A 444 -25.05 -17.53 31.43
C LEU A 444 -24.98 -18.78 30.56
N SER A 445 -23.87 -18.94 29.86
CA SER A 445 -23.69 -20.12 29.03
C SER A 445 -23.69 -21.38 29.91
N GLU A 446 -24.07 -22.49 29.32
CA GLU A 446 -24.12 -23.76 30.03
C GLU A 446 -23.49 -24.83 29.15
N SER A 447 -23.49 -24.57 27.85
CA SER A 447 -22.88 -25.48 26.87
C SER A 447 -21.42 -25.11 26.63
N GLY A 448 -21.01 -23.96 27.16
CA GLY A 448 -19.64 -23.48 27.01
C GLY A 448 -19.45 -22.57 25.80
N SER A 449 -19.11 -23.16 24.67
CA SER A 449 -18.90 -22.42 23.44
C SER A 449 -19.44 -23.22 22.26
N GLY A 450 -19.36 -24.55 22.37
CA GLY A 450 -19.80 -25.46 21.34
C GLY A 450 -20.97 -24.95 20.50
N LYS A 451 -22.07 -24.58 21.17
CA LYS A 451 -23.26 -24.14 20.45
C LYS A 451 -23.00 -22.90 19.61
N GLY A 452 -22.67 -21.79 20.27
CA GLY A 452 -22.37 -20.55 19.55
C GLY A 452 -21.30 -20.74 18.50
N ALA A 453 -20.29 -21.55 18.83
CA ALA A 453 -19.18 -21.82 17.92
C ALA A 453 -19.64 -22.60 16.69
N ALA A 454 -20.34 -23.71 16.92
CA ALA A 454 -20.85 -24.52 15.82
C ALA A 454 -21.81 -23.73 14.95
N MET A 455 -22.53 -22.80 15.56
CA MET A 455 -23.43 -21.92 14.82
C MET A 455 -22.62 -21.01 13.92
N VAL A 456 -21.38 -20.75 14.33
CA VAL A 456 -20.45 -19.95 13.55
C VAL A 456 -19.91 -20.78 12.39
N THR A 457 -19.54 -22.02 12.70
CA THR A 457 -19.02 -22.95 11.70
C THR A 457 -20.04 -23.20 10.59
N ALA A 458 -21.30 -23.37 10.97
CA ALA A 458 -22.34 -23.62 9.99
C ALA A 458 -22.29 -22.57 8.90
N VAL A 459 -22.44 -21.30 9.29
CA VAL A 459 -22.40 -20.19 8.35
C VAL A 459 -21.09 -20.16 7.57
N ALA A 460 -19.97 -20.30 8.28
CA ALA A 460 -18.66 -20.29 7.65
C ALA A 460 -18.59 -21.34 6.53
N TYR A 461 -18.86 -22.59 6.88
CA TYR A 461 -18.88 -23.69 5.92
C TYR A 461 -19.74 -23.35 4.71
N ARG A 462 -20.97 -22.92 4.99
CA ARG A 462 -21.90 -22.48 3.97
C ARG A 462 -21.15 -21.60 2.95
N LEU A 463 -20.63 -20.48 3.43
CA LEU A 463 -19.89 -19.55 2.58
C LEU A 463 -18.65 -20.18 1.93
N ALA A 464 -18.02 -21.10 2.63
CA ALA A 464 -16.83 -21.77 2.10
C ALA A 464 -17.16 -22.60 0.87
N GLU A 465 -18.36 -23.21 0.88
CA GLU A 465 -18.82 -24.03 -0.23
C GLU A 465 -19.03 -23.22 -1.50
N GLN A 466 -19.70 -22.09 -1.38
CA GLN A 466 -19.87 -21.20 -2.52
C GLN A 466 -18.50 -20.87 -3.07
N HIS A 467 -17.66 -20.32 -2.20
CA HIS A 467 -16.32 -19.92 -2.59
C HIS A 467 -15.60 -21.03 -3.36
N ARG A 468 -15.71 -22.27 -2.88
CA ARG A 468 -15.05 -23.39 -3.53
C ARG A 468 -15.56 -23.61 -4.95
N GLN A 469 -16.88 -23.52 -5.12
CA GLN A 469 -17.47 -23.69 -6.44
C GLN A 469 -16.98 -22.60 -7.38
N ILE A 470 -16.87 -21.38 -6.86
CA ILE A 470 -16.37 -20.25 -7.61
C ILE A 470 -14.93 -20.49 -8.12
N GLU A 471 -14.03 -20.83 -7.21
CA GLU A 471 -12.64 -21.08 -7.57
C GLU A 471 -12.56 -22.21 -8.58
N GLU A 472 -13.47 -23.17 -8.43
CA GLU A 472 -13.52 -24.32 -9.31
C GLU A 472 -13.78 -23.86 -10.75
N THR A 473 -14.76 -22.99 -10.91
CA THR A 473 -15.12 -22.46 -12.21
C THR A 473 -14.01 -21.58 -12.77
N LEU A 474 -13.52 -20.67 -11.95
CA LEU A 474 -12.47 -19.74 -12.38
C LEU A 474 -11.15 -20.47 -12.65
N ALA A 475 -10.95 -21.60 -12.01
CA ALA A 475 -9.73 -22.38 -12.19
C ALA A 475 -9.50 -22.70 -13.66
N HIS A 476 -10.58 -22.93 -14.40
CA HIS A 476 -10.46 -23.25 -15.83
C HIS A 476 -9.82 -22.13 -16.64
N PHE A 477 -9.81 -20.92 -16.09
CA PHE A 477 -9.22 -19.78 -16.77
C PHE A 477 -7.72 -19.61 -16.47
N HIS A 478 -7.23 -20.42 -15.54
CA HIS A 478 -5.82 -20.37 -15.15
C HIS A 478 -4.96 -21.17 -16.12
N LEU A 479 -3.89 -20.57 -16.62
CA LEU A 479 -2.98 -21.27 -17.52
C LEU A 479 -1.62 -21.40 -16.88
N THR A 480 -1.03 -22.60 -16.97
CA THR A 480 0.29 -22.83 -16.38
C THR A 480 1.41 -22.50 -17.37
N LYS A 481 2.61 -22.36 -16.84
CA LYS A 481 3.78 -22.11 -17.69
C LYS A 481 3.75 -23.09 -18.85
N ASP A 482 3.63 -24.38 -18.53
CA ASP A 482 3.63 -25.42 -19.56
C ASP A 482 2.46 -25.31 -20.55
N MET A 483 1.29 -24.94 -20.07
CA MET A 483 0.13 -24.76 -20.95
C MET A 483 0.44 -23.65 -21.95
N LEU A 484 0.99 -22.55 -21.45
CA LEU A 484 1.32 -21.42 -22.30
C LEU A 484 2.37 -21.79 -23.34
N LEU A 485 3.37 -22.58 -22.94
CA LEU A 485 4.39 -23.02 -23.89
C LEU A 485 3.79 -23.89 -24.99
N GLU A 486 2.74 -24.63 -24.66
CA GLU A 486 2.00 -25.41 -25.66
C GLU A 486 1.30 -24.49 -26.64
N VAL A 487 0.65 -23.47 -26.11
CA VAL A 487 -0.04 -22.49 -26.94
C VAL A 487 0.98 -21.86 -27.87
N LYS A 488 2.13 -21.48 -27.31
CA LYS A 488 3.20 -20.92 -28.11
C LYS A 488 3.57 -21.88 -29.23
N LYS A 489 3.79 -23.14 -28.88
CA LYS A 489 4.17 -24.16 -29.86
C LYS A 489 3.12 -24.34 -30.97
N ARG A 490 1.85 -24.39 -30.57
CA ARG A 490 0.77 -24.54 -31.55
C ARG A 490 0.72 -23.34 -32.49
N MET A 491 0.93 -22.15 -31.93
CA MET A 491 0.94 -20.93 -32.72
C MET A 491 2.01 -21.01 -33.80
N ARG A 492 3.21 -21.41 -33.40
CA ARG A 492 4.31 -21.55 -34.34
C ARG A 492 4.00 -22.55 -35.45
N ALA A 493 3.39 -23.67 -35.09
CA ALA A 493 3.01 -24.67 -36.07
C ALA A 493 2.03 -24.09 -37.10
N GLU A 494 1.03 -23.37 -36.60
CA GLU A 494 0.01 -22.81 -37.47
C GLU A 494 0.61 -21.76 -38.38
N MET A 495 1.68 -21.11 -37.92
CA MET A 495 2.40 -20.14 -38.73
C MET A 495 3.04 -20.82 -39.94
N GLU A 496 3.71 -21.95 -39.70
CA GLU A 496 4.30 -22.73 -40.78
C GLU A 496 3.25 -23.15 -41.80
N LEU A 497 2.11 -23.65 -41.32
CA LEU A 497 1.03 -24.09 -42.20
C LEU A 497 0.53 -22.97 -43.12
N GLY A 498 0.56 -21.74 -42.61
CA GLY A 498 0.07 -20.60 -43.36
C GLY A 498 1.04 -20.11 -44.41
N LEU A 499 2.33 -20.17 -44.09
CA LEU A 499 3.37 -19.70 -45.00
C LEU A 499 3.60 -20.66 -46.17
N ARG A 500 3.46 -21.95 -45.91
CA ARG A 500 3.74 -22.99 -46.91
C ARG A 500 2.61 -23.20 -47.91
N LYS A 501 2.94 -23.07 -49.18
CA LYS A 501 2.01 -23.17 -50.30
C LYS A 501 1.15 -24.43 -50.34
N GLN A 502 1.64 -25.51 -49.76
CA GLN A 502 0.91 -26.78 -49.79
C GLN A 502 -0.21 -26.80 -48.76
N THR A 503 0.09 -26.30 -47.56
CA THR A 503 -0.85 -26.35 -46.44
C THR A 503 -1.63 -25.06 -46.27
N HIS A 504 -1.29 -24.05 -47.07
CA HIS A 504 -1.88 -22.73 -46.91
C HIS A 504 -3.41 -22.68 -47.00
N ASN A 505 -3.97 -23.37 -47.99
CA ASN A 505 -5.42 -23.28 -48.23
C ASN A 505 -6.25 -23.71 -47.03
N ASN A 506 -5.71 -24.60 -46.21
CA ASN A 506 -6.45 -25.11 -45.06
C ASN A 506 -5.97 -24.51 -43.74
N ALA A 507 -4.84 -23.83 -43.76
CA ALA A 507 -4.31 -23.19 -42.58
C ALA A 507 -5.27 -22.13 -42.07
N VAL A 508 -5.45 -22.07 -40.75
CA VAL A 508 -6.35 -21.09 -40.16
C VAL A 508 -5.66 -19.74 -39.96
N VAL A 509 -4.37 -19.78 -39.66
CA VAL A 509 -3.59 -18.56 -39.56
C VAL A 509 -3.04 -18.25 -40.94
N LYS A 510 -3.74 -17.37 -41.66
CA LYS A 510 -3.52 -17.15 -43.09
C LYS A 510 -2.16 -16.58 -43.52
N MET A 511 -1.45 -15.91 -42.63
CA MET A 511 -0.14 -15.37 -42.98
C MET A 511 -0.17 -14.59 -44.31
N LEU A 512 -1.13 -13.67 -44.43
CA LEU A 512 -1.32 -12.88 -45.65
C LEU A 512 -0.18 -11.89 -45.89
N PRO A 513 0.27 -11.79 -47.15
CA PRO A 513 1.34 -10.87 -47.50
C PRO A 513 0.84 -9.42 -47.64
N SER A 514 1.60 -8.48 -47.09
CA SER A 514 1.22 -7.08 -47.10
C SER A 514 1.82 -6.35 -48.28
N PHE A 515 2.93 -6.89 -48.79
CA PHE A 515 3.67 -6.28 -49.90
C PHE A 515 4.46 -5.06 -49.47
N VAL A 516 4.55 -4.86 -48.16
CA VAL A 516 5.47 -3.88 -47.61
C VAL A 516 6.77 -4.64 -47.39
N ARG A 517 7.82 -4.26 -48.10
CA ARG A 517 9.05 -5.04 -48.07
C ARG A 517 10.12 -4.50 -47.12
N ARG A 518 9.97 -3.25 -46.70
CA ARG A 518 10.94 -2.68 -45.77
C ARG A 518 10.32 -1.56 -44.94
N THR A 519 10.94 -1.28 -43.80
CA THR A 519 10.53 -0.20 -42.94
C THR A 519 11.01 1.11 -43.53
N PRO A 520 10.49 2.24 -43.04
CA PRO A 520 10.85 3.55 -43.59
C PRO A 520 12.36 3.69 -43.79
N ASP A 521 12.76 4.08 -44.99
CA ASP A 521 14.17 4.25 -45.32
C ASP A 521 14.57 5.73 -45.27
N GLY A 522 13.65 6.58 -44.85
CA GLY A 522 13.94 8.00 -44.65
C GLY A 522 13.88 8.88 -45.89
N THR A 523 13.50 8.31 -47.03
CA THR A 523 13.40 9.11 -48.24
C THR A 523 11.97 9.53 -48.51
N GLU A 524 11.03 8.83 -47.90
CA GLU A 524 9.62 9.16 -48.07
C GLU A 524 9.43 10.67 -47.99
N ASN A 525 8.57 11.19 -48.86
CA ASN A 525 8.32 12.63 -48.91
C ASN A 525 7.02 12.89 -49.65
N GLY A 526 6.27 13.91 -49.24
CA GLY A 526 5.06 14.28 -49.94
C GLY A 526 3.82 14.48 -49.09
N ASP A 527 2.68 14.64 -49.76
CA ASP A 527 1.39 14.81 -49.09
C ASP A 527 0.46 13.65 -49.44
N PHE A 528 -0.10 13.00 -48.44
CA PHE A 528 -0.96 11.85 -48.68
C PHE A 528 -2.27 11.91 -47.90
N LEU A 529 -3.34 11.43 -48.52
CA LEU A 529 -4.60 11.25 -47.81
C LEU A 529 -4.59 9.86 -47.18
N ALA A 530 -5.41 9.66 -46.16
CA ALA A 530 -5.46 8.36 -45.52
C ALA A 530 -6.83 8.06 -44.93
N LEU A 531 -7.13 6.77 -44.88
CA LEU A 531 -8.37 6.26 -44.30
C LEU A 531 -8.01 5.28 -43.20
N ASP A 532 -8.77 5.33 -42.11
CA ASP A 532 -8.57 4.42 -41.00
C ASP A 532 -9.93 3.80 -40.71
N LEU A 533 -10.11 2.56 -41.14
CA LEU A 533 -11.41 1.90 -41.01
C LEU A 533 -11.28 0.52 -40.38
N GLY A 534 -12.08 0.25 -39.35
CA GLY A 534 -12.04 -1.06 -38.70
C GLY A 534 -11.89 -1.01 -37.19
N GLY A 535 -11.24 0.02 -36.68
CA GLY A 535 -11.09 0.22 -35.24
C GLY A 535 -12.37 0.77 -34.62
N THR A 536 -12.25 1.48 -33.50
CA THR A 536 -13.44 2.08 -32.88
C THR A 536 -13.84 3.36 -33.58
N ASN A 537 -12.86 4.11 -34.07
CA ASN A 537 -13.12 5.35 -34.75
C ASN A 537 -12.63 5.34 -36.19
N PHE A 538 -13.56 5.57 -37.10
CA PHE A 538 -13.21 5.70 -38.51
C PHE A 538 -12.84 7.15 -38.77
N ARG A 539 -11.71 7.37 -39.42
CA ARG A 539 -11.33 8.75 -39.73
C ARG A 539 -10.58 8.89 -41.05
N VAL A 540 -10.49 10.13 -41.51
CA VAL A 540 -9.75 10.47 -42.73
C VAL A 540 -8.59 11.34 -42.30
N LEU A 541 -7.42 11.14 -42.89
CA LEU A 541 -6.25 11.91 -42.47
C LEU A 541 -5.52 12.56 -43.62
N LEU A 542 -4.78 13.61 -43.28
CA LEU A 542 -3.88 14.26 -44.21
C LEU A 542 -2.51 14.20 -43.58
N VAL A 543 -1.55 13.64 -44.30
CA VAL A 543 -0.22 13.48 -43.75
C VAL A 543 0.85 14.05 -44.68
N LYS A 544 1.57 15.04 -44.19
CA LYS A 544 2.65 15.65 -44.94
C LYS A 544 3.98 15.24 -44.32
N ILE A 545 4.80 14.55 -45.11
CA ILE A 545 6.11 14.10 -44.66
C ILE A 545 7.22 14.78 -45.46
N ARG A 546 8.22 15.30 -44.76
CA ARG A 546 9.35 15.95 -45.41
C ARG A 546 10.64 15.31 -44.96
N SER A 547 11.35 14.69 -45.90
CA SER A 547 12.62 14.04 -45.60
C SER A 547 13.77 15.05 -45.62
N GLY A 548 14.99 14.54 -45.62
CA GLY A 548 16.17 15.41 -45.65
C GLY A 548 16.79 15.60 -44.29
N LYS A 549 17.70 16.57 -44.19
CA LYS A 549 18.39 16.85 -42.94
C LYS A 549 17.39 17.12 -41.84
N LYS A 550 16.51 18.09 -42.09
CA LYS A 550 15.44 18.44 -41.16
C LYS A 550 14.16 17.79 -41.66
N ARG A 551 13.86 16.59 -41.14
CA ARG A 551 12.71 15.82 -41.56
C ARG A 551 11.52 16.07 -40.64
N THR A 552 10.33 16.21 -41.22
CA THR A 552 9.14 16.50 -40.42
C THR A 552 7.92 15.68 -40.83
N VAL A 553 6.97 15.60 -39.91
CA VAL A 553 5.71 14.94 -40.13
C VAL A 553 4.60 15.82 -39.60
N GLU A 554 3.59 16.06 -40.43
CA GLU A 554 2.47 16.90 -40.04
C GLU A 554 1.17 16.24 -40.45
N MET A 555 0.28 16.04 -39.49
CA MET A 555 -0.99 15.40 -39.83
C MET A 555 -2.22 16.02 -39.19
N HIS A 556 -3.34 15.84 -39.86
CA HIS A 556 -4.64 16.28 -39.41
C HIS A 556 -5.59 15.14 -39.66
N ASN A 557 -6.68 15.09 -38.91
CA ASN A 557 -7.68 14.06 -39.13
C ASN A 557 -9.00 14.45 -38.52
N LYS A 558 -10.05 13.76 -38.93
CA LYS A 558 -11.38 13.99 -38.38
C LYS A 558 -12.09 12.66 -38.27
N ILE A 559 -12.76 12.45 -37.14
CA ILE A 559 -13.51 11.24 -36.92
C ILE A 559 -14.89 11.37 -37.53
N TYR A 560 -15.29 10.38 -38.30
CA TYR A 560 -16.62 10.36 -38.88
C TYR A 560 -17.37 9.15 -38.34
N ALA A 561 -18.60 9.36 -37.89
CA ALA A 561 -19.37 8.27 -37.30
C ALA A 561 -19.96 7.39 -38.38
N ILE A 562 -20.11 6.09 -38.09
CA ILE A 562 -20.77 5.21 -39.04
C ILE A 562 -21.99 4.54 -38.46
N PRO A 563 -23.16 4.98 -38.94
CA PRO A 563 -24.50 4.67 -38.52
C PRO A 563 -24.84 3.19 -38.59
N ILE A 564 -25.78 2.82 -37.75
CA ILE A 564 -26.13 1.43 -37.54
C ILE A 564 -26.55 0.79 -38.84
N GLU A 565 -27.39 1.49 -39.59
CA GLU A 565 -27.83 0.95 -40.86
C GLU A 565 -26.60 0.61 -41.69
N ILE A 566 -25.73 1.59 -41.86
CA ILE A 566 -24.62 1.51 -42.81
C ILE A 566 -23.62 0.39 -42.49
N MET A 567 -23.24 0.27 -41.23
CA MET A 567 -22.22 -0.68 -40.83
C MET A 567 -22.60 -2.12 -41.17
N GLN A 568 -23.88 -2.41 -41.03
CA GLN A 568 -24.44 -3.59 -41.65
C GLN A 568 -25.47 -3.02 -42.59
N GLY A 569 -25.32 -3.37 -43.87
CA GLY A 569 -25.99 -2.59 -44.94
C GLY A 569 -25.40 -3.14 -46.21
N THR A 570 -25.35 -2.32 -47.24
CA THR A 570 -24.87 -2.77 -48.52
C THR A 570 -23.52 -2.13 -48.78
N GLY A 571 -22.62 -2.88 -49.39
CA GLY A 571 -21.29 -2.35 -49.71
C GLY A 571 -21.38 -0.97 -50.36
N GLU A 572 -22.15 -0.86 -51.43
CA GLU A 572 -22.30 0.43 -52.09
C GLU A 572 -22.61 1.51 -51.07
N GLU A 573 -23.59 1.24 -50.21
CA GLU A 573 -23.96 2.17 -49.16
C GLU A 573 -22.74 2.56 -48.33
N LEU A 574 -22.03 1.55 -47.83
CA LEU A 574 -20.88 1.76 -46.96
C LEU A 574 -19.81 2.63 -47.61
N PHE A 575 -19.42 2.28 -48.83
CA PHE A 575 -18.36 3.03 -49.52
C PHE A 575 -18.83 4.38 -50.03
N ASP A 576 -20.14 4.55 -50.19
CA ASP A 576 -20.68 5.84 -50.57
C ASP A 576 -20.55 6.78 -49.38
N HIS A 577 -20.80 6.24 -48.20
CA HIS A 577 -20.66 6.99 -46.97
C HIS A 577 -19.21 7.40 -46.77
N ILE A 578 -18.30 6.46 -47.01
CA ILE A 578 -16.88 6.69 -46.87
C ILE A 578 -16.40 7.83 -47.78
N VAL A 579 -16.72 7.72 -49.07
CA VAL A 579 -16.29 8.73 -50.03
C VAL A 579 -16.89 10.09 -49.67
N SER A 580 -18.12 10.06 -49.17
CA SER A 580 -18.78 11.28 -48.74
C SER A 580 -17.99 11.94 -47.62
N CYS A 581 -17.46 11.12 -46.72
CA CYS A 581 -16.65 11.62 -45.61
C CYS A 581 -15.33 12.16 -46.14
N ILE A 582 -14.81 11.53 -47.19
CA ILE A 582 -13.58 11.99 -47.81
C ILE A 582 -13.80 13.38 -48.42
N SER A 583 -14.95 13.54 -49.09
CA SER A 583 -15.28 14.81 -49.70
C SER A 583 -15.27 15.92 -48.65
N ASP A 584 -16.01 15.71 -47.57
CA ASP A 584 -16.11 16.69 -46.50
C ASP A 584 -14.73 17.06 -45.96
N PHE A 585 -13.89 16.05 -45.77
CA PHE A 585 -12.56 16.25 -45.24
C PHE A 585 -11.71 17.11 -46.17
N LEU A 586 -11.89 16.92 -47.47
CA LEU A 586 -11.17 17.71 -48.47
C LEU A 586 -11.52 19.19 -48.33
N ASP A 587 -12.82 19.48 -48.20
CA ASP A 587 -13.28 20.84 -47.97
C ASP A 587 -12.68 21.34 -46.66
N TYR A 588 -12.80 20.50 -45.63
CA TYR A 588 -12.32 20.79 -44.28
C TYR A 588 -10.84 21.20 -44.27
N MET A 589 -10.05 20.54 -45.11
CA MET A 589 -8.62 20.84 -45.17
C MET A 589 -8.33 21.88 -46.22
N GLY A 590 -9.38 22.36 -46.89
CA GLY A 590 -9.24 23.37 -47.94
C GLY A 590 -8.34 22.91 -49.07
N ILE A 591 -8.48 21.65 -49.45
CA ILE A 591 -7.61 21.08 -50.46
C ILE A 591 -8.36 20.36 -51.56
N LYS A 592 -9.59 20.76 -51.81
CA LYS A 592 -10.36 20.03 -52.80
C LYS A 592 -9.83 20.21 -54.23
N GLY A 593 -9.72 19.09 -54.95
CA GLY A 593 -9.51 19.14 -56.43
C GLY A 593 -8.20 18.57 -57.05
N PRO A 594 -7.07 18.71 -56.35
CA PRO A 594 -5.86 18.04 -56.83
C PRO A 594 -6.09 16.53 -56.77
N ARG A 595 -5.36 15.75 -57.56
CA ARG A 595 -5.50 14.31 -57.45
C ARG A 595 -4.48 13.80 -56.45
N MET A 596 -4.94 13.34 -55.29
CA MET A 596 -4.01 12.94 -54.24
C MET A 596 -3.88 11.43 -54.07
N PRO A 597 -2.68 10.97 -53.69
CA PRO A 597 -2.41 9.57 -53.42
C PRO A 597 -3.02 9.17 -52.08
N LEU A 598 -3.70 8.03 -52.04
CA LEU A 598 -4.43 7.65 -50.84
C LEU A 598 -3.99 6.32 -50.25
N GLY A 599 -3.72 6.33 -48.95
CA GLY A 599 -3.41 5.12 -48.21
C GLY A 599 -4.65 4.68 -47.46
N PHE A 600 -5.08 3.45 -47.69
CA PHE A 600 -6.33 2.95 -47.12
C PHE A 600 -6.09 1.88 -46.05
N THR A 601 -6.13 2.29 -44.79
CA THR A 601 -5.98 1.33 -43.68
C THR A 601 -7.30 0.61 -43.43
N PHE A 602 -7.35 -0.66 -43.79
CA PHE A 602 -8.58 -1.46 -43.73
C PHE A 602 -8.33 -2.68 -42.84
N SER A 603 -8.72 -2.57 -41.57
CA SER A 603 -8.45 -3.60 -40.56
C SER A 603 -9.30 -4.85 -40.72
N PHE A 604 -9.04 -5.61 -41.79
CA PHE A 604 -9.76 -6.84 -42.07
C PHE A 604 -8.89 -7.71 -42.95
N PRO A 605 -9.02 -9.03 -42.83
CA PRO A 605 -8.20 -9.96 -43.61
C PRO A 605 -8.41 -9.82 -45.12
N CYS A 606 -7.35 -9.43 -45.83
CA CYS A 606 -7.42 -9.25 -47.28
C CYS A 606 -6.36 -10.06 -48.02
N GLN A 607 -6.79 -10.73 -49.08
CA GLN A 607 -5.85 -11.41 -49.96
C GLN A 607 -5.34 -10.36 -50.96
N GLN A 608 -4.04 -10.10 -50.95
CA GLN A 608 -3.47 -9.08 -51.82
C GLN A 608 -2.54 -9.68 -52.87
N THR A 609 -2.66 -9.21 -54.10
CA THR A 609 -1.80 -9.65 -55.18
C THR A 609 -0.80 -8.54 -55.48
N SER A 610 -1.03 -7.39 -54.84
CA SER A 610 -0.17 -6.22 -54.99
C SER A 610 -0.54 -5.24 -53.88
N LEU A 611 0.29 -4.22 -53.70
CA LEU A 611 0.04 -3.24 -52.66
C LEU A 611 -1.33 -2.57 -52.80
N ASP A 612 -1.80 -2.41 -54.02
CA ASP A 612 -3.02 -1.63 -54.22
C ASP A 612 -4.27 -2.47 -54.48
N ALA A 613 -4.17 -3.78 -54.32
CA ALA A 613 -5.34 -4.62 -54.51
C ALA A 613 -5.54 -5.47 -53.27
N GLY A 614 -6.73 -5.42 -52.70
CA GLY A 614 -7.01 -6.24 -51.53
C GLY A 614 -8.41 -6.78 -51.61
N ILE A 615 -8.56 -8.11 -51.55
CA ILE A 615 -9.87 -8.66 -51.63
C ILE A 615 -10.27 -9.10 -50.24
N LEU A 616 -11.44 -8.66 -49.81
CA LEU A 616 -11.86 -8.96 -48.47
C LEU A 616 -12.15 -10.44 -48.35
N ILE A 617 -11.44 -11.12 -47.46
CA ILE A 617 -11.61 -12.56 -47.24
C ILE A 617 -12.84 -12.87 -46.41
N THR A 618 -13.07 -12.08 -45.36
CA THR A 618 -14.21 -12.27 -44.46
C THR A 618 -14.30 -11.10 -43.50
N TRP A 619 -15.52 -10.75 -43.08
CA TRP A 619 -15.71 -9.70 -42.09
C TRP A 619 -15.29 -10.21 -40.71
N THR A 620 -14.80 -9.31 -39.87
CA THR A 620 -14.49 -9.68 -38.50
C THR A 620 -15.03 -8.59 -37.58
N LYS A 621 -14.98 -8.83 -36.28
CA LYS A 621 -15.50 -7.86 -35.33
C LYS A 621 -16.98 -7.60 -35.59
N GLY A 622 -17.35 -6.33 -35.70
CA GLY A 622 -18.76 -5.98 -35.78
C GLY A 622 -19.30 -5.65 -37.15
N PHE A 623 -18.49 -5.83 -38.17
CA PHE A 623 -18.85 -5.36 -39.50
C PHE A 623 -19.46 -6.47 -40.34
N LYS A 624 -20.59 -6.16 -40.98
CA LYS A 624 -21.18 -7.14 -41.89
C LYS A 624 -21.89 -6.52 -43.08
N ALA A 625 -21.19 -5.72 -43.88
CA ALA A 625 -21.83 -5.15 -45.06
C ALA A 625 -22.02 -6.23 -46.13
N THR A 626 -23.15 -6.19 -46.81
CA THR A 626 -23.42 -7.16 -47.85
C THR A 626 -22.61 -6.86 -49.11
N ASP A 627 -22.35 -7.91 -49.88
CA ASP A 627 -21.62 -7.78 -51.13
C ASP A 627 -20.31 -7.03 -50.98
N CYS A 628 -19.48 -7.50 -50.05
CA CYS A 628 -18.16 -6.93 -49.82
C CYS A 628 -17.14 -8.06 -49.81
N VAL A 629 -17.47 -9.14 -49.13
CA VAL A 629 -16.61 -10.31 -49.09
C VAL A 629 -16.40 -10.86 -50.50
N GLY A 630 -15.16 -11.09 -50.87
CA GLY A 630 -14.85 -11.61 -52.20
C GLY A 630 -14.52 -10.51 -53.19
N HIS A 631 -14.89 -9.28 -52.86
CA HIS A 631 -14.58 -8.14 -53.71
C HIS A 631 -13.25 -7.52 -53.31
N ASP A 632 -12.70 -6.71 -54.21
CA ASP A 632 -11.49 -5.96 -53.92
C ASP A 632 -11.93 -4.63 -53.34
N VAL A 633 -11.51 -4.34 -52.12
CA VAL A 633 -11.98 -3.14 -51.42
C VAL A 633 -11.52 -1.85 -52.11
N VAL A 634 -10.41 -1.93 -52.84
CA VAL A 634 -9.92 -0.78 -53.60
C VAL A 634 -10.85 -0.48 -54.77
N THR A 635 -11.34 -1.53 -55.39
CA THR A 635 -12.31 -1.37 -56.47
C THR A 635 -13.57 -0.74 -55.90
N LEU A 636 -14.13 -1.35 -54.86
CA LEU A 636 -15.32 -0.84 -54.22
C LEU A 636 -15.20 0.65 -53.89
N LEU A 637 -14.01 1.06 -53.45
CA LEU A 637 -13.75 2.45 -53.12
C LEU A 637 -13.70 3.30 -54.39
N ARG A 638 -12.97 2.83 -55.38
CA ARG A 638 -12.87 3.53 -56.66
C ARG A 638 -14.24 3.76 -57.28
N ASP A 639 -15.13 2.77 -57.16
CA ASP A 639 -16.48 2.89 -57.69
C ASP A 639 -17.25 4.01 -57.00
N ALA A 640 -17.22 4.03 -55.67
CA ALA A 640 -17.91 5.04 -54.90
C ALA A 640 -17.40 6.43 -55.29
N ILE A 641 -16.12 6.51 -55.59
CA ILE A 641 -15.52 7.76 -56.03
C ILE A 641 -16.05 8.12 -57.42
N LYS A 642 -16.11 7.12 -58.30
CA LYS A 642 -16.66 7.32 -59.63
C LYS A 642 -18.10 7.75 -59.53
N ARG A 643 -18.87 7.02 -58.73
CA ARG A 643 -20.29 7.26 -58.65
C ARG A 643 -20.62 8.67 -58.22
N ARG A 644 -19.88 9.18 -57.25
CA ARG A 644 -20.11 10.55 -56.79
C ARG A 644 -19.67 11.55 -57.84
N GLU A 645 -18.57 11.24 -58.51
CA GLU A 645 -18.07 12.07 -59.59
C GLU A 645 -17.84 13.52 -59.15
N GLU A 646 -17.31 13.69 -57.94
CA GLU A 646 -16.98 15.03 -57.50
C GLU A 646 -15.49 15.29 -57.69
N PHE A 647 -14.68 14.59 -56.91
CA PHE A 647 -13.23 14.66 -57.00
C PHE A 647 -12.71 13.32 -57.50
N ASP A 648 -11.40 13.22 -57.68
CA ASP A 648 -10.78 11.98 -58.09
C ASP A 648 -9.52 11.70 -57.28
N LEU A 649 -9.36 10.45 -56.85
CA LEU A 649 -8.18 10.07 -56.07
C LEU A 649 -7.36 8.99 -56.75
N ASP A 650 -6.15 8.79 -56.23
CA ASP A 650 -5.25 7.77 -56.71
C ASP A 650 -4.94 6.83 -55.55
N VAL A 651 -5.82 5.87 -55.31
CA VAL A 651 -5.63 4.93 -54.21
C VAL A 651 -4.39 4.07 -54.46
N VAL A 652 -3.32 4.38 -53.73
CA VAL A 652 -2.03 3.71 -53.92
C VAL A 652 -1.87 2.43 -53.10
N ALA A 653 -2.57 2.33 -51.97
CA ALA A 653 -2.34 1.19 -51.10
C ALA A 653 -3.48 0.84 -50.15
N VAL A 654 -3.58 -0.44 -49.83
CA VAL A 654 -4.48 -0.93 -48.80
C VAL A 654 -3.59 -1.56 -47.74
N VAL A 655 -3.87 -1.24 -46.48
CA VAL A 655 -2.99 -1.64 -45.39
C VAL A 655 -3.75 -2.06 -44.14
N ASN A 656 -3.29 -3.14 -43.51
CA ASN A 656 -3.86 -3.59 -42.25
C ASN A 656 -3.33 -2.74 -41.11
N ASP A 657 -4.15 -2.49 -40.08
CA ASP A 657 -3.73 -1.63 -38.98
C ASP A 657 -2.46 -2.12 -38.29
N THR A 658 -2.25 -3.44 -38.27
CA THR A 658 -1.04 -3.98 -37.68
C THR A 658 0.18 -3.43 -38.40
N VAL A 659 0.18 -3.61 -39.72
CA VAL A 659 1.26 -3.15 -40.57
C VAL A 659 1.43 -1.63 -40.47
N GLY A 660 0.32 -0.90 -40.53
CA GLY A 660 0.37 0.55 -40.38
C GLY A 660 1.04 0.92 -39.07
N THR A 661 0.69 0.18 -38.02
CA THR A 661 1.23 0.41 -36.69
C THR A 661 2.72 0.15 -36.63
N MET A 662 3.15 -0.94 -37.26
CA MET A 662 4.56 -1.27 -37.29
C MET A 662 5.35 -0.18 -38.00
N MET A 663 4.84 0.28 -39.13
CA MET A 663 5.50 1.32 -39.92
C MET A 663 5.54 2.65 -39.19
N THR A 664 4.44 2.98 -38.52
CA THR A 664 4.36 4.20 -37.73
C THR A 664 5.51 4.23 -36.73
N CYS A 665 5.72 3.08 -36.10
CA CYS A 665 6.69 2.97 -35.03
C CYS A 665 8.12 2.78 -35.56
N ALA A 666 8.24 2.24 -36.77
CA ALA A 666 9.54 2.06 -37.39
C ALA A 666 10.13 3.41 -37.82
N TYR A 667 9.25 4.34 -38.22
CA TYR A 667 9.68 5.66 -38.66
C TYR A 667 10.86 6.18 -37.85
N GLU A 668 10.78 6.05 -36.54
CA GLU A 668 11.84 6.54 -35.65
C GLU A 668 12.60 5.41 -34.97
N GLU A 669 11.97 4.25 -34.87
CA GLU A 669 12.57 3.11 -34.20
C GLU A 669 12.87 1.98 -35.19
N PRO A 670 14.07 1.98 -35.77
CA PRO A 670 14.49 1.03 -36.80
C PRO A 670 14.62 -0.43 -36.31
N THR A 671 14.61 -0.64 -35.00
CA THR A 671 14.65 -2.00 -34.48
C THR A 671 13.26 -2.65 -34.52
N CYS A 672 12.26 -1.87 -34.90
CA CYS A 672 10.88 -2.36 -34.91
C CYS A 672 10.56 -3.19 -36.16
N GLU A 673 10.12 -4.42 -35.95
CA GLU A 673 9.79 -5.32 -37.05
C GLU A 673 8.54 -6.13 -36.78
N VAL A 674 7.78 -5.70 -35.77
CA VAL A 674 6.56 -6.39 -35.38
C VAL A 674 5.44 -5.39 -35.11
N GLY A 675 4.23 -5.74 -35.53
CA GLY A 675 3.06 -4.91 -35.25
C GLY A 675 2.02 -5.65 -34.42
N LEU A 676 1.54 -5.02 -33.36
CA LEU A 676 0.54 -5.63 -32.49
C LEU A 676 -0.66 -4.72 -32.22
N ILE A 677 -1.86 -5.27 -32.38
CA ILE A 677 -3.09 -4.56 -32.09
C ILE A 677 -3.91 -5.32 -31.05
N VAL A 678 -4.27 -4.63 -29.97
CA VAL A 678 -5.16 -5.19 -28.96
C VAL A 678 -6.21 -4.14 -28.59
N GLY A 679 -7.20 -4.01 -29.47
CA GLY A 679 -8.30 -3.08 -29.25
C GLY A 679 -9.60 -3.83 -29.46
N THR A 680 -10.44 -3.33 -30.36
CA THR A 680 -11.70 -4.00 -30.68
C THR A 680 -11.38 -5.45 -31.03
N GLY A 681 -10.42 -5.64 -31.91
CA GLY A 681 -9.95 -6.97 -32.28
C GLY A 681 -8.51 -7.11 -31.83
N SER A 682 -7.88 -8.24 -32.18
CA SER A 682 -6.48 -8.45 -31.89
C SER A 682 -5.80 -9.17 -33.02
N ASN A 683 -4.63 -8.67 -33.43
CA ASN A 683 -3.91 -9.22 -34.56
C ASN A 683 -2.45 -8.77 -34.51
N ALA A 684 -1.61 -9.39 -35.34
CA ALA A 684 -0.18 -9.06 -35.34
C ALA A 684 0.47 -9.24 -36.72
N CYS A 685 1.60 -8.57 -36.91
CA CYS A 685 2.34 -8.65 -38.17
C CYS A 685 3.84 -8.59 -37.87
N TYR A 686 4.65 -9.16 -38.77
CA TYR A 686 6.09 -9.14 -38.59
C TYR A 686 6.80 -9.30 -39.91
N MET A 687 8.08 -8.93 -39.95
CA MET A 687 8.90 -9.04 -41.16
C MET A 687 9.38 -10.47 -41.35
N GLU A 688 8.96 -11.10 -42.45
CA GLU A 688 9.34 -12.47 -42.74
C GLU A 688 10.30 -12.52 -43.94
N GLU A 689 11.17 -13.53 -43.97
CA GLU A 689 12.08 -13.71 -45.10
C GLU A 689 11.32 -14.24 -46.30
N MET A 690 11.49 -13.59 -47.46
CA MET A 690 10.78 -13.99 -48.68
C MET A 690 10.92 -15.48 -49.00
N LYS A 691 12.08 -16.05 -48.70
CA LYS A 691 12.28 -17.47 -48.97
C LYS A 691 11.24 -18.30 -48.21
N ASN A 692 10.63 -17.70 -47.20
CA ASN A 692 9.64 -18.41 -46.39
C ASN A 692 8.20 -18.12 -46.80
N VAL A 693 7.98 -17.00 -47.47
CA VAL A 693 6.65 -16.67 -47.95
C VAL A 693 6.41 -17.38 -49.27
N GLU A 694 6.17 -18.68 -49.18
CA GLU A 694 5.97 -19.51 -50.37
C GLU A 694 4.78 -19.05 -51.22
N MET A 695 3.94 -18.17 -50.70
CA MET A 695 2.77 -17.73 -51.45
C MET A 695 3.07 -16.55 -52.35
N VAL A 696 4.25 -15.99 -52.22
CA VAL A 696 4.68 -14.90 -53.08
C VAL A 696 5.99 -15.27 -53.75
N GLU A 697 5.97 -15.34 -55.08
CA GLU A 697 7.15 -15.72 -55.85
C GLU A 697 8.32 -14.79 -55.56
N GLY A 698 9.48 -15.37 -55.31
CA GLY A 698 10.68 -14.60 -54.99
C GLY A 698 11.24 -15.06 -53.65
N ASP A 699 12.53 -14.90 -53.45
CA ASP A 699 13.16 -15.35 -52.22
C ASP A 699 14.26 -14.40 -51.76
N GLN A 700 14.24 -13.18 -52.27
CA GLN A 700 15.19 -12.15 -51.87
C GLN A 700 14.50 -11.10 -50.99
N GLY A 701 15.19 -10.68 -49.92
CA GLY A 701 14.66 -9.64 -49.04
C GLY A 701 13.59 -10.11 -48.08
N GLN A 702 12.69 -9.19 -47.73
CA GLN A 702 11.66 -9.46 -46.75
C GLN A 702 10.29 -8.98 -47.17
N MET A 703 9.29 -9.45 -46.43
CA MET A 703 7.90 -9.11 -46.66
C MET A 703 7.21 -9.05 -45.31
N CYS A 704 6.48 -7.97 -45.06
CA CYS A 704 5.71 -7.88 -43.83
C CYS A 704 4.46 -8.75 -43.95
N ILE A 705 4.29 -9.66 -42.99
CA ILE A 705 3.19 -10.62 -43.03
C ILE A 705 2.07 -10.26 -42.06
N ASN A 706 0.89 -9.96 -42.60
CA ASN A 706 -0.30 -9.79 -41.78
C ASN A 706 -0.81 -11.16 -41.37
N MET A 707 -0.50 -11.56 -40.14
CA MET A 707 -0.80 -12.91 -39.65
C MET A 707 -2.28 -13.26 -39.59
N GLU A 708 -3.11 -12.30 -39.17
CA GLU A 708 -4.51 -12.59 -38.89
C GLU A 708 -4.62 -13.71 -37.87
N TRP A 709 -3.94 -13.54 -36.73
CA TRP A 709 -3.86 -14.61 -35.75
C TRP A 709 -5.14 -14.80 -34.92
N GLY A 710 -6.09 -13.89 -35.11
CA GLY A 710 -7.36 -13.98 -34.42
C GLY A 710 -8.07 -15.28 -34.75
N ALA A 711 -7.79 -15.80 -35.94
CA ALA A 711 -8.45 -17.03 -36.43
C ALA A 711 -7.79 -18.30 -35.88
N PHE A 712 -6.70 -18.12 -35.15
CA PHE A 712 -6.05 -19.21 -34.43
C PHE A 712 -7.14 -19.87 -33.60
N GLY A 713 -7.17 -21.20 -33.62
CA GLY A 713 -8.16 -21.93 -32.82
C GLY A 713 -9.42 -22.27 -33.59
N ASP A 714 -9.57 -21.72 -34.79
CA ASP A 714 -10.76 -21.96 -35.59
C ASP A 714 -10.82 -23.39 -36.12
N ASN A 715 -9.68 -24.07 -36.11
CA ASN A 715 -9.62 -25.48 -36.50
C ASN A 715 -9.71 -26.38 -35.28
N GLY A 716 -10.02 -25.79 -34.14
CA GLY A 716 -10.19 -26.53 -32.90
C GLY A 716 -8.93 -26.76 -32.07
N CYS A 717 -7.80 -26.22 -32.51
CA CYS A 717 -6.54 -26.47 -31.82
C CYS A 717 -6.45 -25.80 -30.44
N LEU A 718 -7.55 -25.20 -30.00
CA LEU A 718 -7.59 -24.58 -28.68
C LEU A 718 -8.80 -25.07 -27.87
N ASP A 719 -9.60 -25.95 -28.46
CA ASP A 719 -10.78 -26.48 -27.76
C ASP A 719 -10.30 -26.94 -26.38
N ASP A 720 -9.01 -27.22 -26.35
CA ASP A 720 -8.28 -27.65 -25.18
C ASP A 720 -8.47 -26.70 -23.99
N ILE A 721 -8.53 -25.39 -24.27
CA ILE A 721 -8.58 -24.42 -23.18
C ILE A 721 -9.78 -23.47 -23.22
N ARG A 722 -10.60 -23.54 -24.26
CA ARG A 722 -11.79 -22.70 -24.30
C ARG A 722 -12.81 -23.26 -23.30
N THR A 723 -13.55 -22.35 -22.64
CA THR A 723 -14.48 -22.76 -21.62
C THR A 723 -15.93 -22.66 -22.07
N HIS A 724 -16.83 -23.09 -21.19
CA HIS A 724 -18.25 -22.98 -21.42
C HIS A 724 -18.60 -21.54 -21.79
N TYR A 725 -17.99 -20.59 -21.10
CA TYR A 725 -18.26 -19.17 -21.34
C TYR A 725 -17.70 -18.66 -22.65
N ASP A 726 -16.58 -19.23 -23.09
CA ASP A 726 -15.98 -18.82 -24.36
C ASP A 726 -16.89 -19.27 -25.50
N ARG A 727 -17.39 -20.50 -25.40
CA ARG A 727 -18.27 -21.05 -26.42
C ARG A 727 -19.56 -20.24 -26.56
N LEU A 728 -20.16 -19.86 -25.44
CA LEU A 728 -21.36 -19.00 -25.48
C LEU A 728 -21.12 -17.70 -26.26
N VAL A 729 -20.03 -17.02 -25.94
CA VAL A 729 -19.72 -15.76 -26.61
C VAL A 729 -19.52 -15.97 -28.10
N ASP A 730 -18.78 -17.00 -28.46
CA ASP A 730 -18.55 -17.32 -29.86
C ASP A 730 -19.87 -17.68 -30.53
N GLU A 731 -20.62 -18.54 -29.87
CA GLU A 731 -21.88 -19.04 -30.42
C GLU A 731 -22.91 -17.94 -30.66
N TYR A 732 -22.83 -16.84 -29.90
CA TYR A 732 -23.80 -15.76 -30.04
C TYR A 732 -23.27 -14.57 -30.85
N SER A 733 -22.05 -14.69 -31.36
CA SER A 733 -21.41 -13.60 -32.10
C SER A 733 -21.87 -13.55 -33.55
N LEU A 734 -21.52 -12.46 -34.24
CA LEU A 734 -21.86 -12.28 -35.64
C LEU A 734 -21.08 -13.24 -36.54
N ASN A 735 -20.11 -13.94 -35.96
CA ASN A 735 -19.25 -14.83 -36.73
C ASN A 735 -18.91 -16.11 -35.98
N ALA A 736 -19.94 -16.87 -35.63
CA ALA A 736 -19.78 -18.08 -34.85
C ALA A 736 -18.75 -19.03 -35.43
N GLY A 737 -17.84 -19.52 -34.59
CA GLY A 737 -16.83 -20.47 -35.02
C GLY A 737 -15.56 -19.82 -35.54
N LYS A 738 -15.60 -18.51 -35.76
CA LYS A 738 -14.43 -17.80 -36.28
C LYS A 738 -13.79 -16.86 -35.27
N GLN A 739 -12.52 -16.54 -35.50
CA GLN A 739 -11.75 -15.62 -34.66
C GLN A 739 -11.75 -16.03 -33.19
N ARG A 740 -11.67 -17.32 -32.92
CA ARG A 740 -11.75 -17.82 -31.54
C ARG A 740 -10.65 -17.30 -30.61
N TYR A 741 -9.43 -17.23 -31.11
CA TYR A 741 -8.30 -16.74 -30.32
C TYR A 741 -8.54 -15.27 -29.93
N GLU A 742 -8.96 -14.48 -30.91
CA GLU A 742 -9.24 -13.06 -30.70
C GLU A 742 -10.41 -12.86 -29.73
N LYS A 743 -11.38 -13.78 -29.80
CA LYS A 743 -12.54 -13.69 -28.94
C LYS A 743 -12.18 -13.99 -27.49
N MET A 744 -10.94 -14.43 -27.28
CA MET A 744 -10.44 -14.67 -25.93
C MET A 744 -9.47 -13.57 -25.51
N ILE A 745 -9.35 -12.51 -26.32
CA ILE A 745 -8.34 -11.49 -26.06
C ILE A 745 -8.81 -10.03 -26.12
N SER A 746 -9.55 -9.66 -27.17
CA SER A 746 -9.84 -8.26 -27.46
C SER A 746 -11.01 -7.62 -26.69
N GLY A 747 -11.03 -6.29 -26.69
CA GLY A 747 -12.01 -5.50 -25.95
C GLY A 747 -13.46 -5.71 -26.33
N MET A 748 -13.71 -6.20 -27.53
CA MET A 748 -15.07 -6.42 -27.97
C MET A 748 -15.69 -7.63 -27.28
N TYR A 749 -14.85 -8.52 -26.76
CA TYR A 749 -15.33 -9.81 -26.25
C TYR A 749 -15.10 -10.10 -24.77
N LEU A 750 -14.03 -9.55 -24.20
CA LEU A 750 -13.73 -9.85 -22.80
C LEU A 750 -14.96 -9.62 -21.95
N GLY A 751 -15.62 -8.49 -22.16
CA GLY A 751 -16.77 -8.12 -21.37
C GLY A 751 -17.87 -9.16 -21.45
N GLU A 752 -18.10 -9.67 -22.65
CA GLU A 752 -19.13 -10.68 -22.85
C GLU A 752 -18.80 -11.95 -22.10
N ILE A 753 -17.52 -12.30 -22.07
CA ILE A 753 -17.08 -13.48 -21.33
C ILE A 753 -17.43 -13.26 -19.86
N VAL A 754 -17.04 -12.09 -19.34
CA VAL A 754 -17.28 -11.75 -17.96
C VAL A 754 -18.77 -11.78 -17.70
N ARG A 755 -19.53 -11.19 -18.60
CA ARG A 755 -20.98 -11.11 -18.43
C ARG A 755 -21.61 -12.49 -18.28
N ASN A 756 -21.14 -13.45 -19.06
CA ASN A 756 -21.67 -14.82 -19.00
C ASN A 756 -21.27 -15.50 -17.70
N ILE A 757 -20.02 -15.31 -17.29
CA ILE A 757 -19.60 -15.87 -16.02
C ILE A 757 -20.56 -15.38 -14.93
N LEU A 758 -20.79 -14.07 -14.88
CA LEU A 758 -21.67 -13.47 -13.88
C LEU A 758 -23.10 -13.99 -13.95
N ILE A 759 -23.64 -14.12 -15.15
CA ILE A 759 -25.00 -14.64 -15.29
C ILE A 759 -25.10 -16.04 -14.66
N ASP A 760 -24.08 -16.86 -14.88
CA ASP A 760 -24.04 -18.21 -14.33
C ASP A 760 -23.93 -18.16 -12.80
N PHE A 761 -23.08 -17.27 -12.29
CA PHE A 761 -22.90 -17.15 -10.85
C PHE A 761 -24.16 -16.66 -10.15
N THR A 762 -24.88 -15.75 -10.81
CA THR A 762 -26.13 -15.23 -10.26
C THR A 762 -27.16 -16.35 -10.17
N LYS A 763 -27.29 -17.11 -11.25
CA LYS A 763 -28.20 -18.25 -11.26
C LYS A 763 -27.86 -19.24 -10.15
N LYS A 764 -26.57 -19.38 -9.88
CA LYS A 764 -26.11 -20.28 -8.82
C LYS A 764 -26.37 -19.69 -7.44
N GLY A 765 -26.73 -18.41 -7.40
CA GLY A 765 -27.01 -17.71 -6.14
C GLY A 765 -25.80 -17.14 -5.42
N PHE A 766 -24.71 -16.94 -6.16
CA PHE A 766 -23.48 -16.42 -5.58
C PHE A 766 -23.45 -14.90 -5.61
N LEU A 767 -24.30 -14.34 -6.47
CA LEU A 767 -24.25 -12.92 -6.78
C LEU A 767 -25.64 -12.35 -6.89
N PHE A 768 -25.77 -11.06 -6.57
CA PHE A 768 -26.98 -10.30 -6.90
C PHE A 768 -28.22 -10.94 -6.35
N ARG A 769 -28.02 -11.64 -5.23
CA ARG A 769 -29.14 -12.20 -4.52
C ARG A 769 -29.84 -13.22 -5.39
N GLY A 770 -29.20 -13.56 -6.52
CA GLY A 770 -29.74 -14.56 -7.41
C GLY A 770 -30.71 -14.00 -8.42
N GLN A 771 -30.85 -12.68 -8.46
CA GLN A 771 -31.78 -12.07 -9.41
C GLN A 771 -31.08 -11.51 -10.64
N ILE A 772 -31.32 -12.15 -11.78
CA ILE A 772 -30.67 -11.75 -13.02
C ILE A 772 -31.30 -10.49 -13.60
N SER A 773 -30.61 -9.37 -13.40
CA SER A 773 -31.09 -8.08 -13.86
C SER A 773 -31.23 -8.02 -15.38
N GLU A 774 -32.15 -7.16 -15.84
CA GLU A 774 -32.34 -6.96 -17.27
C GLU A 774 -31.07 -6.33 -17.84
N THR A 775 -30.48 -5.44 -17.05
CA THR A 775 -29.21 -4.82 -17.40
C THR A 775 -28.16 -5.89 -17.68
N LEU A 776 -28.05 -6.83 -16.76
CA LEU A 776 -27.08 -7.92 -16.85
C LEU A 776 -27.32 -8.83 -18.06
N LYS A 777 -28.51 -8.71 -18.67
CA LYS A 777 -28.85 -9.50 -19.84
C LYS A 777 -28.62 -8.68 -21.10
N THR A 778 -28.16 -7.45 -20.91
CA THR A 778 -27.83 -6.58 -22.03
C THR A 778 -26.40 -6.85 -22.48
N ARG A 779 -26.23 -7.28 -23.72
CA ARG A 779 -24.90 -7.60 -24.22
C ARG A 779 -24.09 -6.36 -24.59
N GLY A 780 -22.79 -6.39 -24.28
CA GLY A 780 -21.89 -5.28 -24.56
C GLY A 780 -21.74 -4.36 -23.37
N ILE A 781 -22.39 -4.73 -22.27
CA ILE A 781 -22.43 -3.91 -21.06
C ILE A 781 -21.05 -3.62 -20.46
N PHE A 782 -20.16 -4.61 -20.48
CA PHE A 782 -18.83 -4.45 -19.90
C PHE A 782 -17.81 -3.96 -20.91
N GLU A 783 -17.93 -2.68 -21.29
CA GLU A 783 -17.02 -2.06 -22.24
C GLU A 783 -15.59 -2.04 -21.72
N THR A 784 -14.64 -2.03 -22.65
CA THR A 784 -13.23 -1.90 -22.33
C THR A 784 -13.01 -0.88 -21.21
N LYS A 785 -13.69 0.25 -21.32
CA LYS A 785 -13.58 1.36 -20.37
C LYS A 785 -13.97 0.95 -18.94
N PHE A 786 -15.06 0.20 -18.82
CA PHE A 786 -15.52 -0.24 -17.51
C PHE A 786 -14.53 -1.22 -16.92
N LEU A 787 -14.13 -2.21 -17.71
CA LEU A 787 -13.19 -3.22 -17.26
C LEU A 787 -11.91 -2.59 -16.74
N SER A 788 -11.39 -1.61 -17.48
CA SER A 788 -10.17 -0.93 -17.09
C SER A 788 -10.33 -0.19 -15.78
N GLN A 789 -11.49 0.43 -15.57
CA GLN A 789 -11.76 1.15 -14.32
C GLN A 789 -11.90 0.18 -13.16
N ILE A 790 -12.67 -0.89 -13.37
CA ILE A 790 -12.95 -1.86 -12.33
C ILE A 790 -11.70 -2.53 -11.76
N GLU A 791 -10.63 -2.60 -12.55
CA GLU A 791 -9.43 -3.33 -12.13
C GLU A 791 -8.32 -2.41 -11.65
N SER A 792 -8.58 -1.11 -11.67
CA SER A 792 -7.60 -0.15 -11.19
C SER A 792 -7.11 -0.56 -9.79
N ASP A 793 -5.84 -0.26 -9.49
CA ASP A 793 -5.25 -0.63 -8.21
C ASP A 793 -5.68 0.28 -7.05
N ARG A 794 -5.57 -0.26 -5.84
CA ARG A 794 -5.93 0.48 -4.62
C ARG A 794 -7.24 1.23 -4.80
N LEU A 795 -8.16 0.61 -5.53
CA LEU A 795 -9.47 1.18 -5.79
C LEU A 795 -10.43 0.69 -4.70
N ALA A 796 -10.99 1.63 -3.95
CA ALA A 796 -11.90 1.29 -2.86
C ALA A 796 -13.15 0.56 -3.35
N LEU A 797 -13.56 -0.47 -2.62
CA LEU A 797 -14.75 -1.23 -2.97
C LEU A 797 -15.93 -0.30 -3.17
N LEU A 798 -15.99 0.74 -2.35
CA LEU A 798 -17.06 1.72 -2.45
C LEU A 798 -17.09 2.30 -3.86
N GLN A 799 -15.91 2.48 -4.44
CA GLN A 799 -15.79 3.00 -5.80
C GLN A 799 -16.19 1.95 -6.82
N VAL A 800 -15.74 0.71 -6.60
CA VAL A 800 -16.11 -0.38 -7.49
C VAL A 800 -17.62 -0.53 -7.52
N ARG A 801 -18.22 -0.55 -6.33
CA ARG A 801 -19.67 -0.67 -6.24
C ARG A 801 -20.37 0.49 -6.95
N ALA A 802 -19.77 1.67 -6.87
CA ALA A 802 -20.32 2.83 -7.55
C ALA A 802 -20.33 2.63 -9.06
N ILE A 803 -19.21 2.14 -9.60
CA ILE A 803 -19.12 1.89 -11.03
C ILE A 803 -20.18 0.90 -11.49
N LEU A 804 -20.44 -0.11 -10.67
CA LEU A 804 -21.40 -1.15 -11.02
C LEU A 804 -22.84 -0.63 -11.02
N GLN A 805 -23.15 0.21 -10.03
CA GLN A 805 -24.48 0.80 -9.97
C GLN A 805 -24.67 1.73 -11.16
N GLN A 806 -23.57 2.32 -11.62
CA GLN A 806 -23.60 3.17 -12.81
C GLN A 806 -24.09 2.39 -14.03
N LEU A 807 -23.49 1.24 -14.27
CA LEU A 807 -23.89 0.40 -15.40
C LEU A 807 -25.35 0.02 -15.27
N GLY A 808 -25.84 0.02 -14.04
CA GLY A 808 -27.22 -0.38 -13.77
C GLY A 808 -27.24 -1.61 -12.90
N LEU A 809 -26.07 -1.99 -12.39
CA LEU A 809 -25.97 -3.17 -11.54
C LEU A 809 -25.96 -2.77 -10.07
N ASN A 810 -27.05 -3.08 -9.38
CA ASN A 810 -27.19 -2.82 -7.95
C ASN A 810 -26.46 -3.91 -7.19
N SER A 811 -25.28 -3.61 -6.67
CA SER A 811 -24.47 -4.62 -6.01
C SER A 811 -24.02 -4.21 -4.61
N THR A 812 -23.59 -5.19 -3.84
CA THR A 812 -23.08 -4.98 -2.49
C THR A 812 -21.57 -5.10 -2.51
N CYS A 813 -20.95 -5.00 -1.33
CA CYS A 813 -19.50 -5.13 -1.23
C CYS A 813 -19.02 -6.49 -1.69
N ASP A 814 -19.64 -7.54 -1.16
CA ASP A 814 -19.26 -8.90 -1.53
C ASP A 814 -19.40 -9.11 -3.03
N ASP A 815 -20.48 -8.58 -3.61
CA ASP A 815 -20.68 -8.69 -5.05
C ASP A 815 -19.53 -8.01 -5.78
N SER A 816 -19.33 -6.74 -5.47
CA SER A 816 -18.30 -5.93 -6.09
C SER A 816 -16.97 -6.65 -6.07
N ILE A 817 -16.70 -7.36 -4.98
CA ILE A 817 -15.46 -8.09 -4.83
C ILE A 817 -15.39 -9.24 -5.83
N LEU A 818 -16.48 -9.99 -5.91
CA LEU A 818 -16.54 -11.15 -6.79
C LEU A 818 -16.45 -10.73 -8.25
N VAL A 819 -17.16 -9.66 -8.60
CA VAL A 819 -17.12 -9.16 -9.96
C VAL A 819 -15.70 -8.75 -10.34
N LYS A 820 -15.02 -8.08 -9.42
CA LYS A 820 -13.66 -7.61 -9.66
C LYS A 820 -12.74 -8.80 -9.90
N THR A 821 -12.88 -9.83 -9.08
CA THR A 821 -12.10 -11.05 -9.24
C THR A 821 -12.32 -11.66 -10.61
N VAL A 822 -13.58 -11.69 -11.05
CA VAL A 822 -13.92 -12.27 -12.35
C VAL A 822 -13.26 -11.49 -13.50
N CYS A 823 -13.36 -10.17 -13.45
CA CYS A 823 -12.73 -9.31 -14.45
C CYS A 823 -11.23 -9.56 -14.53
N GLY A 824 -10.59 -9.68 -13.37
CA GLY A 824 -9.15 -9.93 -13.31
C GLY A 824 -8.78 -11.25 -13.96
N VAL A 825 -9.49 -12.31 -13.60
CA VAL A 825 -9.19 -13.63 -14.14
C VAL A 825 -9.28 -13.64 -15.66
N VAL A 826 -10.27 -12.94 -16.21
CA VAL A 826 -10.47 -12.92 -17.66
C VAL A 826 -9.42 -12.07 -18.37
N SER A 827 -9.15 -10.89 -17.83
CA SER A 827 -8.19 -9.99 -18.45
C SER A 827 -6.78 -10.57 -18.34
N ARG A 828 -6.48 -11.20 -17.22
CA ARG A 828 -5.20 -11.86 -17.04
C ARG A 828 -5.00 -12.96 -18.08
N ARG A 829 -6.01 -13.81 -18.25
CA ARG A 829 -5.87 -14.91 -19.20
C ARG A 829 -5.64 -14.35 -20.60
N ALA A 830 -6.28 -13.22 -20.88
CA ALA A 830 -6.15 -12.59 -22.20
C ALA A 830 -4.71 -12.12 -22.42
N ALA A 831 -4.13 -11.50 -21.40
CA ALA A 831 -2.77 -10.99 -21.52
C ALA A 831 -1.78 -12.15 -21.70
N GLN A 832 -2.06 -13.27 -21.05
CA GLN A 832 -1.17 -14.44 -21.15
C GLN A 832 -1.27 -15.11 -22.52
N LEU A 833 -2.50 -15.26 -23.02
CA LEU A 833 -2.69 -15.90 -24.31
C LEU A 833 -2.03 -15.06 -25.40
N CYS A 834 -2.21 -13.75 -25.29
CA CYS A 834 -1.60 -12.81 -26.21
C CYS A 834 -0.08 -12.90 -26.15
N GLY A 835 0.45 -13.05 -24.94
CA GLY A 835 1.89 -13.22 -24.74
C GLY A 835 2.43 -14.47 -25.40
N ALA A 836 1.70 -15.58 -25.29
CA ALA A 836 2.14 -16.83 -25.90
C ALA A 836 2.27 -16.66 -27.41
N GLY A 837 1.36 -15.89 -28.00
CA GLY A 837 1.37 -15.66 -29.44
C GLY A 837 2.59 -14.84 -29.85
N MET A 838 2.78 -13.72 -29.18
CA MET A 838 3.92 -12.85 -29.46
C MET A 838 5.23 -13.58 -29.21
N ALA A 839 5.24 -14.42 -28.18
CA ALA A 839 6.42 -15.18 -27.83
C ALA A 839 6.85 -16.06 -29.00
N ALA A 840 5.87 -16.67 -29.67
CA ALA A 840 6.16 -17.53 -30.80
C ALA A 840 6.74 -16.71 -31.94
N VAL A 841 6.12 -15.56 -32.20
CA VAL A 841 6.54 -14.66 -33.26
C VAL A 841 7.99 -14.19 -33.13
N VAL A 842 8.34 -13.61 -31.99
CA VAL A 842 9.68 -13.08 -31.81
C VAL A 842 10.71 -14.20 -31.87
N ASP A 843 10.32 -15.39 -31.45
CA ASP A 843 11.25 -16.50 -31.45
C ASP A 843 11.53 -16.99 -32.87
N LYS A 844 10.52 -16.91 -33.74
CA LYS A 844 10.69 -17.30 -35.12
C LYS A 844 11.63 -16.32 -35.82
N ILE A 845 11.55 -15.05 -35.44
CA ILE A 845 12.45 -14.04 -35.98
C ILE A 845 13.87 -14.32 -35.54
N ARG A 846 14.05 -14.54 -34.24
CA ARG A 846 15.35 -14.85 -33.69
C ARG A 846 16.01 -15.95 -34.51
N GLU A 847 15.25 -16.99 -34.82
CA GLU A 847 15.75 -18.10 -35.63
C GLU A 847 16.02 -17.63 -37.05
N ASN A 848 15.09 -16.86 -37.60
CA ASN A 848 15.24 -16.35 -38.95
C ASN A 848 16.58 -15.67 -39.18
N ARG A 849 17.09 -15.02 -38.14
CA ARG A 849 18.37 -14.32 -38.22
C ARG A 849 19.51 -15.16 -37.64
N GLY A 850 19.19 -16.37 -37.20
CA GLY A 850 20.17 -17.28 -36.60
C GLY A 850 20.89 -16.68 -35.40
N LEU A 851 20.17 -15.97 -34.55
CA LEU A 851 20.75 -15.37 -33.35
C LEU A 851 20.52 -16.27 -32.14
N ASP A 852 21.36 -16.12 -31.11
CA ASP A 852 21.15 -16.80 -29.84
C ASP A 852 20.26 -15.94 -28.97
N ARG A 853 20.46 -14.62 -29.09
CA ARG A 853 19.69 -13.63 -28.38
C ARG A 853 19.27 -12.56 -29.38
N LEU A 854 18.00 -12.16 -29.34
CA LEU A 854 17.49 -11.16 -30.26
C LEU A 854 16.84 -9.99 -29.53
N ASN A 855 17.24 -8.77 -29.88
CA ASN A 855 16.56 -7.58 -29.39
C ASN A 855 15.63 -7.13 -30.49
N VAL A 856 14.36 -6.96 -30.15
CA VAL A 856 13.37 -6.56 -31.13
C VAL A 856 12.33 -5.70 -30.43
N THR A 857 11.80 -4.71 -31.14
CA THR A 857 10.77 -3.87 -30.55
C THR A 857 9.47 -4.01 -31.31
N VAL A 858 8.36 -3.94 -30.58
CA VAL A 858 7.05 -4.11 -31.17
C VAL A 858 6.24 -2.83 -31.12
N GLY A 859 5.65 -2.45 -32.24
CA GLY A 859 4.73 -1.33 -32.28
C GLY A 859 3.35 -1.83 -31.87
N VAL A 860 2.78 -1.22 -30.82
CA VAL A 860 1.49 -1.64 -30.27
C VAL A 860 0.45 -0.50 -30.28
N ASP A 861 -0.81 -0.86 -30.53
CA ASP A 861 -1.92 0.09 -30.48
C ASP A 861 -3.19 -0.68 -30.12
N GLY A 862 -4.22 0.04 -29.65
CA GLY A 862 -5.47 -0.59 -29.24
C GLY A 862 -5.97 -0.03 -27.92
N THR A 863 -7.28 0.15 -27.81
CA THR A 863 -7.87 0.75 -26.61
C THR A 863 -7.72 -0.10 -25.35
N LEU A 864 -7.99 -1.40 -25.48
CA LEU A 864 -7.80 -2.29 -24.34
C LEU A 864 -6.35 -2.19 -23.85
N TYR A 865 -5.40 -2.14 -24.79
CA TYR A 865 -3.99 -2.05 -24.44
C TYR A 865 -3.63 -0.73 -23.76
N LYS A 866 -4.18 0.37 -24.25
CA LYS A 866 -3.92 1.68 -23.67
C LYS A 866 -4.58 1.86 -22.31
N LEU A 867 -5.84 1.45 -22.19
CA LEU A 867 -6.62 1.69 -20.98
C LEU A 867 -6.43 0.68 -19.85
N HIS A 868 -6.20 -0.58 -20.18
CA HIS A 868 -6.16 -1.59 -19.12
C HIS A 868 -4.94 -1.42 -18.24
N PRO A 869 -5.13 -1.48 -16.91
CA PRO A 869 -4.06 -1.29 -15.94
C PRO A 869 -3.20 -2.52 -15.65
N HIS A 870 -3.53 -3.67 -16.24
CA HIS A 870 -2.73 -4.87 -16.00
C HIS A 870 -2.34 -5.56 -17.29
N PHE A 871 -3.17 -5.42 -18.32
CA PHE A 871 -2.96 -6.17 -19.55
C PHE A 871 -1.53 -6.10 -20.10
N SER A 872 -1.09 -4.92 -20.52
CA SER A 872 0.22 -4.81 -21.15
C SER A 872 1.33 -5.37 -20.25
N ARG A 873 1.22 -5.10 -18.95
CA ARG A 873 2.21 -5.61 -18.00
C ARG A 873 2.30 -7.13 -18.01
N ILE A 874 1.18 -7.79 -17.74
CA ILE A 874 1.15 -9.26 -17.71
C ILE A 874 1.57 -9.85 -19.06
N MET A 875 1.22 -9.13 -20.12
CA MET A 875 1.56 -9.54 -21.47
C MET A 875 3.08 -9.51 -21.69
N HIS A 876 3.72 -8.42 -21.27
CA HIS A 876 5.17 -8.30 -21.42
C HIS A 876 5.88 -9.37 -20.59
N GLN A 877 5.41 -9.55 -19.37
CA GLN A 877 5.95 -10.53 -18.44
C GLN A 877 5.94 -11.91 -19.08
N THR A 878 4.79 -12.28 -19.63
CA THR A 878 4.59 -13.56 -20.28
C THR A 878 5.53 -13.76 -21.47
N VAL A 879 5.72 -12.71 -22.26
CA VAL A 879 6.60 -12.80 -23.42
C VAL A 879 8.06 -13.03 -22.99
N LYS A 880 8.43 -12.44 -21.86
CA LYS A 880 9.78 -12.60 -21.32
C LYS A 880 10.01 -14.05 -20.88
N GLU A 881 9.05 -14.60 -20.14
CA GLU A 881 9.18 -15.97 -19.65
C GLU A 881 9.15 -17.02 -20.75
N LEU A 882 8.28 -16.85 -21.75
CA LEU A 882 8.12 -17.86 -22.78
C LEU A 882 9.23 -17.83 -23.84
N SER A 883 9.79 -16.65 -24.08
CA SER A 883 10.88 -16.52 -25.04
C SER A 883 12.10 -15.82 -24.44
N PRO A 884 12.74 -16.47 -23.45
CA PRO A 884 13.87 -15.94 -22.66
C PRO A 884 15.10 -15.58 -23.49
N LYS A 885 15.15 -16.00 -24.74
CA LYS A 885 16.27 -15.67 -25.61
C LYS A 885 15.99 -14.41 -26.43
N CYS A 886 14.89 -13.75 -26.11
CA CYS A 886 14.53 -12.51 -26.76
C CYS A 886 14.31 -11.43 -25.71
N ASN A 887 14.74 -10.21 -26.04
CA ASN A 887 14.45 -9.05 -25.22
C ASN A 887 13.56 -8.14 -26.04
N VAL A 888 12.25 -8.21 -25.79
CA VAL A 888 11.30 -7.44 -26.59
C VAL A 888 10.96 -6.11 -25.95
N SER A 889 10.90 -5.07 -26.76
CA SER A 889 10.51 -3.74 -26.30
C SER A 889 9.18 -3.39 -26.94
N PHE A 890 8.21 -3.03 -26.12
CA PHE A 890 6.91 -2.66 -26.64
C PHE A 890 6.78 -1.15 -26.64
N LEU A 891 6.59 -0.58 -27.83
CA LEU A 891 6.47 0.85 -27.99
C LEU A 891 5.03 1.21 -28.36
N LEU A 892 4.41 2.04 -27.53
CA LEU A 892 3.03 2.44 -27.75
C LEU A 892 2.91 3.52 -28.81
N SER A 893 2.03 3.29 -29.76
CA SER A 893 1.74 4.26 -30.80
C SER A 893 0.77 5.28 -30.25
N GLU A 894 1.13 6.56 -30.32
CA GLU A 894 0.27 7.62 -29.78
C GLU A 894 -0.42 8.43 -30.87
N ASP A 895 0.02 8.25 -32.11
CA ASP A 895 -0.54 9.01 -33.24
C ASP A 895 -1.66 8.27 -33.95
N GLY A 896 -1.60 6.94 -33.92
CA GLY A 896 -2.53 6.14 -34.70
C GLY A 896 -1.74 5.50 -35.82
N SER A 897 -2.42 5.16 -36.91
CA SER A 897 -1.77 4.48 -38.03
C SER A 897 -1.36 5.45 -39.14
N GLY A 898 -1.89 6.67 -39.09
CA GLY A 898 -1.69 7.66 -40.14
C GLY A 898 -0.27 7.75 -40.69
N LYS A 899 0.70 7.97 -39.81
CA LYS A 899 2.09 8.09 -40.24
C LYS A 899 2.50 6.87 -41.05
N GLY A 900 2.41 5.70 -40.44
CA GLY A 900 2.81 4.45 -41.09
C GLY A 900 2.10 4.23 -42.40
N ALA A 901 0.78 4.43 -42.40
CA ALA A 901 -0.01 4.28 -43.61
C ALA A 901 0.55 5.21 -44.69
N ALA A 902 0.84 6.44 -44.29
CA ALA A 902 1.41 7.43 -45.21
C ALA A 902 2.77 6.99 -45.72
N LEU A 903 3.64 6.54 -44.81
CA LEU A 903 4.96 6.06 -45.17
C LEU A 903 4.87 4.91 -46.16
N ILE A 904 3.83 4.10 -46.02
CA ILE A 904 3.60 2.98 -46.93
C ILE A 904 3.09 3.49 -48.26
N THR A 905 2.23 4.51 -48.22
CA THR A 905 1.67 5.09 -49.44
C THR A 905 2.76 5.75 -50.27
N ALA A 906 3.76 6.30 -49.61
CA ALA A 906 4.87 6.95 -50.27
C ALA A 906 5.62 5.96 -51.16
N VAL A 907 6.02 4.84 -50.56
CA VAL A 907 6.71 3.80 -51.32
C VAL A 907 5.80 3.25 -52.41
N GLY A 908 4.51 3.23 -52.13
CA GLY A 908 3.53 2.81 -53.13
C GLY A 908 3.67 3.65 -54.38
N VAL A 909 3.62 4.98 -54.19
CA VAL A 909 3.73 5.91 -55.31
C VAL A 909 5.04 5.71 -56.05
N ARG A 910 6.14 5.59 -55.32
CA ARG A 910 7.44 5.39 -55.94
C ARG A 910 7.43 4.16 -56.84
N LEU A 911 6.54 3.22 -56.54
CA LEU A 911 6.43 2.00 -57.35
C LEU A 911 5.44 2.22 -58.48
N ARG A 912 4.40 3.00 -58.22
CA ARG A 912 3.40 3.33 -59.23
C ARG A 912 4.01 4.21 -60.30
N THR A 913 4.67 5.27 -59.86
CA THR A 913 5.41 6.16 -60.76
C THR A 913 6.76 5.52 -61.01
N GLU A 914 6.75 4.22 -61.25
CA GLU A 914 7.98 3.46 -61.47
C GLU A 914 7.86 2.60 -62.73
N ASP B 16 -35.27 43.39 -35.48
CA ASP B 16 -35.36 42.34 -34.43
C ASP B 16 -35.59 40.96 -35.06
N ASP B 17 -36.33 40.95 -36.17
CA ASP B 17 -36.66 39.71 -36.86
C ASP B 17 -35.44 38.84 -37.12
N GLN B 18 -34.33 39.47 -37.52
CA GLN B 18 -33.10 38.76 -37.78
C GLN B 18 -32.58 38.12 -36.50
N VAL B 19 -32.25 38.98 -35.53
CA VAL B 19 -31.76 38.54 -34.23
C VAL B 19 -32.70 37.51 -33.60
N LYS B 20 -33.99 37.79 -33.65
CA LYS B 20 -34.99 36.90 -33.10
C LYS B 20 -34.81 35.50 -33.65
N LYS B 21 -34.71 35.41 -34.98
CA LYS B 21 -34.55 34.11 -35.64
C LYS B 21 -33.33 33.36 -35.14
N ILE B 22 -32.17 34.02 -35.20
CA ILE B 22 -30.93 33.39 -34.76
C ILE B 22 -31.02 32.91 -33.31
N ASP B 23 -31.55 33.76 -32.44
CA ASP B 23 -31.70 33.41 -31.03
C ASP B 23 -32.54 32.14 -30.83
N LYS B 24 -33.47 31.89 -31.74
CA LYS B 24 -34.30 30.70 -31.65
C LYS B 24 -33.63 29.53 -32.33
N TYR B 25 -32.68 29.83 -33.22
CA TYR B 25 -31.95 28.80 -33.96
C TYR B 25 -30.80 28.20 -33.17
N LEU B 26 -30.14 29.04 -32.36
CA LEU B 26 -29.04 28.61 -31.51
C LEU B 26 -29.52 28.53 -30.06
N TYR B 27 -30.83 28.34 -29.90
CA TYR B 27 -31.45 28.30 -28.58
C TYR B 27 -30.66 27.53 -27.55
N ALA B 28 -30.13 26.38 -27.96
CA ALA B 28 -29.40 25.49 -27.05
C ALA B 28 -28.08 26.08 -26.54
N MET B 29 -27.66 27.22 -27.09
CA MET B 29 -26.41 27.84 -26.67
C MET B 29 -26.64 29.10 -25.83
N ARG B 30 -27.87 29.29 -25.38
CA ARG B 30 -28.20 30.41 -24.50
C ARG B 30 -28.62 29.86 -23.14
N LEU B 31 -27.78 30.08 -22.15
CA LEU B 31 -27.99 29.44 -20.84
C LEU B 31 -28.70 30.33 -19.83
N SER B 32 -29.73 29.76 -19.22
CA SER B 32 -30.50 30.46 -18.19
C SER B 32 -29.76 30.37 -16.87
N ASP B 33 -30.14 31.20 -15.91
CA ASP B 33 -29.53 31.15 -14.59
C ASP B 33 -29.85 29.81 -13.92
N GLU B 34 -31.07 29.32 -14.12
CA GLU B 34 -31.45 28.01 -13.60
C GLU B 34 -30.41 26.98 -14.00
N THR B 35 -30.13 26.97 -15.30
CA THR B 35 -29.17 26.05 -15.88
C THR B 35 -27.77 26.30 -15.31
N LEU B 36 -27.34 27.56 -15.33
CA LEU B 36 -26.03 27.91 -14.80
C LEU B 36 -25.86 27.46 -13.36
N ILE B 37 -26.89 27.66 -12.54
CA ILE B 37 -26.85 27.21 -11.14
C ILE B 37 -26.77 25.69 -11.11
N ASP B 38 -27.37 25.06 -12.12
CA ASP B 38 -27.31 23.62 -12.26
C ASP B 38 -25.88 23.20 -12.54
N ILE B 39 -25.34 23.73 -13.62
CA ILE B 39 -23.95 23.50 -14.00
C ILE B 39 -23.03 23.74 -12.80
N MET B 40 -23.31 24.81 -12.05
CA MET B 40 -22.50 25.17 -10.90
C MET B 40 -22.53 24.12 -9.80
N THR B 41 -23.73 23.59 -9.52
CA THR B 41 -23.88 22.55 -8.52
C THR B 41 -23.14 21.29 -8.96
N ARG B 42 -23.14 21.03 -10.26
CA ARG B 42 -22.44 19.89 -10.81
C ARG B 42 -20.94 20.01 -10.54
N PHE B 43 -20.36 21.14 -10.93
CA PHE B 43 -18.93 21.34 -10.72
C PHE B 43 -18.61 21.24 -9.24
N ARG B 44 -19.56 21.65 -8.41
CA ARG B 44 -19.37 21.58 -6.97
C ARG B 44 -19.13 20.13 -6.55
N LYS B 45 -19.98 19.24 -7.03
CA LYS B 45 -19.84 17.81 -6.72
C LYS B 45 -18.56 17.24 -7.31
N GLU B 46 -18.20 17.73 -8.50
CA GLU B 46 -16.98 17.30 -9.18
C GLU B 46 -15.72 17.62 -8.37
N MET B 47 -15.72 18.78 -7.71
CA MET B 47 -14.58 19.17 -6.89
C MET B 47 -14.48 18.25 -5.70
N LYS B 48 -15.63 17.90 -5.16
CA LYS B 48 -15.70 17.00 -4.02
C LYS B 48 -15.12 15.63 -4.39
N ASN B 49 -15.55 15.09 -5.52
CA ASN B 49 -15.07 13.80 -5.99
C ASN B 49 -13.59 13.83 -6.30
N GLY B 50 -13.16 14.90 -6.97
CA GLY B 50 -11.76 15.06 -7.31
C GLY B 50 -10.91 15.05 -6.06
N LEU B 51 -11.43 15.64 -4.99
CA LEU B 51 -10.66 15.75 -3.75
C LEU B 51 -10.73 14.49 -2.88
N SER B 52 -11.78 13.70 -3.02
CA SER B 52 -11.93 12.49 -2.19
C SER B 52 -10.98 11.39 -2.65
N ARG B 53 -10.41 10.67 -1.70
CA ARG B 53 -9.47 9.61 -2.04
C ARG B 53 -10.19 8.41 -2.67
N ASP B 54 -11.47 8.26 -2.34
CA ASP B 54 -12.26 7.14 -2.85
C ASP B 54 -12.72 7.34 -4.29
N PHE B 55 -13.06 8.56 -4.66
CA PHE B 55 -13.62 8.82 -5.99
C PHE B 55 -12.65 9.46 -6.98
N ASN B 56 -11.56 10.03 -6.49
CA ASN B 56 -10.61 10.72 -7.37
C ASN B 56 -10.22 9.94 -8.62
N PRO B 57 -9.98 8.62 -8.49
CA PRO B 57 -9.55 7.85 -9.65
C PRO B 57 -10.56 7.81 -10.82
N THR B 58 -11.83 8.11 -10.56
CA THR B 58 -12.84 8.10 -11.62
C THR B 58 -13.36 9.50 -11.96
N ALA B 59 -12.93 10.50 -11.18
CA ALA B 59 -13.37 11.87 -11.40
C ALA B 59 -12.64 12.51 -12.56
N THR B 60 -13.34 13.35 -13.33
CA THR B 60 -12.73 14.02 -14.47
C THR B 60 -12.07 15.33 -14.09
N VAL B 61 -12.53 15.94 -12.99
CA VAL B 61 -11.91 17.14 -12.46
C VAL B 61 -10.90 16.68 -11.42
N LYS B 62 -9.62 16.80 -11.73
CA LYS B 62 -8.56 16.15 -10.93
C LYS B 62 -8.17 16.80 -9.61
N MET B 63 -8.37 18.11 -9.48
CA MET B 63 -8.05 18.77 -8.22
C MET B 63 -6.63 18.43 -7.76
N LEU B 64 -5.64 18.68 -8.60
CA LEU B 64 -4.25 18.28 -8.34
C LEU B 64 -3.53 19.14 -7.32
N PRO B 65 -2.94 18.51 -6.28
CA PRO B 65 -2.16 19.29 -5.31
C PRO B 65 -0.99 19.98 -5.99
N THR B 66 -0.67 21.18 -5.54
CA THR B 66 0.30 22.02 -6.23
C THR B 66 1.56 22.25 -5.38
N PHE B 67 1.45 21.96 -4.09
CA PHE B 67 2.57 22.12 -3.15
C PHE B 67 2.99 23.56 -2.96
N VAL B 68 2.11 24.47 -3.32
CA VAL B 68 2.28 25.88 -2.98
C VAL B 68 1.38 26.15 -1.79
N ARG B 69 1.98 26.42 -0.64
CA ARG B 69 1.22 26.57 0.61
C ARG B 69 0.56 27.93 0.77
N SER B 70 1.05 28.95 0.06
CA SER B 70 0.46 30.28 0.18
C SER B 70 1.00 31.30 -0.83
N ILE B 71 0.30 32.41 -0.99
CA ILE B 71 0.75 33.47 -1.87
C ILE B 71 1.94 34.21 -1.24
N PRO B 72 2.68 34.97 -2.06
CA PRO B 72 3.89 35.64 -1.60
C PRO B 72 3.69 36.39 -0.27
N ASP B 73 4.62 36.20 0.66
CA ASP B 73 4.56 36.83 1.97
C ASP B 73 5.57 37.96 2.09
N GLY B 74 6.13 38.40 0.96
CA GLY B 74 7.07 39.52 0.94
C GLY B 74 8.50 39.19 1.31
N SER B 75 8.77 37.98 1.79
CA SER B 75 10.12 37.60 2.18
C SER B 75 10.89 36.90 1.06
N GLU B 76 10.35 36.92 -0.16
CA GLU B 76 11.00 36.31 -1.31
C GLU B 76 12.04 37.25 -1.92
N LYS B 77 13.27 36.78 -2.08
CA LYS B 77 14.30 37.59 -2.72
C LYS B 77 15.37 36.76 -3.42
N GLY B 78 15.80 37.22 -4.58
CA GLY B 78 16.85 36.53 -5.33
C GLY B 78 16.81 36.85 -6.81
N ASP B 79 17.66 36.16 -7.55
CA ASP B 79 17.75 36.31 -8.99
C ASP B 79 17.25 34.99 -9.57
N PHE B 80 16.16 35.03 -10.33
CA PHE B 80 15.55 33.80 -10.83
C PHE B 80 15.31 33.80 -12.33
N ILE B 81 15.40 32.61 -12.92
CA ILE B 81 15.06 32.42 -14.32
C ILE B 81 13.76 31.62 -14.38
N ALA B 82 12.85 32.03 -15.26
CA ALA B 82 11.57 31.34 -15.36
C ALA B 82 11.24 30.96 -16.79
N LEU B 83 10.78 29.73 -16.97
CA LEU B 83 10.33 29.25 -18.27
C LEU B 83 8.83 29.31 -18.30
N ASP B 84 8.25 29.42 -19.50
CA ASP B 84 6.80 29.51 -19.64
C ASP B 84 6.34 28.90 -20.95
N LEU B 85 5.82 27.67 -20.88
CA LEU B 85 5.44 26.92 -22.07
C LEU B 85 4.04 26.35 -21.93
N GLY B 86 3.27 26.41 -23.01
CA GLY B 86 1.91 25.88 -23.00
C GLY B 86 0.88 26.89 -23.46
N GLY B 87 1.21 28.17 -23.33
CA GLY B 87 0.30 29.23 -23.76
C GLY B 87 0.54 29.56 -25.23
N SER B 88 0.02 30.70 -25.66
CA SER B 88 0.14 31.10 -27.06
C SER B 88 1.59 31.35 -27.48
N SER B 89 2.45 31.66 -26.52
CA SER B 89 3.85 31.90 -26.84
C SER B 89 4.82 31.33 -25.81
N PHE B 90 5.92 30.76 -26.29
CA PHE B 90 6.96 30.23 -25.43
C PHE B 90 7.86 31.36 -24.95
N ARG B 91 7.84 31.63 -23.65
CA ARG B 91 8.58 32.75 -23.10
C ARG B 91 9.60 32.31 -22.06
N ILE B 92 10.68 33.08 -21.93
CA ILE B 92 11.68 32.85 -20.90
C ILE B 92 12.00 34.19 -20.25
N LEU B 93 11.87 34.26 -18.94
CA LEU B 93 12.08 35.52 -18.24
C LEU B 93 13.20 35.44 -17.22
N ARG B 94 13.52 36.59 -16.65
CA ARG B 94 14.47 36.68 -15.56
C ARG B 94 13.91 37.67 -14.54
N VAL B 95 13.56 37.17 -13.37
CA VAL B 95 12.96 38.02 -12.34
C VAL B 95 13.95 38.27 -11.21
N GLN B 96 14.08 39.54 -10.83
CA GLN B 96 14.97 39.92 -9.74
C GLN B 96 14.14 40.62 -8.67
N VAL B 97 14.22 40.13 -7.44
CA VAL B 97 13.42 40.68 -6.36
C VAL B 97 14.29 40.94 -5.13
N ASN B 98 14.23 42.17 -4.62
CA ASN B 98 15.01 42.52 -3.44
C ASN B 98 14.47 43.75 -2.74
N HIS B 99 13.61 43.53 -1.75
CA HIS B 99 12.99 44.62 -0.99
C HIS B 99 14.01 45.38 -0.15
N GLU B 100 14.95 44.65 0.43
CA GLU B 100 16.00 45.24 1.28
C GLU B 100 16.78 46.31 0.52
N LYS B 101 16.99 46.06 -0.77
CA LYS B 101 17.55 47.03 -1.68
C LYS B 101 16.48 47.48 -2.66
N ASN B 102 15.22 47.31 -2.25
CA ASN B 102 14.08 47.97 -2.89
C ASN B 102 14.08 47.87 -4.41
N GLN B 103 14.52 46.72 -4.91
CA GLN B 103 14.37 46.42 -6.32
C GLN B 103 12.88 46.21 -6.57
N ASN B 104 12.19 45.70 -5.56
CA ASN B 104 10.82 45.35 -5.75
C ASN B 104 10.84 44.38 -6.92
N VAL B 105 10.09 44.62 -7.98
CA VAL B 105 10.15 43.66 -9.08
C VAL B 105 10.73 44.26 -10.35
N HIS B 106 11.76 43.60 -10.85
CA HIS B 106 12.33 43.92 -12.13
C HIS B 106 12.43 42.61 -12.91
N MET B 107 11.97 42.63 -14.15
CA MET B 107 11.97 41.42 -14.97
C MET B 107 12.18 41.70 -16.46
N GLU B 108 12.94 40.83 -17.11
CA GLU B 108 13.18 40.92 -18.55
C GLU B 108 12.84 39.58 -19.18
N SER B 109 12.08 39.59 -20.28
CA SER B 109 11.69 38.34 -20.92
C SER B 109 12.03 38.31 -22.40
N GLU B 110 11.81 37.16 -23.02
CA GLU B 110 12.09 36.97 -24.43
C GLU B 110 11.25 35.81 -24.95
N VAL B 111 10.51 36.06 -26.02
CA VAL B 111 9.69 35.02 -26.63
C VAL B 111 10.52 34.23 -27.63
N TYR B 112 10.32 32.92 -27.67
CA TYR B 112 11.00 32.07 -28.64
C TYR B 112 9.99 31.40 -29.54
N ASP B 113 10.18 31.55 -30.84
CA ASP B 113 9.27 30.94 -31.81
C ASP B 113 9.29 29.42 -31.63
N THR B 114 8.10 28.82 -31.56
CA THR B 114 7.98 27.38 -31.41
C THR B 114 7.08 26.80 -32.48
N PRO B 115 7.67 26.45 -33.64
CA PRO B 115 6.93 25.92 -34.79
C PRO B 115 6.07 24.70 -34.48
N GLU B 116 5.21 24.33 -35.41
CA GLU B 116 4.28 23.23 -35.25
C GLU B 116 4.98 21.88 -35.09
N ASN B 117 6.01 21.66 -35.89
CA ASN B 117 6.76 20.41 -35.84
C ASN B 117 7.35 20.15 -34.47
N ILE B 118 7.65 21.23 -33.75
CA ILE B 118 8.22 21.10 -32.41
C ILE B 118 7.12 20.74 -31.42
N VAL B 119 5.97 21.41 -31.54
CA VAL B 119 4.86 21.20 -30.64
C VAL B 119 4.14 19.87 -30.89
N HIS B 120 4.43 19.28 -32.04
CA HIS B 120 3.77 18.02 -32.41
C HIS B 120 4.72 16.85 -32.60
N GLY B 121 6.02 17.11 -32.57
CA GLY B 121 7.01 16.06 -32.78
C GLY B 121 7.17 15.17 -31.56
N SER B 122 8.42 14.80 -31.30
CA SER B 122 8.72 13.97 -30.14
C SER B 122 9.07 14.84 -28.95
N GLY B 123 8.82 14.33 -27.75
CA GLY B 123 9.17 15.04 -26.53
C GLY B 123 10.62 15.44 -26.59
N SER B 124 11.42 14.58 -27.21
CA SER B 124 12.86 14.80 -27.34
C SER B 124 13.16 16.09 -28.09
N GLN B 125 12.52 16.28 -29.25
CA GLN B 125 12.70 17.53 -30.01
C GLN B 125 12.22 18.71 -29.16
N LEU B 126 11.02 18.59 -28.63
CA LEU B 126 10.38 19.64 -27.86
C LEU B 126 11.30 20.16 -26.77
N PHE B 127 11.86 19.25 -25.97
CA PHE B 127 12.67 19.66 -24.83
C PHE B 127 14.09 20.04 -25.23
N ASP B 128 14.58 19.47 -26.32
CA ASP B 128 15.86 19.93 -26.88
C ASP B 128 15.66 21.39 -27.24
N HIS B 129 14.56 21.67 -27.91
CA HIS B 129 14.19 23.02 -28.31
C HIS B 129 14.17 23.96 -27.11
N VAL B 130 13.56 23.50 -26.02
CA VAL B 130 13.49 24.28 -24.79
C VAL B 130 14.88 24.50 -24.21
N ALA B 131 15.62 23.42 -24.03
CA ALA B 131 16.97 23.49 -23.48
C ALA B 131 17.87 24.40 -24.32
N GLU B 132 17.66 24.38 -25.63
CA GLU B 132 18.44 25.21 -26.55
C GLU B 132 18.12 26.69 -26.34
N CYS B 133 16.84 27.04 -26.46
CA CYS B 133 16.40 28.42 -26.23
C CYS B 133 16.90 28.93 -24.89
N LEU B 134 16.75 28.10 -23.86
CA LEU B 134 17.23 28.46 -22.54
C LEU B 134 18.72 28.76 -22.62
N GLY B 135 19.42 27.99 -23.44
CA GLY B 135 20.85 28.20 -23.66
C GLY B 135 21.13 29.56 -24.27
N ASP B 136 20.42 29.89 -25.34
CA ASP B 136 20.55 31.19 -26.00
C ASP B 136 20.24 32.33 -25.04
N PHE B 137 19.16 32.16 -24.29
CA PHE B 137 18.73 33.17 -23.34
C PHE B 137 19.81 33.47 -22.31
N MET B 138 20.45 32.42 -21.80
CA MET B 138 21.51 32.58 -20.79
C MET B 138 22.80 33.09 -21.41
N GLU B 139 23.03 32.72 -22.67
CA GLU B 139 24.23 33.14 -23.39
C GLU B 139 24.25 34.64 -23.58
N LYS B 140 23.15 35.19 -24.08
CA LYS B 140 23.05 36.62 -24.34
C LYS B 140 23.23 37.46 -23.08
N ARG B 141 22.76 36.94 -21.94
CA ARG B 141 22.89 37.65 -20.66
C ARG B 141 24.23 37.35 -20.00
N LYS B 142 25.01 36.46 -20.59
CA LYS B 142 26.29 36.06 -20.00
C LYS B 142 26.07 35.72 -18.54
N ILE B 143 25.04 34.92 -18.26
CA ILE B 143 24.72 34.54 -16.89
C ILE B 143 24.84 33.04 -16.67
N LYS B 144 25.50 32.36 -17.61
CA LYS B 144 25.66 30.92 -17.54
C LYS B 144 26.34 30.47 -16.26
N ASP B 145 27.28 31.28 -15.78
CA ASP B 145 28.11 30.87 -14.65
C ASP B 145 27.55 31.31 -13.30
N LYS B 146 26.58 32.23 -13.33
CA LYS B 146 25.82 32.54 -12.13
C LYS B 146 25.04 31.29 -11.80
N LYS B 147 24.84 30.98 -10.53
CA LYS B 147 24.02 29.81 -10.27
C LYS B 147 22.58 30.21 -9.99
N LEU B 148 21.79 30.26 -11.06
CA LEU B 148 20.48 30.86 -10.98
C LEU B 148 19.37 29.84 -10.96
N PRO B 149 18.51 29.94 -9.95
CA PRO B 149 17.42 29.00 -9.72
C PRO B 149 16.38 29.13 -10.82
N VAL B 150 15.93 28.01 -11.33
CA VAL B 150 14.99 28.02 -12.44
C VAL B 150 13.61 27.51 -12.04
N GLY B 151 12.60 28.32 -12.34
CA GLY B 151 11.21 27.92 -12.13
C GLY B 151 10.60 27.61 -13.48
N PHE B 152 9.76 26.58 -13.54
CA PHE B 152 9.21 26.14 -14.81
C PHE B 152 7.68 26.19 -14.83
N THR B 153 7.14 27.06 -15.67
CA THR B 153 5.69 27.17 -15.87
C THR B 153 5.26 26.32 -17.05
N PHE B 154 4.59 25.21 -16.75
CA PHE B 154 4.18 24.22 -17.73
C PHE B 154 2.65 24.08 -17.65
N SER B 155 1.92 24.69 -18.58
CA SER B 155 0.46 24.79 -18.47
C SER B 155 -0.31 23.56 -18.98
N PHE B 156 -0.07 22.42 -18.33
CA PHE B 156 -0.76 21.16 -18.62
C PHE B 156 -0.92 20.40 -17.31
N PRO B 157 -1.90 19.50 -17.23
CA PRO B 157 -2.13 18.78 -15.98
C PRO B 157 -1.00 17.80 -15.68
N CYS B 158 -0.46 17.88 -14.47
CA CYS B 158 0.66 17.05 -14.04
C CYS B 158 0.41 16.46 -12.67
N GLN B 159 1.05 15.34 -12.37
CA GLN B 159 0.97 14.72 -11.06
C GLN B 159 2.24 15.07 -10.30
N GLN B 160 2.08 15.58 -9.08
CA GLN B 160 3.23 16.00 -8.29
C GLN B 160 3.18 15.51 -6.84
N SER B 161 4.28 14.92 -6.38
CA SER B 161 4.40 14.53 -4.99
C SER B 161 5.21 15.60 -4.29
N LYS B 162 5.90 16.40 -5.10
CA LYS B 162 6.70 17.52 -4.61
C LYS B 162 6.81 18.59 -5.70
N ILE B 163 7.12 19.80 -5.27
CA ILE B 163 7.18 20.96 -6.15
C ILE B 163 8.12 20.81 -7.36
N ASP B 164 9.23 20.08 -7.18
CA ASP B 164 10.21 19.95 -8.26
C ASP B 164 10.03 18.68 -9.10
N GLU B 165 8.80 18.19 -9.18
CA GLU B 165 8.47 17.03 -9.99
C GLU B 165 7.16 17.32 -10.72
N ALA B 166 7.05 16.84 -11.95
CA ALA B 166 5.84 17.09 -12.72
C ALA B 166 5.63 16.03 -13.80
N ILE B 167 4.85 15.00 -13.46
CA ILE B 167 4.53 13.94 -14.40
C ILE B 167 3.33 14.34 -15.23
N LEU B 168 3.56 14.58 -16.52
CA LEU B 168 2.49 14.95 -17.43
C LEU B 168 1.40 13.88 -17.44
N ILE B 169 0.17 14.30 -17.21
CA ILE B 169 -0.96 13.39 -17.24
C ILE B 169 -1.50 13.25 -18.66
N THR B 170 -1.61 14.39 -19.35
CA THR B 170 -2.10 14.39 -20.72
C THR B 170 -1.88 15.74 -21.38
N TRP B 171 -1.65 15.72 -22.69
CA TRP B 171 -1.51 16.96 -23.45
C TRP B 171 -2.88 17.58 -23.66
N THR B 172 -2.91 18.90 -23.78
CA THR B 172 -4.15 19.62 -24.07
C THR B 172 -3.83 20.75 -25.03
N LYS B 173 -4.87 21.41 -25.54
CA LYS B 173 -4.67 22.55 -26.40
C LYS B 173 -3.92 22.14 -27.68
N ARG B 174 -2.76 22.74 -27.90
CA ARG B 174 -2.09 22.54 -29.17
C ARG B 174 -0.91 21.59 -29.15
N PHE B 175 -0.60 21.04 -27.98
CA PHE B 175 0.59 20.22 -27.84
C PHE B 175 0.28 18.74 -27.96
N LYS B 176 1.07 18.05 -28.79
CA LYS B 176 0.94 16.61 -28.89
C LYS B 176 2.30 15.99 -29.14
N ALA B 177 3.17 15.98 -28.14
CA ALA B 177 4.54 15.49 -28.33
C ALA B 177 4.70 14.10 -27.73
N SER B 178 5.22 13.17 -28.53
CA SER B 178 5.31 11.78 -28.11
C SER B 178 6.37 11.51 -27.04
N GLY B 179 6.09 10.55 -26.18
CA GLY B 179 7.03 10.17 -25.13
C GLY B 179 7.06 11.09 -23.93
N VAL B 180 6.02 11.91 -23.76
CA VAL B 180 5.99 12.84 -22.63
C VAL B 180 4.91 12.48 -21.61
N GLU B 181 3.73 12.10 -22.07
CA GLU B 181 2.67 11.70 -21.15
C GLU B 181 3.17 10.54 -20.31
N GLY B 182 3.08 10.69 -18.99
CA GLY B 182 3.48 9.62 -18.07
C GLY B 182 4.91 9.76 -17.59
N ALA B 183 5.62 10.75 -18.13
CA ALA B 183 7.00 10.99 -17.73
C ALA B 183 7.09 12.29 -16.92
N ASP B 184 8.20 12.43 -16.18
CA ASP B 184 8.45 13.62 -15.41
C ASP B 184 9.19 14.64 -16.28
N VAL B 185 8.48 15.69 -16.69
CA VAL B 185 9.02 16.71 -17.56
C VAL B 185 10.28 17.36 -16.99
N VAL B 186 10.42 17.32 -15.67
CA VAL B 186 11.63 17.86 -15.05
C VAL B 186 12.84 17.00 -15.41
N LYS B 187 12.66 15.68 -15.35
CA LYS B 187 13.73 14.78 -15.74
C LYS B 187 14.04 14.95 -17.22
N LEU B 188 13.00 14.93 -18.04
CA LEU B 188 13.17 15.11 -19.48
C LEU B 188 14.00 16.35 -19.81
N LEU B 189 13.61 17.47 -19.21
CA LEU B 189 14.31 18.73 -19.45
C LEU B 189 15.79 18.61 -19.07
N ASN B 190 16.04 18.10 -17.86
CA ASN B 190 17.43 17.92 -17.43
C ASN B 190 18.17 17.06 -18.44
N LYS B 191 17.53 15.96 -18.84
CA LYS B 191 18.12 15.08 -19.85
C LYS B 191 18.57 15.88 -21.06
N ALA B 192 17.70 16.73 -21.58
CA ALA B 192 17.99 17.55 -22.74
C ALA B 192 19.10 18.57 -22.46
N ILE B 193 19.10 19.11 -21.25
CA ILE B 193 20.11 20.08 -20.86
C ILE B 193 21.49 19.43 -20.79
N LYS B 194 21.53 18.21 -20.26
CA LYS B 194 22.79 17.49 -20.14
C LYS B 194 23.34 17.09 -21.49
N LYS B 195 22.47 16.86 -22.47
CA LYS B 195 22.92 16.47 -23.80
C LYS B 195 23.61 17.63 -24.52
N ARG B 196 23.31 18.86 -24.12
CA ARG B 196 23.94 20.03 -24.71
C ARG B 196 25.33 20.25 -24.14
N GLY B 197 25.40 20.44 -22.84
CA GLY B 197 26.67 20.67 -22.16
C GLY B 197 27.00 22.14 -21.96
N ASP B 198 26.29 23.01 -22.68
CA ASP B 198 26.54 24.44 -22.63
C ASP B 198 26.40 25.06 -21.24
N TYR B 199 25.77 24.35 -20.31
CA TYR B 199 25.51 24.93 -18.99
C TYR B 199 24.89 23.98 -17.98
N ASP B 200 24.66 24.53 -16.78
CA ASP B 200 23.97 23.84 -15.71
C ASP B 200 22.61 24.48 -15.53
N ALA B 201 21.65 23.73 -15.01
CA ALA B 201 20.31 24.27 -14.79
C ALA B 201 19.67 23.68 -13.54
N ASN B 202 19.31 24.54 -12.60
CA ASN B 202 18.70 24.10 -11.37
C ASN B 202 17.18 24.33 -11.37
N ILE B 203 16.44 23.49 -12.10
CA ILE B 203 14.98 23.54 -12.07
C ILE B 203 14.53 23.16 -10.67
N VAL B 204 13.96 24.10 -9.93
CA VAL B 204 13.60 23.85 -8.54
C VAL B 204 12.10 23.77 -8.30
N ALA B 205 11.32 24.21 -9.27
CA ALA B 205 9.87 24.17 -9.13
C ALA B 205 9.16 24.15 -10.47
N VAL B 206 7.99 23.52 -10.49
CA VAL B 206 7.14 23.46 -11.67
C VAL B 206 5.73 23.87 -11.25
N VAL B 207 5.13 24.79 -12.00
CA VAL B 207 3.79 25.28 -11.67
C VAL B 207 2.88 25.38 -12.90
N ASN B 208 1.59 25.28 -12.65
CA ASN B 208 0.59 25.50 -13.69
C ASN B 208 0.46 27.01 -13.92
N ASP B 209 -0.03 27.43 -15.08
CA ASP B 209 -0.12 28.86 -15.35
C ASP B 209 -1.18 29.55 -14.48
N THR B 210 -2.16 28.79 -13.99
CA THR B 210 -3.12 29.34 -13.04
C THR B 210 -2.41 29.68 -11.75
N VAL B 211 -1.60 28.74 -11.26
CA VAL B 211 -0.85 28.92 -10.03
C VAL B 211 0.07 30.14 -10.13
N GLY B 212 0.73 30.29 -11.27
CA GLY B 212 1.63 31.43 -11.48
C GLY B 212 0.83 32.71 -11.50
N THR B 213 -0.31 32.67 -12.18
CA THR B 213 -1.23 33.80 -12.24
C THR B 213 -1.66 34.23 -10.85
N MET B 214 -2.11 33.26 -10.05
CA MET B 214 -2.53 33.55 -8.68
C MET B 214 -1.39 34.19 -7.89
N MET B 215 -0.20 33.63 -7.99
CA MET B 215 0.95 34.15 -7.27
C MET B 215 1.35 35.54 -7.76
N THR B 216 1.22 35.79 -9.06
CA THR B 216 1.56 37.10 -9.59
C THR B 216 0.64 38.15 -9.01
N CYS B 217 -0.66 37.85 -9.02
CA CYS B 217 -1.65 38.77 -8.48
C CYS B 217 -1.57 38.82 -6.96
N GLY B 218 -1.30 37.67 -6.35
CA GLY B 218 -1.17 37.62 -4.90
C GLY B 218 -0.07 38.53 -4.41
N TYR B 219 0.89 38.81 -5.29
CA TYR B 219 2.00 39.67 -4.93
C TYR B 219 1.52 41.09 -4.62
N ASP B 220 0.58 41.57 -5.42
CA ASP B 220 0.05 42.92 -5.25
C ASP B 220 -1.24 42.98 -4.43
N ASP B 221 -1.88 41.83 -4.20
CA ASP B 221 -3.15 41.79 -3.48
C ASP B 221 -3.25 40.62 -2.49
N GLN B 222 -3.10 40.92 -1.21
CA GLN B 222 -3.11 39.90 -0.15
C GLN B 222 -4.40 39.08 -0.02
N HIS B 223 -5.44 39.47 -0.76
CA HIS B 223 -6.72 38.75 -0.67
C HIS B 223 -6.90 37.77 -1.80
N CYS B 224 -5.90 37.67 -2.68
CA CYS B 224 -5.98 36.79 -3.84
C CYS B 224 -5.99 35.32 -3.44
N GLU B 225 -7.01 34.59 -3.86
CA GLU B 225 -7.11 33.17 -3.52
C GLU B 225 -7.46 32.31 -4.72
N VAL B 226 -7.39 32.91 -5.92
CA VAL B 226 -7.73 32.19 -7.13
C VAL B 226 -6.90 32.68 -8.30
N GLY B 227 -6.54 31.75 -9.17
CA GLY B 227 -5.85 32.07 -10.41
C GLY B 227 -6.71 31.53 -11.54
N LEU B 228 -7.10 32.41 -12.46
CA LEU B 228 -8.00 32.02 -13.54
C LEU B 228 -7.42 32.30 -14.91
N ILE B 229 -7.41 31.27 -15.75
CA ILE B 229 -6.93 31.42 -17.12
C ILE B 229 -8.07 31.23 -18.12
N ILE B 230 -8.18 32.17 -19.05
CA ILE B 230 -9.14 32.07 -20.13
C ILE B 230 -8.47 32.56 -21.41
N GLY B 231 -7.51 31.78 -21.88
CA GLY B 231 -6.78 32.11 -23.11
C GLY B 231 -6.95 31.00 -24.13
N THR B 232 -5.83 30.45 -24.61
CA THR B 232 -5.88 29.31 -25.52
C THR B 232 -6.75 28.23 -24.92
N GLY B 233 -6.53 27.97 -23.63
CA GLY B 233 -7.33 27.02 -22.89
C GLY B 233 -7.92 27.71 -21.67
N THR B 234 -8.66 26.97 -20.86
CA THR B 234 -9.26 27.56 -19.65
C THR B 234 -9.07 26.66 -18.44
N ASN B 235 -8.80 27.28 -17.30
CA ASN B 235 -8.56 26.54 -16.06
C ASN B 235 -8.62 27.50 -14.87
N ALA B 236 -8.54 26.95 -13.66
CA ALA B 236 -8.57 27.78 -12.46
C ALA B 236 -7.97 27.02 -11.27
N CYS B 237 -7.35 27.76 -10.36
CA CYS B 237 -6.79 27.18 -9.14
C CYS B 237 -7.17 28.01 -7.92
N TYR B 238 -7.14 27.40 -6.73
CA TYR B 238 -7.53 28.11 -5.53
C TYR B 238 -6.90 27.51 -4.28
N MET B 239 -6.95 28.25 -3.18
CA MET B 239 -6.42 27.79 -1.90
C MET B 239 -7.43 26.90 -1.19
N GLU B 240 -7.08 25.63 -1.03
CA GLU B 240 -7.93 24.67 -0.36
C GLU B 240 -7.35 24.33 1.01
N GLU B 241 -8.22 24.01 1.97
CA GLU B 241 -7.76 23.61 3.30
C GLU B 241 -7.16 22.22 3.19
N LEU B 242 -5.97 22.04 3.76
CA LEU B 242 -5.25 20.77 3.64
C LEU B 242 -6.00 19.61 4.30
N ARG B 243 -6.93 19.93 5.20
CA ARG B 243 -7.73 18.91 5.85
C ARG B 243 -8.72 18.32 4.84
N HIS B 244 -8.91 19.03 3.73
CA HIS B 244 -9.83 18.61 2.69
C HIS B 244 -9.12 17.87 1.57
N ILE B 245 -7.79 17.96 1.56
CA ILE B 245 -7.01 17.33 0.51
C ILE B 245 -6.61 15.92 0.93
N ASP B 246 -7.49 14.97 0.65
CA ASP B 246 -7.27 13.57 1.00
C ASP B 246 -5.94 13.04 0.52
N LEU B 247 -5.57 13.37 -0.70
CA LEU B 247 -4.38 12.83 -1.33
C LEU B 247 -3.06 13.36 -0.79
N VAL B 248 -3.11 14.39 0.05
CA VAL B 248 -1.90 14.89 0.69
C VAL B 248 -2.02 14.74 2.20
N GLU B 249 -1.19 13.86 2.76
CA GLU B 249 -1.20 13.66 4.21
C GLU B 249 -0.93 14.96 4.92
N GLY B 250 -1.83 15.33 5.81
CA GLY B 250 -1.70 16.58 6.55
C GLY B 250 -3.04 17.25 6.71
N ASP B 251 -3.17 17.98 7.81
CA ASP B 251 -4.38 18.71 8.13
C ASP B 251 -3.99 20.14 8.44
N GLU B 252 -2.70 20.43 8.31
CA GLU B 252 -2.14 21.73 8.67
C GLU B 252 -2.11 22.72 7.50
N GLY B 253 -2.89 23.79 7.65
CA GLY B 253 -2.86 24.90 6.71
C GLY B 253 -3.64 24.73 5.43
N ARG B 254 -3.12 25.33 4.37
CA ARG B 254 -3.76 25.29 3.06
C ARG B 254 -2.73 24.99 1.97
N MET B 255 -3.24 24.61 0.81
CA MET B 255 -2.40 24.36 -0.35
C MET B 255 -3.19 24.73 -1.59
N CYS B 256 -2.49 25.23 -2.60
CA CYS B 256 -3.16 25.59 -3.84
C CYS B 256 -3.54 24.32 -4.60
N ILE B 257 -4.78 24.28 -5.08
CA ILE B 257 -5.28 23.15 -5.85
C ILE B 257 -5.56 23.56 -7.29
N ASN B 258 -4.95 22.85 -8.24
CA ASN B 258 -5.16 23.08 -9.65
C ASN B 258 -6.35 22.25 -10.12
N THR B 259 -7.51 22.88 -10.29
CA THR B 259 -8.73 22.12 -10.57
C THR B 259 -8.70 21.39 -11.91
N GLU B 260 -8.09 22.00 -12.92
CA GLU B 260 -8.10 21.42 -14.26
C GLU B 260 -9.53 21.21 -14.73
N TRP B 261 -10.34 22.26 -14.62
CA TRP B 261 -11.76 22.15 -14.91
C TRP B 261 -12.07 22.02 -16.40
N GLY B 262 -11.03 22.03 -17.23
CA GLY B 262 -11.21 21.83 -18.66
C GLY B 262 -11.76 20.43 -18.96
N ALA B 263 -11.45 19.48 -18.08
CA ALA B 263 -11.85 18.09 -18.29
C ALA B 263 -13.27 17.82 -17.78
N PHE B 264 -13.85 18.82 -17.12
CA PHE B 264 -15.23 18.77 -16.64
C PHE B 264 -16.16 18.27 -17.76
N GLY B 265 -16.91 17.22 -17.48
CA GLY B 265 -17.87 16.69 -18.45
C GLY B 265 -17.33 15.58 -19.36
N ASP B 266 -16.03 15.30 -19.27
CA ASP B 266 -15.43 14.28 -20.10
C ASP B 266 -16.04 12.90 -19.89
N ASP B 267 -16.73 12.74 -18.76
CA ASP B 267 -17.39 11.48 -18.45
C ASP B 267 -18.85 11.46 -18.91
N GLY B 268 -19.23 12.46 -19.71
CA GLY B 268 -20.60 12.57 -20.20
C GLY B 268 -21.47 13.45 -19.33
N SER B 269 -20.88 13.98 -18.27
CA SER B 269 -21.57 14.81 -17.29
C SER B 269 -22.29 16.03 -17.87
N LEU B 270 -21.81 16.53 -19.01
CA LEU B 270 -22.36 17.75 -19.59
C LEU B 270 -22.99 17.53 -20.97
N GLU B 271 -23.46 16.32 -21.23
CA GLU B 271 -23.99 16.02 -22.55
C GLU B 271 -25.30 16.74 -22.86
N ASP B 272 -26.05 17.10 -21.83
CA ASP B 272 -27.30 17.84 -22.02
C ASP B 272 -27.03 19.32 -22.29
N ILE B 273 -25.78 19.74 -22.11
CA ILE B 273 -25.38 21.11 -22.38
C ILE B 273 -24.68 21.23 -23.73
N ARG B 274 -23.89 20.21 -24.06
CA ARG B 274 -23.14 20.19 -25.33
C ARG B 274 -24.08 20.09 -26.53
N THR B 275 -23.69 20.70 -27.63
CA THR B 275 -24.51 20.70 -28.84
C THR B 275 -23.84 19.97 -30.01
N GLU B 276 -24.59 19.76 -31.07
CA GLU B 276 -24.07 19.13 -32.27
C GLU B 276 -22.81 19.85 -32.73
N PHE B 277 -22.74 21.14 -32.41
CA PHE B 277 -21.62 21.98 -32.81
C PHE B 277 -20.37 21.69 -31.98
N ASP B 278 -20.60 21.38 -30.70
CA ASP B 278 -19.51 21.04 -29.80
C ASP B 278 -18.97 19.67 -30.15
N ARG B 279 -19.87 18.79 -30.58
CA ARG B 279 -19.50 17.43 -30.96
C ARG B 279 -18.69 17.42 -32.24
N GLU B 280 -19.03 18.28 -33.19
CA GLU B 280 -18.28 18.31 -34.43
C GLU B 280 -16.89 18.91 -34.24
N ILE B 281 -16.80 20.01 -33.50
CA ILE B 281 -15.49 20.60 -33.23
C ILE B 281 -14.60 19.54 -32.60
N ASP B 282 -15.23 18.68 -31.80
CA ASP B 282 -14.52 17.63 -31.09
C ASP B 282 -13.94 16.60 -32.05
N ARG B 283 -14.78 16.05 -32.92
CA ARG B 283 -14.36 15.00 -33.83
C ARG B 283 -13.21 15.43 -34.72
N GLY B 284 -12.98 16.74 -34.80
CA GLY B 284 -11.89 17.28 -35.60
C GLY B 284 -10.76 17.82 -34.73
N SER B 285 -10.92 17.71 -33.42
CA SER B 285 -9.94 18.24 -32.48
C SER B 285 -8.72 17.34 -32.34
N LEU B 286 -7.66 17.92 -31.80
CA LEU B 286 -6.41 17.24 -31.57
C LEU B 286 -6.55 16.16 -30.49
N ASN B 287 -7.47 16.38 -29.55
CA ASN B 287 -7.67 15.46 -28.44
C ASN B 287 -9.14 15.02 -28.28
N PRO B 288 -9.63 14.20 -29.21
CA PRO B 288 -11.04 13.80 -29.25
C PRO B 288 -11.56 13.24 -27.93
N GLY B 289 -12.70 13.75 -27.49
CA GLY B 289 -13.37 13.26 -26.28
C GLY B 289 -12.79 13.80 -24.99
N LYS B 290 -11.84 14.73 -25.08
CA LYS B 290 -11.20 15.28 -23.90
C LYS B 290 -11.35 16.80 -23.80
N GLN B 291 -11.27 17.32 -22.57
CA GLN B 291 -11.38 18.76 -22.33
C GLN B 291 -12.68 19.35 -22.90
N LEU B 292 -13.74 18.56 -22.88
CA LEU B 292 -15.01 18.96 -23.46
C LEU B 292 -15.56 20.30 -22.95
N PHE B 293 -15.42 20.55 -21.65
CA PHE B 293 -15.86 21.80 -21.09
C PHE B 293 -15.02 22.93 -21.66
N GLU B 294 -13.71 22.75 -21.64
CA GLU B 294 -12.78 23.74 -22.15
C GLU B 294 -13.10 24.09 -23.60
N LYS B 295 -13.55 23.08 -24.35
CA LYS B 295 -13.85 23.27 -25.77
C LYS B 295 -15.07 24.14 -26.02
N MET B 296 -15.79 24.48 -24.96
CA MET B 296 -16.94 25.38 -25.07
C MET B 296 -16.56 26.78 -24.60
N VAL B 297 -15.33 26.95 -24.13
CA VAL B 297 -14.89 28.21 -23.52
C VAL B 297 -13.68 28.89 -24.19
N SER B 298 -12.53 28.22 -24.16
CA SER B 298 -11.24 28.84 -24.56
C SER B 298 -11.14 29.38 -25.99
N GLY B 299 -10.21 30.31 -26.17
CA GLY B 299 -10.02 30.98 -27.46
C GLY B 299 -9.65 30.07 -28.62
N MET B 300 -8.95 28.99 -28.31
CA MET B 300 -8.54 28.06 -29.35
C MET B 300 -9.74 27.49 -30.08
N TYR B 301 -10.93 27.63 -29.51
CA TYR B 301 -12.10 26.97 -30.08
C TYR B 301 -13.27 27.90 -30.45
N LEU B 302 -13.46 28.98 -29.71
CA LEU B 302 -14.62 29.84 -29.94
C LEU B 302 -14.81 30.21 -31.42
N GLY B 303 -13.72 30.61 -32.07
CA GLY B 303 -13.79 30.95 -33.49
C GLY B 303 -14.26 29.83 -34.39
N GLU B 304 -13.61 28.67 -34.27
CA GLU B 304 -13.94 27.51 -35.09
C GLU B 304 -15.38 27.08 -34.85
N LEU B 305 -15.81 27.21 -33.60
CA LEU B 305 -17.17 26.87 -33.22
C LEU B 305 -18.15 27.76 -34.00
N VAL B 306 -17.82 29.05 -34.09
CA VAL B 306 -18.64 29.99 -34.84
C VAL B 306 -18.68 29.59 -36.32
N ARG B 307 -17.50 29.36 -36.89
CA ARG B 307 -17.39 28.99 -38.30
C ARG B 307 -18.33 27.82 -38.63
N LEU B 308 -18.34 26.82 -37.76
CA LEU B 308 -19.17 25.63 -37.97
C LEU B 308 -20.65 25.96 -38.05
N ILE B 309 -21.07 26.94 -37.25
CA ILE B 309 -22.47 27.36 -37.24
C ILE B 309 -22.80 28.13 -38.51
N LEU B 310 -21.88 28.99 -38.94
CA LEU B 310 -22.06 29.75 -40.17
C LEU B 310 -22.26 28.82 -41.35
N VAL B 311 -21.39 27.81 -41.44
CA VAL B 311 -21.46 26.81 -42.51
C VAL B 311 -22.81 26.10 -42.49
N LYS B 312 -23.27 25.76 -41.29
CA LYS B 312 -24.56 25.12 -41.12
C LYS B 312 -25.67 26.01 -41.66
N MET B 313 -25.73 27.23 -41.12
CA MET B 313 -26.74 28.20 -41.53
C MET B 313 -26.73 28.44 -43.03
N ALA B 314 -25.56 28.69 -43.59
CA ALA B 314 -25.42 28.93 -45.02
C ALA B 314 -26.04 27.81 -45.82
N LYS B 315 -25.74 26.56 -45.44
CA LYS B 315 -26.29 25.42 -46.13
C LYS B 315 -27.80 25.44 -46.11
N GLU B 316 -28.39 26.14 -45.15
CA GLU B 316 -29.84 26.19 -45.04
C GLU B 316 -30.40 27.50 -45.58
N GLY B 317 -29.55 28.26 -46.28
CA GLY B 317 -29.98 29.50 -46.94
C GLY B 317 -30.09 30.66 -45.98
N LEU B 318 -29.79 30.39 -44.72
CA LEU B 318 -29.94 31.37 -43.65
C LEU B 318 -29.00 32.56 -43.75
N LEU B 319 -27.86 32.36 -44.42
CA LEU B 319 -26.96 33.48 -44.64
C LEU B 319 -26.53 33.46 -46.11
N PHE B 320 -26.24 34.64 -46.64
CA PHE B 320 -25.69 34.80 -48.00
C PHE B 320 -26.37 34.01 -49.11
N GLU B 321 -27.68 34.13 -49.27
CA GLU B 321 -28.34 33.42 -50.36
C GLU B 321 -28.04 31.92 -50.33
N GLY B 322 -27.49 31.45 -49.21
CA GLY B 322 -27.13 30.03 -49.09
C GLY B 322 -25.82 29.71 -49.78
N ARG B 323 -25.11 30.74 -50.20
CA ARG B 323 -23.81 30.56 -50.86
C ARG B 323 -22.75 30.04 -49.89
N ILE B 324 -21.84 29.24 -50.41
CA ILE B 324 -20.78 28.66 -49.60
C ILE B 324 -19.48 28.63 -50.38
N THR B 325 -18.45 29.31 -49.86
CA THR B 325 -17.15 29.32 -50.50
C THR B 325 -16.23 28.30 -49.86
N PRO B 326 -15.20 27.85 -50.59
CA PRO B 326 -14.25 26.88 -50.06
C PRO B 326 -13.59 27.40 -48.78
N GLU B 327 -13.31 28.70 -48.74
CA GLU B 327 -12.72 29.32 -47.56
C GLU B 327 -13.61 29.13 -46.33
N LEU B 328 -14.90 29.38 -46.52
CA LEU B 328 -15.86 29.23 -45.43
C LEU B 328 -15.81 27.82 -44.85
N LEU B 329 -15.48 26.84 -45.69
CA LEU B 329 -15.48 25.44 -45.29
C LEU B 329 -14.15 24.97 -44.70
N THR B 330 -13.13 25.81 -44.80
CA THR B 330 -11.80 25.43 -44.34
C THR B 330 -11.61 25.61 -42.84
N ARG B 331 -10.97 24.61 -42.22
CA ARG B 331 -10.70 24.61 -40.79
C ARG B 331 -9.78 25.76 -40.42
N GLY B 332 -10.19 26.55 -39.44
CA GLY B 332 -9.36 27.64 -38.94
C GLY B 332 -9.51 28.97 -39.66
N LYS B 333 -10.38 29.02 -40.66
CA LYS B 333 -10.56 30.24 -41.45
C LYS B 333 -11.28 31.36 -40.69
N PHE B 334 -11.94 31.01 -39.59
CA PHE B 334 -12.62 32.01 -38.76
C PHE B 334 -12.09 31.99 -37.34
N ASN B 335 -11.16 32.89 -37.04
CA ASN B 335 -10.52 32.93 -35.73
C ASN B 335 -11.32 33.63 -34.65
N THR B 336 -11.04 33.26 -33.41
CA THR B 336 -11.64 33.90 -32.25
C THR B 336 -11.31 35.37 -32.27
N SER B 337 -10.15 35.69 -32.85
CA SER B 337 -9.72 37.06 -33.01
C SER B 337 -10.79 37.85 -33.76
N ASP B 338 -11.27 37.26 -34.86
CA ASP B 338 -12.33 37.85 -35.65
C ASP B 338 -13.60 37.98 -34.82
N VAL B 339 -13.81 37.02 -33.92
CA VAL B 339 -14.96 37.04 -33.04
C VAL B 339 -14.91 38.27 -32.14
N SER B 340 -13.69 38.64 -31.72
CA SER B 340 -13.53 39.82 -30.89
C SER B 340 -13.85 41.07 -31.69
N ALA B 341 -13.20 41.21 -32.84
CA ALA B 341 -13.41 42.35 -33.71
C ALA B 341 -14.90 42.57 -33.95
N ILE B 342 -15.56 41.55 -34.47
CA ILE B 342 -16.97 41.65 -34.82
C ILE B 342 -17.86 42.05 -33.65
N GLU B 343 -17.39 41.84 -32.42
CA GLU B 343 -18.18 42.21 -31.25
C GLU B 343 -17.82 43.59 -30.72
N LYS B 344 -17.02 44.31 -31.49
CA LYS B 344 -16.61 45.67 -31.17
C LYS B 344 -17.80 46.63 -31.24
N ASN B 345 -17.96 47.46 -30.21
CA ASN B 345 -19.03 48.47 -30.22
C ASN B 345 -18.95 49.31 -31.48
N LYS B 346 -17.76 49.83 -31.70
CA LYS B 346 -17.43 50.75 -32.79
C LYS B 346 -17.54 50.19 -34.22
N GLU B 347 -16.90 49.04 -34.46
CA GLU B 347 -16.86 48.49 -35.83
C GLU B 347 -17.36 47.07 -35.95
N GLY B 348 -18.04 46.54 -34.94
CA GLY B 348 -18.44 45.12 -35.07
C GLY B 348 -18.99 44.90 -36.47
N LEU B 349 -20.09 45.59 -36.74
CA LEU B 349 -20.82 45.42 -38.00
C LEU B 349 -19.91 45.71 -39.16
N HIS B 350 -19.02 46.67 -38.96
CA HIS B 350 -18.06 47.04 -39.96
C HIS B 350 -17.05 45.94 -40.17
N ASN B 351 -16.29 45.62 -39.13
CA ASN B 351 -15.30 44.56 -39.19
C ASN B 351 -15.90 43.29 -39.79
N ALA B 352 -17.11 42.95 -39.35
CA ALA B 352 -17.80 41.78 -39.86
C ALA B 352 -17.83 41.80 -41.38
N LYS B 353 -18.03 42.99 -41.95
CA LYS B 353 -18.08 43.13 -43.40
C LYS B 353 -16.75 42.74 -44.06
N GLU B 354 -15.65 43.30 -43.56
CA GLU B 354 -14.33 43.00 -44.10
C GLU B 354 -14.00 41.51 -43.98
N ILE B 355 -14.20 40.96 -42.79
CA ILE B 355 -13.92 39.55 -42.54
C ILE B 355 -14.67 38.66 -43.52
N LEU B 356 -16.00 38.73 -43.48
CA LEU B 356 -16.85 37.90 -44.31
C LEU B 356 -16.58 38.06 -45.81
N THR B 357 -16.17 39.26 -46.20
CA THR B 357 -15.87 39.54 -47.60
C THR B 357 -14.58 38.84 -48.03
N ARG B 358 -13.71 38.59 -47.06
CA ARG B 358 -12.47 37.87 -47.32
C ARG B 358 -12.75 36.38 -47.36
N LEU B 359 -13.80 35.96 -46.67
CA LEU B 359 -14.18 34.54 -46.62
C LEU B 359 -14.95 34.11 -47.86
N GLY B 360 -14.86 34.90 -48.92
CA GLY B 360 -15.48 34.53 -50.19
C GLY B 360 -16.97 34.85 -50.34
N VAL B 361 -17.73 34.76 -49.26
CA VAL B 361 -19.17 35.03 -49.34
C VAL B 361 -19.42 36.50 -49.64
N GLU B 362 -20.64 36.80 -50.11
CA GLU B 362 -21.02 38.17 -50.38
C GLU B 362 -21.85 38.68 -49.21
N PRO B 363 -21.19 39.29 -48.22
CA PRO B 363 -21.87 39.72 -46.99
C PRO B 363 -22.86 40.85 -47.22
N SER B 364 -24.13 40.57 -46.98
CA SER B 364 -25.15 41.61 -47.02
C SER B 364 -25.23 42.21 -45.64
N ASP B 365 -25.53 43.50 -45.56
CA ASP B 365 -25.58 44.20 -44.28
C ASP B 365 -26.29 43.38 -43.21
N ASP B 366 -27.28 42.60 -43.62
CA ASP B 366 -28.02 41.76 -42.68
C ASP B 366 -27.20 40.56 -42.23
N ASP B 367 -26.44 40.00 -43.17
CA ASP B 367 -25.55 38.89 -42.84
C ASP B 367 -24.62 39.35 -41.73
N CYS B 368 -24.05 40.54 -41.89
CA CYS B 368 -23.13 41.09 -40.90
C CYS B 368 -23.76 41.18 -39.53
N VAL B 369 -25.06 41.45 -39.48
CA VAL B 369 -25.78 41.50 -38.22
C VAL B 369 -25.98 40.09 -37.67
N SER B 370 -26.43 39.20 -38.54
CA SER B 370 -26.65 37.79 -38.18
C SER B 370 -25.37 37.18 -37.63
N VAL B 371 -24.30 37.31 -38.41
CA VAL B 371 -22.99 36.80 -38.04
C VAL B 371 -22.56 37.33 -36.67
N GLN B 372 -22.51 38.66 -36.56
CA GLN B 372 -22.10 39.31 -35.32
C GLN B 372 -22.92 38.83 -34.12
N HIS B 373 -24.18 38.49 -34.36
CA HIS B 373 -25.04 38.04 -33.29
C HIS B 373 -24.70 36.60 -32.89
N VAL B 374 -24.26 35.81 -33.86
CA VAL B 374 -23.82 34.45 -33.56
C VAL B 374 -22.61 34.52 -32.65
N CYS B 375 -21.64 35.35 -33.03
CA CYS B 375 -20.45 35.56 -32.20
C CYS B 375 -20.87 35.89 -30.78
N THR B 376 -21.88 36.75 -30.65
CA THR B 376 -22.38 37.16 -29.36
C THR B 376 -22.88 35.98 -28.55
N ILE B 377 -23.66 35.11 -29.18
CA ILE B 377 -24.22 33.95 -28.51
C ILE B 377 -23.15 32.98 -28.01
N VAL B 378 -22.18 32.68 -28.87
CA VAL B 378 -21.10 31.78 -28.53
C VAL B 378 -20.24 32.37 -27.42
N SER B 379 -19.70 33.56 -27.68
CA SER B 379 -18.86 34.27 -26.73
C SER B 379 -19.53 34.40 -25.36
N PHE B 380 -20.83 34.68 -25.36
CA PHE B 380 -21.57 34.85 -24.12
C PHE B 380 -21.67 33.53 -23.36
N ARG B 381 -21.92 32.45 -24.07
CA ARG B 381 -22.03 31.15 -23.42
C ARG B 381 -20.72 30.76 -22.74
N SER B 382 -19.61 31.11 -23.39
CA SER B 382 -18.30 30.85 -22.83
C SER B 382 -18.18 31.55 -21.48
N ALA B 383 -18.40 32.86 -21.49
CA ALA B 383 -18.29 33.67 -20.28
C ALA B 383 -19.23 33.17 -19.19
N ASN B 384 -20.46 32.83 -19.58
CA ASN B 384 -21.42 32.31 -18.61
C ASN B 384 -20.96 31.01 -17.97
N LEU B 385 -20.49 30.08 -18.81
CA LEU B 385 -20.02 28.79 -18.32
C LEU B 385 -18.92 28.99 -17.28
N VAL B 386 -17.95 29.84 -17.61
CA VAL B 386 -16.87 30.13 -16.68
C VAL B 386 -17.40 30.71 -15.38
N ALA B 387 -18.42 31.57 -15.47
CA ALA B 387 -19.02 32.15 -14.29
C ALA B 387 -19.61 31.08 -13.39
N ALA B 388 -20.24 30.09 -14.00
CA ALA B 388 -20.83 28.99 -13.24
C ALA B 388 -19.77 28.21 -12.45
N THR B 389 -18.68 27.85 -13.11
CA THR B 389 -17.64 27.06 -12.45
C THR B 389 -16.85 27.90 -11.45
N LEU B 390 -16.51 29.12 -11.83
CA LEU B 390 -15.85 30.02 -10.90
C LEU B 390 -16.72 30.22 -9.67
N GLY B 391 -18.01 30.43 -9.91
CA GLY B 391 -18.96 30.62 -8.82
C GLY B 391 -18.94 29.45 -7.86
N ALA B 392 -18.90 28.24 -8.40
CA ALA B 392 -18.82 27.05 -7.58
C ALA B 392 -17.62 27.14 -6.64
N ILE B 393 -16.48 27.55 -7.19
CA ILE B 393 -15.25 27.68 -6.42
C ILE B 393 -15.41 28.72 -5.32
N LEU B 394 -16.01 29.85 -5.67
CA LEU B 394 -16.23 30.93 -4.71
C LEU B 394 -17.06 30.44 -3.53
N ASN B 395 -18.16 29.75 -3.82
CA ASN B 395 -18.98 29.17 -2.77
C ASN B 395 -18.19 28.19 -1.92
N ARG B 396 -17.32 27.43 -2.57
CA ARG B 396 -16.47 26.50 -1.88
C ARG B 396 -15.57 27.25 -0.89
N LEU B 397 -14.97 28.34 -1.36
CA LEU B 397 -14.07 29.15 -0.55
C LEU B 397 -14.76 29.72 0.68
N ARG B 398 -16.03 30.09 0.53
CA ARG B 398 -16.76 30.67 1.65
C ARG B 398 -17.09 29.61 2.69
N ASP B 399 -17.66 28.49 2.25
CA ASP B 399 -17.96 27.40 3.17
C ASP B 399 -16.74 27.01 3.98
N ASN B 400 -15.55 27.17 3.39
CA ASN B 400 -14.33 26.84 4.10
C ASN B 400 -14.05 27.83 5.22
N LYS B 401 -14.52 29.06 5.05
CA LYS B 401 -14.35 30.09 6.07
C LYS B 401 -15.49 30.02 7.08
N GLY B 402 -16.64 29.53 6.65
CA GLY B 402 -17.80 29.40 7.52
C GLY B 402 -18.42 30.75 7.89
N THR B 403 -18.33 31.70 6.96
CA THR B 403 -18.89 33.04 7.16
C THR B 403 -20.00 33.30 6.15
N PRO B 404 -20.90 34.24 6.46
CA PRO B 404 -22.01 34.54 5.57
C PRO B 404 -21.56 35.21 4.28
N ARG B 405 -20.60 36.13 4.37
CA ARG B 405 -20.12 36.85 3.21
C ARG B 405 -18.70 36.41 2.85
N LEU B 406 -18.26 36.74 1.64
CA LEU B 406 -16.91 36.43 1.20
C LEU B 406 -16.30 37.60 0.44
N ARG B 407 -15.05 37.93 0.77
CA ARG B 407 -14.32 38.97 0.06
C ARG B 407 -13.03 38.36 -0.45
N THR B 408 -12.88 38.27 -1.76
CA THR B 408 -11.70 37.66 -2.32
C THR B 408 -11.30 38.30 -3.64
N THR B 409 -10.04 38.14 -4.00
CA THR B 409 -9.54 38.65 -5.27
C THR B 409 -9.20 37.49 -6.22
N VAL B 410 -9.55 37.66 -7.49
CA VAL B 410 -9.30 36.63 -8.49
C VAL B 410 -8.31 37.13 -9.54
N GLY B 411 -7.12 36.52 -9.57
CA GLY B 411 -6.14 36.84 -10.60
C GLY B 411 -6.57 36.26 -11.93
N VAL B 412 -6.38 37.01 -13.01
CA VAL B 412 -6.82 36.56 -14.32
C VAL B 412 -5.77 36.81 -15.40
N ASP B 413 -5.77 35.96 -16.42
CA ASP B 413 -4.88 36.10 -17.55
C ASP B 413 -5.44 35.25 -18.69
N GLY B 414 -4.97 35.51 -19.90
CA GLY B 414 -5.50 34.81 -21.07
C GLY B 414 -5.85 35.78 -22.19
N SER B 415 -5.50 35.41 -23.41
CA SER B 415 -5.68 36.28 -24.55
C SER B 415 -7.15 36.63 -24.80
N LEU B 416 -8.03 35.64 -24.70
CA LEU B 416 -9.44 35.88 -24.93
C LEU B 416 -9.98 36.92 -23.97
N TYR B 417 -9.69 36.72 -22.68
CA TYR B 417 -10.17 37.62 -21.64
C TYR B 417 -9.58 39.02 -21.80
N LYS B 418 -8.32 39.09 -22.23
CA LYS B 418 -7.63 40.38 -22.35
C LYS B 418 -8.01 41.18 -23.60
N THR B 419 -8.47 40.49 -24.65
CA THR B 419 -8.71 41.15 -25.92
C THR B 419 -10.18 41.21 -26.37
N HIS B 420 -11.09 40.55 -25.65
CA HIS B 420 -12.49 40.61 -26.04
C HIS B 420 -13.18 41.85 -25.47
N PRO B 421 -13.86 42.62 -26.34
CA PRO B 421 -14.51 43.87 -25.97
C PRO B 421 -15.81 43.73 -25.17
N GLN B 422 -16.21 42.50 -24.83
CA GLN B 422 -17.46 42.29 -24.09
C GLN B 422 -17.31 41.26 -22.98
N TYR B 423 -16.60 40.19 -23.31
CA TYR B 423 -16.45 39.02 -22.43
C TYR B 423 -16.29 39.37 -20.96
N SER B 424 -15.20 40.04 -20.63
CA SER B 424 -14.89 40.41 -19.25
C SER B 424 -16.15 40.92 -18.54
N ARG B 425 -16.73 41.97 -19.13
CA ARG B 425 -17.92 42.61 -18.58
C ARG B 425 -19.09 41.66 -18.39
N ARG B 426 -19.42 40.92 -19.45
CA ARG B 426 -20.51 39.94 -19.37
C ARG B 426 -20.19 38.89 -18.31
N PHE B 427 -18.95 38.43 -18.33
CA PHE B 427 -18.46 37.41 -17.39
C PHE B 427 -18.62 37.86 -15.93
N HIS B 428 -18.06 39.02 -15.61
CA HIS B 428 -18.16 39.57 -14.26
C HIS B 428 -19.62 39.74 -13.85
N LYS B 429 -20.42 40.25 -14.77
CA LYS B 429 -21.85 40.49 -14.55
C LYS B 429 -22.56 39.22 -14.07
N THR B 430 -22.52 38.19 -14.90
CA THR B 430 -23.16 36.92 -14.60
C THR B 430 -22.61 36.32 -13.30
N LEU B 431 -21.29 36.40 -13.14
CA LEU B 431 -20.67 35.84 -11.96
C LEU B 431 -21.26 36.44 -10.68
N ARG B 432 -21.14 37.76 -10.56
CA ARG B 432 -21.60 38.46 -9.37
C ARG B 432 -23.08 38.20 -9.09
N ARG B 433 -23.84 37.96 -10.14
CA ARG B 433 -25.25 37.61 -9.98
C ARG B 433 -25.39 36.22 -9.39
N LEU B 434 -24.48 35.32 -9.78
CA LEU B 434 -24.56 33.93 -9.34
C LEU B 434 -24.13 33.73 -7.90
N VAL B 435 -23.12 34.44 -7.46
CA VAL B 435 -22.78 34.43 -6.04
C VAL B 435 -23.23 35.76 -5.48
N PRO B 436 -24.43 35.75 -4.87
CA PRO B 436 -25.08 36.96 -4.40
C PRO B 436 -24.23 37.76 -3.43
N ASP B 437 -23.64 37.06 -2.48
CA ASP B 437 -23.18 37.70 -1.27
C ASP B 437 -21.70 37.50 -1.10
N SER B 438 -20.96 38.11 -2.01
CA SER B 438 -19.54 38.00 -2.05
C SER B 438 -19.08 39.22 -2.81
N ASP B 439 -17.97 39.80 -2.37
CA ASP B 439 -17.38 40.90 -3.10
C ASP B 439 -16.14 40.36 -3.79
N VAL B 440 -16.08 40.51 -5.11
CA VAL B 440 -14.99 39.94 -5.88
C VAL B 440 -14.22 40.95 -6.72
N ARG B 441 -12.91 41.00 -6.53
CA ARG B 441 -12.05 41.82 -7.36
C ARG B 441 -11.41 40.96 -8.44
N PHE B 442 -11.41 41.46 -9.68
CA PHE B 442 -10.78 40.76 -10.78
C PHE B 442 -9.53 41.50 -11.20
N LEU B 443 -8.40 41.08 -10.68
CA LEU B 443 -7.13 41.73 -10.99
C LEU B 443 -6.45 41.05 -12.17
N LEU B 444 -6.43 41.74 -13.29
CA LEU B 444 -5.81 41.22 -14.50
C LEU B 444 -4.31 41.35 -14.42
N SER B 445 -3.61 40.22 -14.58
CA SER B 445 -2.17 40.21 -14.60
C SER B 445 -1.68 40.73 -15.95
N GLU B 446 -0.93 41.82 -15.94
CA GLU B 446 -0.46 42.44 -17.17
C GLU B 446 0.95 41.98 -17.55
N SER B 447 1.62 41.31 -16.63
CA SER B 447 2.99 40.86 -16.85
C SER B 447 3.10 39.36 -17.13
N GLY B 448 2.01 38.63 -16.94
CA GLY B 448 2.03 37.19 -17.09
C GLY B 448 2.36 36.50 -15.78
N SER B 449 2.45 35.18 -15.80
CA SER B 449 2.71 34.42 -14.58
C SER B 449 4.14 34.58 -14.09
N GLY B 450 4.95 35.28 -14.89
CA GLY B 450 6.37 35.48 -14.59
C GLY B 450 6.73 35.83 -13.16
N LYS B 451 6.19 36.93 -12.66
CA LYS B 451 6.50 37.35 -11.29
C LYS B 451 6.09 36.29 -10.28
N GLY B 452 4.92 35.71 -10.49
CA GLY B 452 4.40 34.67 -9.60
C GLY B 452 5.27 33.42 -9.59
N ALA B 453 5.68 32.98 -10.79
CA ALA B 453 6.52 31.80 -10.91
C ALA B 453 7.83 32.00 -10.15
N ALA B 454 8.37 33.21 -10.24
CA ALA B 454 9.61 33.52 -9.53
C ALA B 454 9.40 33.44 -8.02
N MET B 455 8.25 33.93 -7.55
CA MET B 455 7.94 33.89 -6.11
C MET B 455 7.90 32.45 -5.62
N VAL B 456 7.28 31.56 -6.40
CA VAL B 456 7.25 30.15 -6.08
C VAL B 456 8.66 29.59 -6.06
N THR B 457 9.45 29.95 -7.06
CA THR B 457 10.83 29.49 -7.18
C THR B 457 11.65 29.88 -5.95
N ALA B 458 11.43 31.10 -5.46
CA ALA B 458 12.16 31.59 -4.30
C ALA B 458 11.99 30.64 -3.10
N VAL B 459 10.74 30.36 -2.76
CA VAL B 459 10.44 29.48 -1.63
C VAL B 459 10.93 28.06 -1.87
N ALA B 460 10.80 27.58 -3.10
CA ALA B 460 11.25 26.24 -3.46
C ALA B 460 12.76 26.09 -3.30
N TYR B 461 13.51 27.06 -3.81
CA TYR B 461 14.96 27.03 -3.69
C TYR B 461 15.37 27.01 -2.23
N ARG B 462 14.83 27.94 -1.46
CA ARG B 462 15.08 28.00 -0.03
C ARG B 462 14.91 26.63 0.59
N LEU B 463 13.84 25.94 0.19
CA LEU B 463 13.53 24.62 0.71
C LEU B 463 14.44 23.53 0.12
N ALA B 464 14.81 23.69 -1.15
CA ALA B 464 15.74 22.76 -1.80
C ALA B 464 17.07 22.78 -1.06
N GLU B 465 17.48 23.97 -0.63
CA GLU B 465 18.72 24.15 0.10
C GLU B 465 18.72 23.41 1.43
N GLN B 466 17.58 23.43 2.12
CA GLN B 466 17.47 22.69 3.37
C GLN B 466 17.60 21.20 3.11
N HIS B 467 16.91 20.72 2.08
CA HIS B 467 16.95 19.31 1.74
C HIS B 467 18.37 18.90 1.37
N ARG B 468 19.05 19.72 0.59
CA ARG B 468 20.43 19.42 0.20
C ARG B 468 21.30 19.19 1.42
N GLN B 469 21.24 20.13 2.37
CA GLN B 469 22.05 20.05 3.58
C GLN B 469 21.68 18.84 4.43
N ILE B 470 20.39 18.52 4.48
CA ILE B 470 19.93 17.38 5.26
C ILE B 470 20.44 16.06 4.67
N GLU B 471 20.30 15.89 3.35
CA GLU B 471 20.76 14.69 2.68
C GLU B 471 22.29 14.61 2.73
N GLU B 472 22.93 15.78 2.70
CA GLU B 472 24.37 15.85 2.80
C GLU B 472 24.79 15.18 4.09
N THR B 473 24.20 15.62 5.20
CA THR B 473 24.48 15.06 6.51
C THR B 473 24.16 13.57 6.57
N LEU B 474 22.93 13.20 6.24
CA LEU B 474 22.50 11.80 6.33
C LEU B 474 23.35 10.85 5.48
N ALA B 475 23.87 11.34 4.36
CA ALA B 475 24.69 10.49 3.49
C ALA B 475 25.84 9.83 4.26
N HIS B 476 26.38 10.54 5.25
CA HIS B 476 27.47 10.00 6.04
C HIS B 476 27.09 8.71 6.78
N PHE B 477 25.81 8.38 6.77
CA PHE B 477 25.34 7.15 7.43
C PHE B 477 25.06 6.07 6.40
N HIS B 478 25.27 6.38 5.13
CA HIS B 478 25.08 5.41 4.06
C HIS B 478 26.34 4.59 3.86
N LEU B 479 26.19 3.27 3.77
CA LEU B 479 27.32 2.39 3.55
C LEU B 479 27.11 1.57 2.26
N THR B 480 28.11 1.60 1.38
CA THR B 480 28.05 0.85 0.13
C THR B 480 28.46 -0.59 0.35
N LYS B 481 28.11 -1.45 -0.61
CA LYS B 481 28.47 -2.86 -0.55
C LYS B 481 29.96 -2.98 -0.24
N ASP B 482 30.75 -2.10 -0.85
CA ASP B 482 32.20 -2.11 -0.69
C ASP B 482 32.66 -1.65 0.68
N MET B 483 32.00 -0.63 1.24
CA MET B 483 32.33 -0.18 2.59
C MET B 483 32.03 -1.31 3.57
N LEU B 484 30.96 -2.04 3.30
CA LEU B 484 30.52 -3.13 4.16
C LEU B 484 31.47 -4.32 4.10
N LEU B 485 31.95 -4.62 2.90
CA LEU B 485 32.91 -5.70 2.74
C LEU B 485 34.19 -5.36 3.50
N GLU B 486 34.57 -4.09 3.47
CA GLU B 486 35.73 -3.62 4.20
C GLU B 486 35.56 -3.81 5.71
N VAL B 487 34.37 -3.49 6.22
CA VAL B 487 34.10 -3.64 7.63
C VAL B 487 34.21 -5.11 8.00
N LYS B 488 33.66 -5.98 7.17
CA LYS B 488 33.75 -7.42 7.39
C LYS B 488 35.21 -7.86 7.46
N LYS B 489 35.99 -7.42 6.49
CA LYS B 489 37.42 -7.72 6.42
C LYS B 489 38.14 -7.25 7.68
N ARG B 490 37.89 -6.02 8.09
CA ARG B 490 38.51 -5.48 9.30
C ARG B 490 38.10 -6.31 10.51
N MET B 491 36.83 -6.67 10.58
CA MET B 491 36.33 -7.49 11.67
C MET B 491 37.11 -8.80 11.70
N ARG B 492 37.33 -9.39 10.53
CA ARG B 492 38.06 -10.64 10.43
C ARG B 492 39.46 -10.51 11.04
N ALA B 493 40.20 -9.48 10.63
CA ALA B 493 41.53 -9.22 11.17
C ALA B 493 41.49 -9.15 12.69
N GLU B 494 40.57 -8.34 13.22
CA GLU B 494 40.44 -8.17 14.67
C GLU B 494 40.22 -9.50 15.37
N MET B 495 39.52 -10.41 14.70
CA MET B 495 39.28 -11.74 15.25
C MET B 495 40.60 -12.49 15.41
N GLU B 496 41.43 -12.40 14.38
CA GLU B 496 42.74 -13.05 14.39
C GLU B 496 43.58 -12.50 15.52
N LEU B 497 43.75 -11.18 15.53
CA LEU B 497 44.52 -10.49 16.55
C LEU B 497 44.13 -10.95 17.95
N GLY B 498 42.83 -11.09 18.18
CA GLY B 498 42.31 -11.49 19.48
C GLY B 498 42.62 -12.93 19.85
N LEU B 499 42.74 -13.78 18.84
CA LEU B 499 42.99 -15.21 19.06
C LEU B 499 44.47 -15.57 19.26
N ARG B 500 45.35 -14.93 18.49
CA ARG B 500 46.79 -15.20 18.58
C ARG B 500 47.41 -14.42 19.73
N LYS B 501 47.97 -15.15 20.70
CA LYS B 501 48.51 -14.53 21.92
C LYS B 501 49.60 -13.51 21.65
N GLN B 502 50.19 -13.57 20.47
CA GLN B 502 51.20 -12.63 20.04
C GLN B 502 50.65 -11.19 20.05
N THR B 503 49.42 -11.04 19.57
CA THR B 503 48.79 -9.73 19.43
C THR B 503 47.60 -9.53 20.37
N HIS B 504 47.23 -10.59 21.09
CA HIS B 504 46.05 -10.57 21.95
C HIS B 504 46.00 -9.42 22.95
N ASN B 505 47.10 -9.19 23.65
CA ASN B 505 47.15 -8.18 24.70
C ASN B 505 46.71 -6.80 24.26
N ASN B 506 46.96 -6.47 22.98
CA ASN B 506 46.59 -5.18 22.43
C ASN B 506 45.27 -5.21 21.66
N ALA B 507 44.87 -6.38 21.21
CA ALA B 507 43.64 -6.54 20.45
C ALA B 507 42.43 -5.96 21.20
N VAL B 508 41.60 -5.23 20.47
CA VAL B 508 40.39 -4.65 21.05
C VAL B 508 39.27 -5.68 21.15
N VAL B 509 39.11 -6.49 20.12
CA VAL B 509 38.17 -7.60 20.16
C VAL B 509 38.87 -8.78 20.83
N LYS B 510 38.52 -9.01 22.09
CA LYS B 510 39.30 -9.93 22.95
C LYS B 510 39.15 -11.42 22.66
N MET B 511 38.10 -11.81 21.95
CA MET B 511 37.91 -13.22 21.61
C MET B 511 38.09 -14.12 22.84
N LEU B 512 37.50 -13.70 23.96
CA LEU B 512 37.65 -14.44 25.21
C LEU B 512 37.07 -15.85 25.12
N PRO B 513 37.69 -16.80 25.83
CA PRO B 513 37.27 -18.20 25.92
C PRO B 513 36.24 -18.42 27.02
N SER B 514 35.16 -19.13 26.69
CA SER B 514 34.06 -19.36 27.62
C SER B 514 34.20 -20.67 28.39
N PHE B 515 35.13 -21.51 27.94
CA PHE B 515 35.34 -22.81 28.56
C PHE B 515 34.12 -23.72 28.47
N VAL B 516 33.45 -23.60 27.32
CA VAL B 516 32.35 -24.48 26.94
C VAL B 516 32.83 -25.06 25.62
N ARG B 517 32.94 -26.38 25.53
CA ARG B 517 33.61 -27.00 24.40
C ARG B 517 32.69 -27.70 23.39
N ARG B 518 31.44 -27.93 23.78
CA ARG B 518 30.50 -28.56 22.85
C ARG B 518 29.06 -28.18 23.14
N THR B 519 28.29 -28.03 22.08
CA THR B 519 26.86 -27.76 22.19
C THR B 519 26.22 -28.94 22.91
N PRO B 520 24.96 -28.78 23.35
CA PRO B 520 24.32 -29.87 24.09
C PRO B 520 24.35 -31.19 23.33
N ASP B 521 24.41 -32.29 24.07
CA ASP B 521 24.46 -33.63 23.49
C ASP B 521 23.14 -34.38 23.62
N GLY B 522 22.36 -34.04 24.65
CA GLY B 522 21.05 -34.65 24.85
C GLY B 522 20.90 -35.43 26.14
N THR B 523 21.93 -35.42 26.97
CA THR B 523 21.90 -36.15 28.23
C THR B 523 21.71 -35.24 29.44
N GLU B 524 21.95 -33.95 29.26
CA GLU B 524 21.76 -32.98 30.33
C GLU B 524 20.51 -33.35 31.13
N ASN B 525 20.65 -33.41 32.45
CA ASN B 525 19.54 -33.82 33.31
C ASN B 525 19.66 -33.17 34.69
N GLY B 526 18.52 -32.90 35.32
CA GLY B 526 18.52 -32.41 36.69
C GLY B 526 17.86 -31.07 36.90
N ASP B 527 18.01 -30.54 38.11
CA ASP B 527 17.45 -29.25 38.48
C ASP B 527 18.56 -28.21 38.56
N PHE B 528 18.26 -26.98 38.16
CA PHE B 528 19.28 -25.94 38.16
C PHE B 528 18.75 -24.55 38.53
N LEU B 529 19.63 -23.75 39.12
CA LEU B 529 19.34 -22.36 39.46
C LEU B 529 20.13 -21.47 38.52
N ALA B 530 19.48 -20.46 37.94
CA ALA B 530 20.16 -19.57 37.02
C ALA B 530 20.00 -18.10 37.40
N LEU B 531 20.94 -17.29 36.94
CA LEU B 531 20.89 -15.85 37.16
C LEU B 531 21.06 -15.11 35.84
N ASP B 532 20.19 -14.14 35.60
CA ASP B 532 20.26 -13.34 34.37
C ASP B 532 20.51 -11.87 34.75
N LEU B 533 21.77 -11.45 34.64
CA LEU B 533 22.16 -10.09 34.95
C LEU B 533 22.88 -9.42 33.79
N GLY B 534 22.46 -8.21 33.43
CA GLY B 534 23.13 -7.46 32.39
C GLY B 534 22.21 -7.01 31.27
N GLY B 535 21.03 -7.61 31.19
CA GLY B 535 20.05 -7.21 30.19
C GLY B 535 19.16 -6.13 30.76
N THR B 536 18.05 -5.83 30.09
CA THR B 536 17.11 -4.84 30.59
C THR B 536 16.51 -5.31 31.90
N ASN B 537 16.40 -6.63 32.06
CA ASN B 537 15.83 -7.21 33.27
C ASN B 537 16.75 -8.20 33.98
N PHE B 538 16.89 -8.03 35.29
CA PHE B 538 17.60 -8.98 36.12
C PHE B 538 16.59 -9.95 36.67
N ARG B 539 16.86 -11.24 36.53
CA ARG B 539 15.94 -12.24 37.07
C ARG B 539 16.65 -13.50 37.57
N VAL B 540 15.97 -14.22 38.45
CA VAL B 540 16.48 -15.49 38.97
C VAL B 540 15.60 -16.59 38.42
N LEU B 541 16.23 -17.67 37.94
CA LEU B 541 15.46 -18.74 37.32
C LEU B 541 15.70 -20.11 37.94
N LEU B 542 14.72 -20.99 37.72
CA LEU B 542 14.76 -22.36 38.17
C LEU B 542 14.47 -23.22 36.96
N VAL B 543 15.40 -24.11 36.59
CA VAL B 543 15.25 -24.89 35.37
C VAL B 543 15.41 -26.38 35.59
N LYS B 544 14.37 -27.14 35.26
CA LYS B 544 14.37 -28.59 35.41
C LYS B 544 14.50 -29.28 34.05
N ILE B 545 15.63 -29.94 33.83
CA ILE B 545 15.85 -30.65 32.58
C ILE B 545 15.73 -32.16 32.77
N ARG B 546 14.91 -32.79 31.94
CA ARG B 546 14.76 -34.23 31.96
C ARG B 546 15.16 -34.79 30.62
N SER B 547 16.11 -35.70 30.62
CA SER B 547 16.56 -36.32 29.38
C SER B 547 15.79 -37.60 29.10
N GLY B 548 16.34 -38.38 28.18
CA GLY B 548 15.85 -39.73 27.90
C GLY B 548 14.52 -39.89 27.18
N LYS B 549 13.75 -40.87 27.65
CA LYS B 549 12.63 -41.37 26.84
C LYS B 549 11.89 -40.23 26.21
N LYS B 550 11.44 -39.32 27.07
CA LYS B 550 10.81 -38.10 26.64
C LYS B 550 11.63 -37.00 27.29
N ARG B 551 11.98 -35.97 26.51
CA ARG B 551 12.85 -34.93 27.04
C ARG B 551 12.09 -33.63 27.26
N THR B 552 12.20 -33.10 28.47
CA THR B 552 11.43 -31.94 28.86
C THR B 552 12.30 -30.87 29.50
N VAL B 553 11.76 -29.66 29.57
CA VAL B 553 12.45 -28.53 30.19
C VAL B 553 11.42 -27.62 30.83
N GLU B 554 11.21 -27.77 32.13
CA GLU B 554 10.29 -26.91 32.86
C GLU B 554 11.07 -25.80 33.54
N MET B 555 10.66 -24.55 33.32
CA MET B 555 11.37 -23.44 33.94
C MET B 555 10.46 -22.33 34.45
N HIS B 556 10.89 -21.70 35.53
CA HIS B 556 10.18 -20.59 36.14
C HIS B 556 11.19 -19.49 36.39
N ASN B 557 10.70 -18.28 36.65
CA ASN B 557 11.59 -17.17 36.95
C ASN B 557 10.84 -15.95 37.48
N LYS B 558 11.58 -15.05 38.10
CA LYS B 558 11.00 -13.84 38.63
C LYS B 558 11.92 -12.67 38.38
N ILE B 559 11.35 -11.55 37.95
CA ILE B 559 12.10 -10.33 37.70
C ILE B 559 12.35 -9.60 39.01
N TYR B 560 13.52 -8.98 39.11
CA TYR B 560 13.86 -8.18 40.28
C TYR B 560 14.48 -6.86 39.84
N ALA B 561 13.91 -5.77 40.31
CA ALA B 561 14.42 -4.45 40.00
C ALA B 561 15.76 -4.25 40.67
N ILE B 562 16.54 -3.32 40.16
CA ILE B 562 17.80 -2.96 40.76
C ILE B 562 17.85 -1.46 40.95
N PRO B 563 17.60 -1.00 42.18
CA PRO B 563 17.61 0.42 42.47
C PRO B 563 18.85 1.10 41.90
N ILE B 564 18.66 1.96 40.89
CA ILE B 564 19.76 2.68 40.26
C ILE B 564 20.90 2.95 41.23
N GLU B 565 20.56 3.57 42.36
CA GLU B 565 21.54 3.90 43.39
C GLU B 565 22.51 2.73 43.61
N ILE B 566 21.98 1.51 43.48
CA ILE B 566 22.76 0.29 43.69
C ILE B 566 23.60 -0.08 42.47
N MET B 567 22.93 -0.09 41.32
CA MET B 567 23.57 -0.45 40.06
C MET B 567 24.92 0.23 39.90
N GLN B 568 25.10 1.35 40.59
CA GLN B 568 26.36 2.11 40.55
C GLN B 568 26.85 2.42 41.96
N GLY B 569 26.45 1.59 42.92
CA GLY B 569 26.94 1.72 44.29
C GLY B 569 28.30 1.04 44.41
N THR B 570 28.32 -0.09 45.11
CA THR B 570 29.56 -0.85 45.27
C THR B 570 29.31 -2.33 45.06
N GLY B 571 30.36 -3.06 44.70
CA GLY B 571 30.26 -4.50 44.52
C GLY B 571 29.58 -5.18 45.69
N GLU B 572 29.92 -4.73 46.91
CA GLU B 572 29.35 -5.31 48.12
C GLU B 572 27.84 -5.14 48.15
N GLU B 573 27.38 -3.91 47.93
CA GLU B 573 25.96 -3.60 47.92
C GLU B 573 25.23 -4.37 46.83
N LEU B 574 25.84 -4.40 45.64
CA LEU B 574 25.25 -5.07 44.48
C LEU B 574 25.04 -6.56 44.73
N PHE B 575 26.11 -7.26 45.04
CA PHE B 575 26.03 -8.71 45.23
C PHE B 575 25.26 -9.13 46.47
N ASP B 576 25.12 -8.20 47.42
CA ASP B 576 24.29 -8.48 48.59
C ASP B 576 22.83 -8.43 48.16
N HIS B 577 22.53 -7.45 47.31
CA HIS B 577 21.20 -7.32 46.76
C HIS B 577 20.84 -8.56 45.98
N ILE B 578 21.74 -8.95 45.08
CA ILE B 578 21.56 -10.15 44.28
C ILE B 578 21.26 -11.37 45.16
N VAL B 579 22.06 -11.53 46.21
CA VAL B 579 21.88 -12.68 47.10
C VAL B 579 20.54 -12.61 47.82
N SER B 580 20.09 -11.39 48.11
CA SER B 580 18.78 -11.20 48.73
C SER B 580 17.69 -11.79 47.86
N CYS B 581 17.73 -11.47 46.57
CA CYS B 581 16.74 -11.93 45.61
C CYS B 581 16.82 -13.43 45.39
N ILE B 582 18.04 -13.97 45.43
CA ILE B 582 18.23 -15.40 45.27
C ILE B 582 17.55 -16.15 46.41
N SER B 583 17.58 -15.54 47.59
CA SER B 583 16.92 -16.12 48.76
C SER B 583 15.42 -16.06 48.59
N ASP B 584 14.93 -14.91 48.14
CA ASP B 584 13.51 -14.69 47.92
C ASP B 584 12.94 -15.67 46.89
N PHE B 585 13.65 -15.81 45.77
CA PHE B 585 13.22 -16.73 44.73
C PHE B 585 13.15 -18.16 45.28
N LEU B 586 14.13 -18.52 46.10
CA LEU B 586 14.15 -19.83 46.74
C LEU B 586 12.89 -20.06 47.57
N ASP B 587 12.39 -18.97 48.18
CA ASP B 587 11.14 -19.04 48.94
C ASP B 587 9.97 -19.23 47.97
N TYR B 588 9.94 -18.38 46.95
CA TYR B 588 8.92 -18.42 45.90
C TYR B 588 8.75 -19.83 45.34
N MET B 589 9.87 -20.47 45.02
CA MET B 589 9.84 -21.81 44.46
C MET B 589 9.68 -22.88 45.53
N GLY B 590 9.72 -22.46 46.80
CA GLY B 590 9.50 -23.36 47.93
C GLY B 590 10.51 -24.49 47.97
N ILE B 591 11.74 -24.19 47.58
CA ILE B 591 12.77 -25.19 47.48
C ILE B 591 13.96 -24.83 48.33
N LYS B 592 13.76 -24.16 49.45
CA LYS B 592 14.92 -23.60 50.11
C LYS B 592 15.47 -24.45 51.26
N GLY B 593 16.73 -24.86 51.10
CA GLY B 593 17.40 -25.70 52.09
C GLY B 593 18.42 -26.63 51.47
N PRO B 594 18.05 -27.27 50.35
CA PRO B 594 18.98 -28.10 49.58
C PRO B 594 20.01 -27.23 48.86
N ARG B 595 21.20 -27.78 48.64
CA ARG B 595 22.29 -27.03 48.01
C ARG B 595 22.32 -27.24 46.50
N MET B 596 21.61 -26.38 45.77
CA MET B 596 21.50 -26.54 44.32
C MET B 596 22.65 -25.90 43.54
N PRO B 597 22.97 -26.47 42.37
CA PRO B 597 23.99 -25.93 41.48
C PRO B 597 23.41 -24.74 40.74
N LEU B 598 24.25 -23.76 40.40
CA LEU B 598 23.73 -22.53 39.80
C LEU B 598 24.53 -22.04 38.58
N GLY B 599 23.80 -21.50 37.61
CA GLY B 599 24.40 -20.93 36.41
C GLY B 599 24.26 -19.42 36.44
N PHE B 600 25.36 -18.73 36.17
CA PHE B 600 25.41 -17.27 36.28
C PHE B 600 25.66 -16.61 34.92
N THR B 601 24.61 -16.04 34.35
CA THR B 601 24.73 -15.28 33.12
C THR B 601 25.08 -13.85 33.48
N PHE B 602 26.30 -13.44 33.14
CA PHE B 602 26.76 -12.09 33.43
C PHE B 602 27.14 -11.41 32.13
N SER B 603 26.26 -10.54 31.65
CA SER B 603 26.46 -9.90 30.35
C SER B 603 27.57 -8.83 30.35
N PHE B 604 28.79 -9.25 30.64
CA PHE B 604 29.93 -8.32 30.62
C PHE B 604 31.21 -9.11 30.32
N PRO B 605 32.21 -8.44 29.74
CA PRO B 605 33.45 -9.13 29.41
C PRO B 605 34.15 -9.70 30.65
N CYS B 606 34.39 -11.00 30.64
CA CYS B 606 35.06 -11.68 31.75
C CYS B 606 36.23 -12.53 31.26
N GLN B 607 37.37 -12.37 31.92
CA GLN B 607 38.54 -13.19 31.62
C GLN B 607 38.42 -14.47 32.43
N GLN B 608 38.28 -15.60 31.73
CA GLN B 608 38.06 -16.86 32.44
C GLN B 608 39.22 -17.85 32.32
N THR B 609 39.38 -18.65 33.37
CA THR B 609 40.41 -19.67 33.43
C THR B 609 39.72 -21.03 33.48
N SER B 610 38.54 -21.04 34.07
CA SER B 610 37.72 -22.23 34.15
C SER B 610 36.29 -21.83 33.82
N LEU B 611 35.34 -22.76 34.03
CA LEU B 611 33.95 -22.45 33.76
C LEU B 611 33.36 -21.62 34.90
N ASP B 612 33.84 -21.86 36.11
CA ASP B 612 33.34 -21.16 37.28
C ASP B 612 34.33 -20.11 37.78
N ALA B 613 35.06 -19.51 36.85
CA ALA B 613 36.02 -18.45 37.18
C ALA B 613 35.91 -17.32 36.16
N GLY B 614 35.47 -16.15 36.61
CA GLY B 614 35.26 -15.02 35.71
C GLY B 614 35.70 -13.68 36.26
N ILE B 615 36.72 -13.11 35.65
CA ILE B 615 37.25 -11.81 36.08
C ILE B 615 36.68 -10.66 35.27
N LEU B 616 35.82 -9.87 35.89
CA LEU B 616 35.27 -8.69 35.22
C LEU B 616 36.40 -7.85 34.65
N ILE B 617 36.48 -7.79 33.32
CA ILE B 617 37.52 -7.02 32.64
C ILE B 617 37.24 -5.52 32.71
N THR B 618 35.98 -5.16 32.48
CA THR B 618 35.55 -3.76 32.48
C THR B 618 34.05 -3.72 32.43
N TRP B 619 33.47 -2.62 32.88
CA TRP B 619 32.04 -2.45 32.79
C TRP B 619 31.65 -1.98 31.40
N THR B 620 30.44 -2.33 30.97
CA THR B 620 29.90 -1.87 29.70
C THR B 620 28.46 -1.50 29.93
N LYS B 621 27.82 -0.87 28.96
CA LYS B 621 26.44 -0.45 29.11
C LYS B 621 26.28 0.50 30.29
N GLY B 622 25.21 0.33 31.06
CA GLY B 622 24.86 1.32 32.09
C GLY B 622 25.38 0.99 33.48
N PHE B 623 26.04 -0.14 33.61
CA PHE B 623 26.59 -0.57 34.90
C PHE B 623 27.91 0.11 35.24
N LYS B 624 28.06 0.49 36.53
CA LYS B 624 29.41 0.80 37.02
C LYS B 624 29.54 0.70 38.54
N ALA B 625 29.18 -0.44 39.12
CA ALA B 625 29.39 -0.59 40.56
C ALA B 625 30.88 -0.64 40.88
N THR B 626 31.26 -0.17 42.06
CA THR B 626 32.68 -0.04 42.38
C THR B 626 33.34 -1.30 42.94
N ASP B 627 34.64 -1.38 42.74
CA ASP B 627 35.42 -2.51 43.24
C ASP B 627 34.87 -3.84 42.76
N CYS B 628 34.44 -3.87 41.51
CA CYS B 628 33.98 -5.10 40.87
C CYS B 628 34.96 -5.41 39.75
N VAL B 629 35.25 -4.41 38.93
CA VAL B 629 36.22 -4.56 37.85
C VAL B 629 37.51 -5.18 38.38
N GLY B 630 38.03 -6.16 37.66
CA GLY B 630 39.25 -6.84 38.07
C GLY B 630 39.05 -7.95 39.10
N HIS B 631 37.81 -8.15 39.53
CA HIS B 631 37.49 -9.23 40.47
C HIS B 631 36.88 -10.42 39.74
N ASP B 632 36.86 -11.57 40.40
CA ASP B 632 36.14 -12.74 39.91
C ASP B 632 34.70 -12.63 40.39
N VAL B 633 33.78 -12.41 39.46
CA VAL B 633 32.38 -12.23 39.81
C VAL B 633 31.83 -13.42 40.59
N VAL B 634 32.41 -14.60 40.37
CA VAL B 634 32.01 -15.79 41.11
C VAL B 634 32.41 -15.65 42.57
N THR B 635 33.63 -15.18 42.80
CA THR B 635 34.12 -14.95 44.15
C THR B 635 33.22 -13.92 44.85
N LEU B 636 32.94 -12.83 44.14
CA LEU B 636 32.07 -11.78 44.66
C LEU B 636 30.70 -12.31 45.08
N LEU B 637 30.15 -13.21 44.28
CA LEU B 637 28.84 -13.78 44.57
C LEU B 637 28.91 -14.70 45.78
N ARG B 638 29.93 -15.57 45.79
CA ARG B 638 30.14 -16.48 46.91
C ARG B 638 30.33 -15.73 48.23
N ASP B 639 31.02 -14.60 48.17
CA ASP B 639 31.24 -13.77 49.35
C ASP B 639 29.94 -13.14 49.84
N ALA B 640 29.11 -12.69 48.90
CA ALA B 640 27.84 -12.07 49.24
C ALA B 640 26.93 -13.07 49.94
N ILE B 641 27.02 -14.33 49.54
CA ILE B 641 26.24 -15.39 50.15
C ILE B 641 26.75 -15.66 51.56
N LYS B 642 28.07 -15.85 51.65
CA LYS B 642 28.69 -16.19 52.92
C LYS B 642 28.23 -15.19 53.93
N ARG B 643 28.20 -13.94 53.51
CA ARG B 643 27.83 -12.89 54.43
C ARG B 643 26.45 -13.17 55.01
N ARG B 644 25.49 -13.53 54.17
CA ARG B 644 24.13 -13.72 54.65
C ARG B 644 23.99 -14.97 55.52
N GLU B 645 24.59 -16.06 55.07
CA GLU B 645 24.62 -17.28 55.87
C GLU B 645 23.26 -17.93 55.85
N GLU B 646 22.31 -17.35 55.12
CA GLU B 646 20.97 -17.91 55.08
C GLU B 646 20.91 -19.30 54.46
N PHE B 647 21.64 -19.48 53.37
CA PHE B 647 21.54 -20.71 52.60
C PHE B 647 22.85 -20.87 51.87
N ASP B 648 23.03 -22.00 51.22
CA ASP B 648 24.25 -22.22 50.44
C ASP B 648 23.92 -22.72 49.04
N LEU B 649 24.76 -22.37 48.07
CA LEU B 649 24.61 -22.87 46.70
C LEU B 649 25.96 -23.26 46.10
N ASP B 650 25.91 -23.93 44.95
CA ASP B 650 27.12 -24.35 44.27
C ASP B 650 27.22 -23.73 42.87
N VAL B 651 27.75 -22.52 42.80
CA VAL B 651 27.90 -21.83 41.53
C VAL B 651 28.83 -22.63 40.63
N VAL B 652 28.25 -23.29 39.63
CA VAL B 652 29.02 -24.15 38.74
C VAL B 652 29.64 -23.39 37.58
N ALA B 653 29.01 -22.29 37.17
CA ALA B 653 29.49 -21.59 35.99
C ALA B 653 29.07 -20.13 35.88
N VAL B 654 29.86 -19.39 35.10
CA VAL B 654 29.57 -18.02 34.73
C VAL B 654 29.54 -17.97 33.21
N VAL B 655 28.41 -17.54 32.66
CA VAL B 655 28.21 -17.53 31.21
C VAL B 655 27.82 -16.15 30.71
N ASN B 656 28.36 -15.77 29.56
CA ASN B 656 27.93 -14.55 28.88
C ASN B 656 26.61 -14.83 28.17
N ASP B 657 25.75 -13.82 28.04
CA ASP B 657 24.43 -14.04 27.44
C ASP B 657 24.49 -14.56 26.00
N THR B 658 25.55 -14.25 25.26
CA THR B 658 25.67 -14.78 23.90
C THR B 658 25.87 -16.29 23.92
N VAL B 659 26.77 -16.75 24.78
CA VAL B 659 27.00 -18.19 24.92
C VAL B 659 25.76 -18.90 25.43
N GLY B 660 25.03 -18.26 26.34
CA GLY B 660 23.80 -18.83 26.86
C GLY B 660 22.75 -18.92 25.77
N THR B 661 22.64 -17.86 24.97
CA THR B 661 21.66 -17.82 23.90
C THR B 661 21.97 -18.87 22.85
N MET B 662 23.25 -19.01 22.51
CA MET B 662 23.67 -20.00 21.53
C MET B 662 23.30 -21.40 22.02
N MET B 663 23.52 -21.65 23.30
CA MET B 663 23.21 -22.94 23.88
C MET B 663 21.70 -23.16 23.96
N THR B 664 20.96 -22.11 24.28
CA THR B 664 19.51 -22.22 24.36
C THR B 664 18.93 -22.67 23.02
N CYS B 665 19.51 -22.18 21.93
CA CYS B 665 19.00 -22.50 20.60
C CYS B 665 19.65 -23.76 20.01
N ALA B 666 20.76 -24.19 20.60
CA ALA B 666 21.44 -25.40 20.13
C ALA B 666 20.76 -26.65 20.67
N TYR B 667 20.16 -26.51 21.85
CA TYR B 667 19.42 -27.59 22.48
C TYR B 667 18.50 -28.23 21.45
N GLU B 668 17.94 -27.41 20.57
CA GLU B 668 17.03 -27.87 19.54
C GLU B 668 17.73 -28.01 18.19
N GLU B 669 18.42 -26.96 17.77
CA GLU B 669 19.08 -26.97 16.46
C GLU B 669 20.56 -27.33 16.54
N PRO B 670 20.92 -28.49 15.98
CA PRO B 670 22.30 -28.99 16.02
C PRO B 670 23.29 -28.18 15.18
N THR B 671 22.80 -27.41 14.21
CA THR B 671 23.70 -26.60 13.38
C THR B 671 23.94 -25.21 13.99
N CYS B 672 23.37 -24.98 15.17
CA CYS B 672 23.54 -23.71 15.85
C CYS B 672 24.88 -23.67 16.55
N GLU B 673 25.81 -22.87 16.01
CA GLU B 673 27.15 -22.77 16.55
C GLU B 673 27.57 -21.31 16.71
N VAL B 674 26.58 -20.41 16.65
CA VAL B 674 26.83 -18.99 16.78
C VAL B 674 25.76 -18.36 17.66
N GLY B 675 26.15 -17.37 18.46
CA GLY B 675 25.22 -16.66 19.31
C GLY B 675 25.25 -15.17 19.02
N LEU B 676 24.10 -14.53 19.05
CA LEU B 676 24.02 -13.11 18.76
C LEU B 676 23.06 -12.40 19.69
N ILE B 677 23.53 -11.31 20.29
CA ILE B 677 22.67 -10.48 21.11
C ILE B 677 22.65 -9.07 20.56
N VAL B 678 21.46 -8.56 20.31
CA VAL B 678 21.27 -7.18 19.88
C VAL B 678 20.15 -6.62 20.72
N GLY B 679 20.51 -6.11 21.90
CA GLY B 679 19.54 -5.53 22.81
C GLY B 679 20.11 -4.24 23.37
N THR B 680 20.14 -4.14 24.69
CA THR B 680 20.77 -3.00 25.34
C THR B 680 22.19 -2.86 24.79
N GLY B 681 22.91 -3.98 24.77
CA GLY B 681 24.23 -4.02 24.17
C GLY B 681 24.22 -4.98 23.00
N SER B 682 25.35 -5.08 22.30
CA SER B 682 25.46 -6.02 21.20
C SER B 682 26.76 -6.83 21.29
N ASN B 683 26.66 -8.13 21.08
CA ASN B 683 27.80 -9.02 21.19
C ASN B 683 27.55 -10.35 20.46
N ALA B 684 28.59 -11.16 20.29
CA ALA B 684 28.43 -12.41 19.55
C ALA B 684 29.50 -13.45 19.90
N CYS B 685 29.08 -14.72 19.92
CA CYS B 685 29.97 -15.84 20.23
C CYS B 685 29.86 -16.91 19.16
N TYR B 686 30.85 -17.79 19.10
CA TYR B 686 30.80 -18.91 18.17
C TYR B 686 31.62 -20.13 18.63
N MET B 687 31.71 -21.13 17.76
CA MET B 687 32.45 -22.36 18.07
C MET B 687 33.78 -22.38 17.32
N GLU B 688 34.84 -21.93 17.99
CA GLU B 688 36.16 -21.91 17.38
C GLU B 688 36.89 -23.24 17.64
N GLU B 689 37.90 -23.51 16.83
CA GLU B 689 38.68 -24.72 16.97
C GLU B 689 39.92 -24.46 17.84
N MET B 690 40.08 -25.28 18.88
CA MET B 690 41.16 -25.10 19.85
C MET B 690 42.52 -24.80 19.22
N LYS B 691 42.78 -25.36 18.05
CA LYS B 691 44.04 -25.11 17.37
C LYS B 691 44.22 -23.61 17.13
N ASN B 692 43.10 -22.88 17.10
CA ASN B 692 43.12 -21.44 16.84
C ASN B 692 43.02 -20.60 18.11
N VAL B 693 42.57 -21.20 19.21
CA VAL B 693 42.47 -20.50 20.48
C VAL B 693 43.79 -20.53 21.23
N GLU B 694 44.78 -19.83 20.68
CA GLU B 694 46.14 -19.80 21.23
C GLU B 694 46.23 -19.39 22.70
N MET B 695 45.14 -18.88 23.28
CA MET B 695 45.17 -18.40 24.66
C MET B 695 44.78 -19.49 25.67
N VAL B 696 44.39 -20.65 25.17
CA VAL B 696 44.09 -21.77 26.04
C VAL B 696 44.81 -23.00 25.51
N GLU B 697 45.57 -23.65 26.38
CA GLU B 697 46.35 -24.83 26.00
C GLU B 697 45.47 -25.93 25.41
N GLY B 698 45.96 -26.56 24.36
CA GLY B 698 45.22 -27.64 23.71
C GLY B 698 44.83 -27.28 22.30
N ASP B 699 44.85 -28.27 21.41
CA ASP B 699 44.46 -28.07 20.03
C ASP B 699 43.48 -29.17 19.63
N GLN B 700 42.82 -29.72 20.65
CA GLN B 700 41.83 -30.77 20.45
C GLN B 700 40.45 -30.27 20.81
N GLY B 701 39.48 -30.55 19.96
CA GLY B 701 38.10 -30.16 20.21
C GLY B 701 37.84 -28.69 19.93
N GLN B 702 36.64 -28.24 20.27
CA GLN B 702 36.26 -26.85 20.02
C GLN B 702 36.09 -26.08 21.32
N MET B 703 35.99 -24.77 21.20
CA MET B 703 35.83 -23.88 22.34
C MET B 703 34.93 -22.71 21.96
N CYS B 704 33.92 -22.43 22.78
CA CYS B 704 33.03 -21.31 22.50
C CYS B 704 33.69 -19.99 22.85
N ILE B 705 33.82 -19.11 21.87
CA ILE B 705 34.50 -17.83 22.06
C ILE B 705 33.54 -16.64 22.18
N ASN B 706 33.51 -16.03 23.37
CA ASN B 706 32.81 -14.77 23.56
C ASN B 706 33.63 -13.66 22.93
N MET B 707 33.16 -13.15 21.80
CA MET B 707 33.92 -12.17 21.02
C MET B 707 34.10 -10.82 21.72
N GLU B 708 33.05 -10.36 22.41
CA GLU B 708 33.03 -8.99 22.92
C GLU B 708 33.34 -8.04 21.78
N TRP B 709 32.59 -8.17 20.68
CA TRP B 709 32.87 -7.38 19.49
C TRP B 709 32.45 -5.92 19.61
N GLY B 710 31.79 -5.59 20.71
CA GLY B 710 31.39 -4.21 20.95
C GLY B 710 32.58 -3.27 20.85
N ALA B 711 33.72 -3.72 21.36
CA ALA B 711 34.93 -2.92 21.40
C ALA B 711 35.58 -2.80 20.02
N PHE B 712 35.01 -3.48 19.03
CA PHE B 712 35.47 -3.34 17.66
C PHE B 712 35.53 -1.84 17.41
N GLY B 713 36.62 -1.39 16.79
CA GLY B 713 36.77 0.03 16.49
C GLY B 713 37.33 0.88 17.63
N ASP B 714 37.45 0.30 18.82
CA ASP B 714 38.00 1.03 19.97
C ASP B 714 39.46 1.41 19.76
N ASN B 715 40.06 0.87 18.70
CA ASN B 715 41.44 1.15 18.38
C ASN B 715 41.55 2.06 17.17
N GLY B 716 40.41 2.62 16.76
CA GLY B 716 40.36 3.58 15.66
C GLY B 716 40.01 3.00 14.30
N CYS B 717 39.94 1.67 14.20
CA CYS B 717 39.74 1.02 12.90
C CYS B 717 38.37 1.30 12.26
N LEU B 718 37.59 2.20 12.86
CA LEU B 718 36.29 2.56 12.30
C LEU B 718 36.10 4.07 12.19
N ASP B 719 37.07 4.83 12.71
CA ASP B 719 37.00 6.29 12.64
C ASP B 719 36.57 6.67 11.23
N ASP B 720 36.85 5.75 10.32
CA ASP B 720 36.55 5.88 8.91
C ASP B 720 35.07 6.15 8.64
N ILE B 721 34.19 5.43 9.33
CA ILE B 721 32.76 5.56 9.10
C ILE B 721 32.03 6.25 10.25
N ARG B 722 32.69 6.37 11.40
CA ARG B 722 32.08 7.01 12.56
C ARG B 722 31.88 8.50 12.26
N THR B 723 30.78 9.06 12.74
CA THR B 723 30.42 10.44 12.44
C THR B 723 30.51 11.37 13.64
N HIS B 724 30.30 12.65 13.38
CA HIS B 724 30.25 13.68 14.41
C HIS B 724 29.27 13.29 15.51
N TYR B 725 28.17 12.66 15.11
CA TYR B 725 27.13 12.26 16.06
C TYR B 725 27.56 11.03 16.85
N ASP B 726 28.27 10.11 16.20
CA ASP B 726 28.78 8.94 16.90
C ASP B 726 29.77 9.36 17.97
N ARG B 727 30.61 10.34 17.63
CA ARG B 727 31.62 10.84 18.56
C ARG B 727 30.98 11.54 19.76
N LEU B 728 29.92 12.29 19.52
CA LEU B 728 29.22 12.96 20.60
C LEU B 728 28.60 11.94 21.55
N VAL B 729 27.98 10.91 21.00
CA VAL B 729 27.36 9.88 21.81
C VAL B 729 28.41 9.13 22.63
N ASP B 730 29.56 8.88 22.02
CA ASP B 730 30.64 8.19 22.71
C ASP B 730 31.23 9.08 23.80
N GLU B 731 31.61 10.30 23.42
CA GLU B 731 32.27 11.21 24.34
C GLU B 731 31.42 11.55 25.59
N TYR B 732 30.10 11.42 25.49
CA TYR B 732 29.22 11.73 26.62
C TYR B 732 28.74 10.50 27.41
N SER B 733 29.27 9.32 27.07
CA SER B 733 28.82 8.07 27.69
C SER B 733 29.60 7.74 28.96
N LEU B 734 29.20 6.67 29.64
CA LEU B 734 29.89 6.22 30.87
C LEU B 734 31.24 5.59 30.58
N ASN B 735 31.43 5.12 29.35
CA ASN B 735 32.67 4.45 28.97
C ASN B 735 33.26 5.07 27.72
N ALA B 736 33.59 6.36 27.79
CA ALA B 736 34.10 7.12 26.65
C ALA B 736 35.29 6.44 26.01
N GLY B 737 35.21 6.21 24.70
CA GLY B 737 36.31 5.60 23.96
C GLY B 737 36.20 4.09 23.82
N LYS B 738 35.25 3.50 24.54
CA LYS B 738 35.11 2.05 24.54
C LYS B 738 33.78 1.63 23.91
N GLN B 739 33.72 0.37 23.47
CA GLN B 739 32.51 -0.19 22.86
C GLN B 739 32.01 0.63 21.66
N ARG B 740 32.93 1.12 20.83
CA ARG B 740 32.58 1.95 19.67
C ARG B 740 31.56 1.28 18.76
N TYR B 741 31.89 0.08 18.28
CA TYR B 741 31.04 -0.67 17.36
C TYR B 741 29.62 -0.81 17.94
N GLU B 742 29.56 -1.29 19.18
CA GLU B 742 28.29 -1.48 19.85
C GLU B 742 27.48 -0.19 19.92
N LYS B 743 28.16 0.94 20.07
CA LYS B 743 27.48 2.23 20.19
C LYS B 743 26.85 2.69 18.86
N MET B 744 27.15 1.96 17.79
CA MET B 744 26.56 2.25 16.49
C MET B 744 25.48 1.22 16.17
N ILE B 745 25.18 0.34 17.14
CA ILE B 745 24.26 -0.77 16.91
C ILE B 745 23.12 -0.94 17.93
N SER B 746 23.46 -1.02 19.23
CA SER B 746 22.47 -1.44 20.24
C SER B 746 21.43 -0.40 20.68
N GLY B 747 20.39 -0.90 21.34
CA GLY B 747 19.24 -0.10 21.75
C GLY B 747 19.52 1.01 22.74
N MET B 748 20.62 0.90 23.47
CA MET B 748 20.96 1.93 24.44
C MET B 748 21.50 3.19 23.76
N TYR B 749 22.05 3.05 22.55
CA TYR B 749 22.69 4.19 21.89
C TYR B 749 22.00 4.75 20.65
N LEU B 750 21.34 3.90 19.86
CA LEU B 750 20.73 4.38 18.62
C LEU B 750 19.88 5.61 18.88
N GLY B 751 19.11 5.59 19.96
CA GLY B 751 18.24 6.71 20.28
C GLY B 751 19.05 7.98 20.44
N GLU B 752 20.23 7.85 21.02
CA GLU B 752 21.10 8.98 21.28
C GLU B 752 21.70 9.55 20.00
N ILE B 753 22.02 8.68 19.05
CA ILE B 753 22.52 9.15 17.77
C ILE B 753 21.44 10.01 17.13
N VAL B 754 20.22 9.47 17.09
CA VAL B 754 19.08 10.18 16.51
C VAL B 754 18.86 11.52 17.22
N ARG B 755 18.88 11.50 18.55
CA ARG B 755 18.63 12.71 19.32
C ARG B 755 19.62 13.80 18.98
N ASN B 756 20.90 13.47 18.93
CA ASN B 756 21.96 14.44 18.61
C ASN B 756 21.87 14.97 17.18
N ILE B 757 21.47 14.12 16.25
CA ILE B 757 21.27 14.58 14.88
C ILE B 757 20.16 15.63 14.88
N LEU B 758 19.07 15.30 15.57
CA LEU B 758 17.91 16.19 15.66
C LEU B 758 18.24 17.54 16.30
N ILE B 759 19.05 17.52 17.36
CA ILE B 759 19.48 18.77 17.99
C ILE B 759 20.13 19.64 16.93
N ASP B 760 21.05 19.04 16.19
CA ASP B 760 21.79 19.73 15.15
C ASP B 760 20.86 20.32 14.09
N PHE B 761 20.01 19.49 13.51
CA PHE B 761 19.06 19.96 12.50
C PHE B 761 18.21 21.12 13.04
N THR B 762 17.88 21.04 14.33
CA THR B 762 17.05 22.07 14.96
C THR B 762 17.77 23.42 15.05
N LYS B 763 19.07 23.38 15.34
CA LYS B 763 19.85 24.62 15.37
C LYS B 763 19.96 25.23 13.98
N LYS B 764 20.16 24.39 12.97
CA LYS B 764 20.25 24.87 11.59
C LYS B 764 18.89 25.39 11.16
N GLY B 765 17.87 25.06 11.94
CA GLY B 765 16.51 25.55 11.68
C GLY B 765 15.66 24.70 10.76
N PHE B 766 15.94 23.40 10.70
CA PHE B 766 15.16 22.49 9.85
C PHE B 766 14.03 21.81 10.61
N LEU B 767 14.05 21.91 11.93
CA LEU B 767 13.10 21.20 12.79
C LEU B 767 12.57 22.07 13.92
N PHE B 768 11.38 21.70 14.40
CA PHE B 768 10.74 22.36 15.54
C PHE B 768 10.98 23.87 15.59
N ARG B 769 10.75 24.56 14.48
CA ARG B 769 10.95 26.01 14.42
C ARG B 769 12.26 26.46 15.07
N GLY B 770 13.27 25.60 15.02
CA GLY B 770 14.57 25.94 15.58
C GLY B 770 14.56 26.08 17.09
N GLN B 771 13.56 25.49 17.74
CA GLN B 771 13.45 25.53 19.19
C GLN B 771 13.95 24.24 19.82
N ILE B 772 15.15 24.30 20.40
CA ILE B 772 15.71 23.14 21.08
C ILE B 772 15.02 22.92 22.42
N SER B 773 13.93 22.19 22.37
CA SER B 773 13.11 21.89 23.54
C SER B 773 13.92 21.31 24.69
N GLU B 774 13.35 21.38 25.89
CA GLU B 774 13.99 20.80 27.07
C GLU B 774 13.91 19.28 26.97
N THR B 775 12.77 18.80 26.46
CA THR B 775 12.59 17.38 26.20
C THR B 775 13.72 16.89 25.31
N LEU B 776 13.96 17.63 24.24
CA LEU B 776 14.98 17.26 23.26
C LEU B 776 16.38 17.19 23.88
N LYS B 777 16.61 17.96 24.94
CA LYS B 777 17.90 17.93 25.63
C LYS B 777 18.04 16.73 26.56
N THR B 778 16.93 16.04 26.81
CA THR B 778 16.93 14.90 27.72
C THR B 778 17.38 13.61 27.04
N ARG B 779 18.37 12.96 27.64
CA ARG B 779 18.87 11.72 27.05
C ARG B 779 17.99 10.55 27.43
N GLY B 780 17.80 9.63 26.49
CA GLY B 780 16.97 8.45 26.72
C GLY B 780 15.56 8.64 26.22
N ILE B 781 15.30 9.78 25.60
CA ILE B 781 13.97 10.11 25.09
C ILE B 781 13.56 9.14 23.98
N PHE B 782 14.52 8.65 23.23
CA PHE B 782 14.25 7.75 22.12
C PHE B 782 14.64 6.31 22.43
N GLU B 783 13.87 5.67 23.30
CA GLU B 783 14.10 4.28 23.68
C GLU B 783 13.82 3.34 22.51
N THR B 784 14.29 2.10 22.63
CA THR B 784 14.04 1.07 21.64
C THR B 784 12.55 0.99 21.28
N LYS B 785 11.72 0.94 22.32
CA LYS B 785 10.28 0.88 22.19
C LYS B 785 9.75 1.93 21.21
N PHE B 786 10.03 3.21 21.50
CA PHE B 786 9.61 4.30 20.65
C PHE B 786 10.20 4.18 19.24
N LEU B 787 11.51 3.97 19.18
CA LEU B 787 12.23 3.87 17.92
C LEU B 787 11.57 2.85 16.99
N SER B 788 11.03 1.79 17.59
CA SER B 788 10.38 0.71 16.83
C SER B 788 8.99 1.11 16.33
N GLN B 789 8.24 1.84 17.15
CA GLN B 789 6.91 2.28 16.77
C GLN B 789 6.96 3.24 15.57
N ILE B 790 7.85 4.21 15.66
CA ILE B 790 8.00 5.24 14.63
C ILE B 790 8.24 4.70 13.22
N GLU B 791 9.07 3.67 13.11
CA GLU B 791 9.43 3.12 11.80
C GLU B 791 8.47 2.04 11.35
N SER B 792 7.45 1.78 12.16
CA SER B 792 6.44 0.80 11.82
C SER B 792 5.89 1.07 10.43
N ASP B 793 5.83 0.04 9.59
CA ASP B 793 5.39 0.19 8.20
C ASP B 793 3.96 0.73 8.04
N ARG B 794 3.73 1.37 6.90
CA ARG B 794 2.42 1.91 6.58
C ARG B 794 1.77 2.57 7.80
N LEU B 795 2.51 3.47 8.44
CA LEU B 795 2.02 4.17 9.62
C LEU B 795 1.51 5.55 9.23
N ALA B 796 0.52 6.04 9.95
CA ALA B 796 -0.08 7.33 9.64
C ALA B 796 0.77 8.47 10.18
N LEU B 797 0.95 9.49 9.36
CA LEU B 797 1.73 10.66 9.77
C LEU B 797 1.27 11.23 11.10
N LEU B 798 -0.04 11.36 11.29
CA LEU B 798 -0.54 11.88 12.56
C LEU B 798 -0.16 10.92 13.67
N GLN B 799 -0.17 9.63 13.33
CA GLN B 799 0.25 8.60 14.26
C GLN B 799 1.67 8.87 14.72
N VAL B 800 2.55 9.12 13.74
CA VAL B 800 3.94 9.46 14.03
C VAL B 800 4.00 10.77 14.80
N ARG B 801 3.19 11.74 14.39
CA ARG B 801 3.15 13.02 15.08
C ARG B 801 2.62 12.86 16.49
N ALA B 802 1.66 11.97 16.66
CA ALA B 802 1.10 11.71 17.98
C ALA B 802 2.14 11.10 18.91
N ILE B 803 2.84 10.08 18.41
CA ILE B 803 3.90 9.45 19.20
C ILE B 803 4.89 10.49 19.72
N LEU B 804 5.30 11.41 18.86
CA LEU B 804 6.26 12.45 19.25
C LEU B 804 5.65 13.44 20.22
N GLN B 805 4.40 13.80 19.98
CA GLN B 805 3.70 14.74 20.84
C GLN B 805 3.69 14.20 22.27
N GLN B 806 3.56 12.89 22.41
CA GLN B 806 3.53 12.25 23.72
C GLN B 806 4.89 12.24 24.40
N LEU B 807 5.95 12.48 23.63
CA LEU B 807 7.29 12.51 24.19
C LEU B 807 7.58 13.89 24.75
N GLY B 808 6.80 14.87 24.31
CA GLY B 808 7.01 16.25 24.73
C GLY B 808 7.52 17.06 23.57
N LEU B 809 7.51 16.47 22.38
CA LEU B 809 7.99 17.14 21.18
C LEU B 809 6.84 17.71 20.36
N ASN B 810 6.54 18.99 20.55
CA ASN B 810 5.55 19.66 19.74
C ASN B 810 6.03 19.71 18.29
N SER B 811 5.48 18.86 17.44
CA SER B 811 5.96 18.78 16.07
C SER B 811 4.84 18.66 15.04
N THR B 812 5.11 19.26 13.87
CA THR B 812 4.19 19.23 12.75
C THR B 812 4.42 17.97 11.93
N CYS B 813 3.67 17.83 10.84
CA CYS B 813 3.81 16.68 9.97
C CYS B 813 5.15 16.67 9.25
N ASP B 814 5.58 17.84 8.78
CA ASP B 814 6.89 17.93 8.14
C ASP B 814 7.98 17.51 9.12
N ASP B 815 7.88 17.98 10.36
CA ASP B 815 8.83 17.58 11.40
C ASP B 815 8.81 16.06 11.54
N SER B 816 7.60 15.49 11.60
CA SER B 816 7.42 14.05 11.79
C SER B 816 8.08 13.26 10.67
N ILE B 817 8.00 13.79 9.46
CA ILE B 817 8.62 13.15 8.30
C ILE B 817 10.13 13.06 8.47
N LEU B 818 10.74 14.18 8.88
CA LEU B 818 12.19 14.24 9.04
C LEU B 818 12.67 13.32 10.16
N VAL B 819 11.92 13.28 11.26
CA VAL B 819 12.29 12.43 12.40
C VAL B 819 12.22 10.96 12.01
N LYS B 820 11.19 10.60 11.26
CA LYS B 820 11.04 9.21 10.82
C LYS B 820 12.21 8.85 9.91
N THR B 821 12.52 9.75 8.99
CA THR B 821 13.62 9.56 8.07
C THR B 821 14.93 9.34 8.84
N VAL B 822 15.24 10.26 9.75
CA VAL B 822 16.45 10.14 10.55
C VAL B 822 16.50 8.78 11.22
N CYS B 823 15.45 8.44 11.96
CA CYS B 823 15.36 7.16 12.66
C CYS B 823 15.67 5.98 11.76
N GLY B 824 15.10 5.99 10.55
CA GLY B 824 15.28 4.90 9.60
C GLY B 824 16.70 4.83 9.06
N VAL B 825 17.35 5.98 8.92
CA VAL B 825 18.72 6.02 8.44
C VAL B 825 19.66 5.39 9.47
N VAL B 826 19.43 5.71 10.74
CA VAL B 826 20.27 5.24 11.83
C VAL B 826 20.10 3.74 12.10
N SER B 827 18.85 3.29 12.16
CA SER B 827 18.58 1.88 12.41
C SER B 827 19.04 1.01 11.22
N ARG B 828 18.95 1.55 10.01
CA ARG B 828 19.43 0.82 8.84
C ARG B 828 20.95 0.61 8.89
N ARG B 829 21.68 1.65 9.26
CA ARG B 829 23.14 1.50 9.36
C ARG B 829 23.47 0.44 10.40
N ALA B 830 22.79 0.51 11.54
CA ALA B 830 22.99 -0.45 12.62
C ALA B 830 22.84 -1.89 12.13
N ALA B 831 21.75 -2.18 11.45
CA ALA B 831 21.49 -3.55 10.97
C ALA B 831 22.57 -3.99 9.98
N GLN B 832 23.08 -3.05 9.18
CA GLN B 832 24.13 -3.37 8.21
C GLN B 832 25.47 -3.62 8.87
N LEU B 833 25.87 -2.71 9.75
CA LEU B 833 27.13 -2.86 10.48
C LEU B 833 27.14 -4.20 11.17
N CYS B 834 26.02 -4.51 11.82
CA CYS B 834 25.84 -5.78 12.50
C CYS B 834 26.00 -6.93 11.49
N GLY B 835 25.38 -6.74 10.32
CA GLY B 835 25.45 -7.74 9.27
C GLY B 835 26.87 -8.00 8.80
N ALA B 836 27.66 -6.95 8.64
CA ALA B 836 29.04 -7.10 8.21
C ALA B 836 29.82 -7.93 9.21
N GLY B 837 29.57 -7.71 10.50
CA GLY B 837 30.24 -8.45 11.55
C GLY B 837 29.92 -9.93 11.53
N MET B 838 28.64 -10.26 11.52
CA MET B 838 28.22 -11.66 11.48
C MET B 838 28.78 -12.35 10.24
N ALA B 839 28.79 -11.61 9.14
CA ALA B 839 29.32 -12.12 7.88
C ALA B 839 30.77 -12.55 8.08
N ALA B 840 31.53 -11.74 8.80
CA ALA B 840 32.90 -12.08 9.11
C ALA B 840 32.96 -13.40 9.88
N VAL B 841 32.11 -13.53 10.89
CA VAL B 841 32.12 -14.70 11.77
C VAL B 841 31.83 -16.01 11.05
N VAL B 842 30.70 -16.07 10.34
CA VAL B 842 30.31 -17.29 9.65
C VAL B 842 31.27 -17.66 8.53
N ASP B 843 31.82 -16.65 7.85
CA ASP B 843 32.74 -16.91 6.76
C ASP B 843 34.10 -17.39 7.28
N LYS B 844 34.40 -17.09 8.55
CA LYS B 844 35.63 -17.60 9.15
C LYS B 844 35.45 -19.08 9.45
N ILE B 845 34.32 -19.43 10.03
CA ILE B 845 34.01 -20.82 10.31
C ILE B 845 34.08 -21.64 9.03
N ARG B 846 33.45 -21.14 7.97
CA ARG B 846 33.46 -21.83 6.68
C ARG B 846 34.89 -22.11 6.24
N GLU B 847 35.70 -21.06 6.14
CA GLU B 847 37.08 -21.20 5.71
C GLU B 847 37.88 -22.11 6.65
N ASN B 848 37.64 -21.97 7.95
CA ASN B 848 38.28 -22.83 8.94
C ASN B 848 38.05 -24.29 8.61
N ARG B 849 36.80 -24.63 8.33
CA ARG B 849 36.41 -25.99 8.02
C ARG B 849 36.67 -26.31 6.54
N GLY B 850 37.41 -25.42 5.88
CA GLY B 850 37.79 -25.61 4.48
C GLY B 850 36.63 -25.78 3.51
N LEU B 851 35.40 -25.63 4.00
CA LEU B 851 34.21 -25.78 3.16
C LEU B 851 34.13 -24.75 2.04
N ASP B 852 33.38 -25.07 1.00
CA ASP B 852 33.14 -24.15 -0.11
C ASP B 852 31.81 -23.43 0.09
N ARG B 853 30.97 -24.04 0.92
CA ARG B 853 29.68 -23.46 1.30
C ARG B 853 29.29 -24.02 2.66
N LEU B 854 28.83 -23.14 3.54
CA LEU B 854 28.50 -23.53 4.91
C LEU B 854 27.05 -23.26 5.27
N ASN B 855 26.44 -24.20 5.98
CA ASN B 855 25.09 -24.04 6.48
C ASN B 855 25.10 -24.01 7.99
N VAL B 856 24.81 -22.86 8.57
CA VAL B 856 24.83 -22.71 10.03
C VAL B 856 23.69 -21.83 10.51
N THR B 857 23.17 -22.12 11.69
CA THR B 857 22.11 -21.31 12.26
C THR B 857 22.62 -20.54 13.49
N VAL B 858 22.09 -19.34 13.69
CA VAL B 858 22.51 -18.47 14.80
C VAL B 858 21.36 -18.22 15.78
N GLY B 859 21.62 -18.41 17.06
CA GLY B 859 20.64 -18.06 18.10
C GLY B 859 20.69 -16.55 18.35
N VAL B 860 19.53 -15.93 18.47
CA VAL B 860 19.47 -14.48 18.63
C VAL B 860 18.61 -14.06 19.82
N ASP B 861 18.92 -12.91 20.39
CA ASP B 861 18.12 -12.37 21.48
C ASP B 861 18.33 -10.86 21.60
N GLY B 862 17.58 -10.21 22.47
CA GLY B 862 17.69 -8.77 22.66
C GLY B 862 16.43 -8.04 22.25
N THR B 863 16.07 -7.03 23.02
CA THR B 863 14.85 -6.27 22.76
C THR B 863 14.88 -5.55 21.41
N LEU B 864 15.97 -4.86 21.11
CA LEU B 864 16.02 -4.16 19.83
C LEU B 864 15.72 -5.14 18.71
N TYR B 865 16.39 -6.28 18.72
CA TYR B 865 16.20 -7.26 17.66
C TYR B 865 14.76 -7.75 17.58
N LYS B 866 14.13 -7.92 18.75
CA LYS B 866 12.75 -8.40 18.79
C LYS B 866 11.76 -7.35 18.32
N LEU B 867 11.93 -6.11 18.78
CA LEU B 867 10.92 -5.09 18.57
C LEU B 867 11.03 -4.28 17.28
N HIS B 868 12.23 -4.23 16.69
CA HIS B 868 12.37 -3.40 15.51
C HIS B 868 11.74 -4.00 14.27
N PRO B 869 10.94 -3.18 13.58
CA PRO B 869 10.26 -3.57 12.36
C PRO B 869 11.19 -3.90 11.20
N HIS B 870 12.38 -3.27 11.14
CA HIS B 870 13.26 -3.59 10.00
C HIS B 870 14.64 -4.11 10.31
N PHE B 871 15.07 -4.03 11.55
CA PHE B 871 16.46 -4.37 11.86
C PHE B 871 16.85 -5.78 11.50
N SER B 872 16.04 -6.76 11.89
CA SER B 872 16.37 -8.15 11.62
C SER B 872 16.42 -8.45 10.13
N ARG B 873 15.46 -7.89 9.40
CA ARG B 873 15.34 -8.15 7.98
C ARG B 873 16.54 -7.59 7.22
N ILE B 874 16.86 -6.32 7.48
CA ILE B 874 17.98 -5.68 6.79
C ILE B 874 19.28 -6.40 7.11
N MET B 875 19.45 -6.77 8.37
CA MET B 875 20.65 -7.50 8.81
C MET B 875 20.79 -8.83 8.06
N HIS B 876 19.79 -9.70 8.19
CA HIS B 876 19.80 -10.99 7.50
C HIS B 876 20.24 -10.83 6.05
N GLN B 877 19.66 -9.83 5.39
CA GLN B 877 19.90 -9.52 4.00
C GLN B 877 21.38 -9.18 3.76
N THR B 878 21.96 -8.44 4.70
CA THR B 878 23.35 -8.03 4.59
C THR B 878 24.28 -9.23 4.69
N VAL B 879 23.98 -10.14 5.63
CA VAL B 879 24.76 -11.36 5.78
C VAL B 879 24.70 -12.17 4.49
N LYS B 880 23.48 -12.48 4.06
CA LYS B 880 23.23 -13.19 2.83
C LYS B 880 24.03 -12.60 1.67
N GLU B 881 24.27 -11.30 1.72
CA GLU B 881 24.92 -10.58 0.62
C GLU B 881 26.45 -10.53 0.73
N LEU B 882 26.97 -10.32 1.94
CA LEU B 882 28.41 -10.19 2.16
C LEU B 882 29.14 -11.54 2.19
N SER B 883 28.44 -12.57 2.67
CA SER B 883 28.99 -13.91 2.70
C SER B 883 28.09 -14.86 1.93
N PRO B 884 28.06 -14.71 0.60
CA PRO B 884 27.19 -15.47 -0.29
C PRO B 884 27.44 -16.98 -0.22
N LYS B 885 28.66 -17.36 0.17
CA LYS B 885 29.01 -18.77 0.28
C LYS B 885 28.56 -19.36 1.60
N CYS B 886 27.71 -18.62 2.32
CA CYS B 886 27.13 -19.10 3.57
C CYS B 886 25.62 -18.97 3.50
N ASN B 887 24.92 -19.96 4.05
CA ASN B 887 23.48 -19.88 4.20
C ASN B 887 23.19 -19.88 5.69
N VAL B 888 22.76 -18.73 6.20
CA VAL B 888 22.61 -18.56 7.64
C VAL B 888 21.16 -18.44 8.07
N SER B 889 20.78 -19.26 9.05
CA SER B 889 19.44 -19.23 9.63
C SER B 889 19.50 -18.53 10.97
N PHE B 890 18.45 -17.78 11.30
CA PHE B 890 18.39 -17.08 12.57
C PHE B 890 17.22 -17.55 13.43
N LEU B 891 17.53 -18.21 14.53
CA LEU B 891 16.51 -18.69 15.44
C LEU B 891 16.40 -17.75 16.64
N LEU B 892 15.28 -17.06 16.75
CA LEU B 892 15.07 -16.14 17.86
C LEU B 892 14.70 -16.89 19.13
N SER B 893 15.46 -16.65 20.19
CA SER B 893 15.18 -17.24 21.49
C SER B 893 13.95 -16.58 22.09
N GLU B 894 12.90 -17.36 22.30
CA GLU B 894 11.65 -16.81 22.84
C GLU B 894 11.61 -16.83 24.37
N ASP B 895 12.65 -17.35 25.01
CA ASP B 895 12.65 -17.45 26.47
C ASP B 895 14.00 -17.21 27.15
N GLY B 896 14.67 -16.12 26.80
CA GLY B 896 15.91 -15.74 27.47
C GLY B 896 17.01 -16.79 27.45
N SER B 897 18.07 -16.53 28.21
CA SER B 897 19.23 -17.41 28.22
C SER B 897 19.06 -18.58 29.17
N GLY B 898 18.04 -18.50 30.03
CA GLY B 898 17.79 -19.53 31.04
C GLY B 898 18.17 -20.94 30.64
N LYS B 899 17.45 -21.49 29.67
CA LYS B 899 17.71 -22.85 29.22
C LYS B 899 19.20 -23.08 28.96
N GLY B 900 19.74 -22.31 28.02
CA GLY B 900 21.15 -22.46 27.65
C GLY B 900 22.09 -22.49 28.84
N ALA B 901 21.82 -21.63 29.82
CA ALA B 901 22.67 -21.56 31.01
C ALA B 901 22.64 -22.88 31.77
N ALA B 902 21.44 -23.38 32.02
CA ALA B 902 21.26 -24.64 32.73
C ALA B 902 21.98 -25.79 32.03
N LEU B 903 21.93 -25.79 30.70
CA LEU B 903 22.59 -26.82 29.91
C LEU B 903 24.10 -26.77 30.06
N ILE B 904 24.62 -25.57 30.36
CA ILE B 904 26.05 -25.40 30.59
C ILE B 904 26.39 -25.86 32.01
N THR B 905 25.54 -25.45 32.96
CA THR B 905 25.70 -25.88 34.34
C THR B 905 25.76 -27.40 34.39
N ALA B 906 24.83 -28.02 33.67
CA ALA B 906 24.74 -29.47 33.62
C ALA B 906 26.10 -30.10 33.31
N VAL B 907 26.68 -29.69 32.19
CA VAL B 907 27.97 -30.21 31.75
C VAL B 907 29.07 -29.86 32.75
N GLY B 908 28.84 -28.84 33.55
CA GLY B 908 29.81 -28.44 34.57
C GLY B 908 29.85 -29.43 35.72
N VAL B 909 28.68 -29.66 36.32
CA VAL B 909 28.55 -30.62 37.41
C VAL B 909 29.01 -32.00 36.94
N ARG B 910 28.76 -32.30 35.67
CA ARG B 910 29.12 -33.59 35.10
C ARG B 910 30.63 -33.75 34.99
N LEU B 911 31.27 -32.88 34.21
CA LEU B 911 32.72 -32.92 34.02
C LEU B 911 33.46 -32.93 35.36
N ARG B 912 32.84 -32.31 36.37
CA ARG B 912 33.43 -32.26 37.70
C ARG B 912 33.44 -33.65 38.33
N THR B 913 32.26 -34.22 38.51
CA THR B 913 32.13 -35.57 39.04
C THR B 913 32.82 -36.57 38.13
N GLU B 914 32.50 -36.49 36.83
CA GLU B 914 33.10 -37.37 35.84
C GLU B 914 34.48 -36.88 35.43
#